data_2E0Q
# 
_entry.id   2E0Q 
# 
_audit_conform.dict_name       mmcif_pdbx.dic 
_audit_conform.dict_version    5.397 
_audit_conform.dict_location   http://mmcif.pdb.org/dictionaries/ascii/mmcif_pdbx.dic 
# 
loop_
_database_2.database_id 
_database_2.database_code 
_database_2.pdbx_database_accession 
_database_2.pdbx_DOI 
PDB   2E0Q         pdb_00002e0q 10.2210/pdb2e0q/pdb 
RCSB  RCSB026080   ?            ?                   
WWPDB D_1000026080 ?            ?                   
# 
loop_
_pdbx_audit_revision_history.ordinal 
_pdbx_audit_revision_history.data_content_type 
_pdbx_audit_revision_history.major_revision 
_pdbx_audit_revision_history.minor_revision 
_pdbx_audit_revision_history.revision_date 
1 'Structure model' 1 0 2007-10-02 
2 'Structure model' 1 1 2011-07-13 
3 'Structure model' 1 2 2021-11-10 
4 'Structure model' 1 3 2024-10-30 
# 
_pdbx_audit_revision_details.ordinal             1 
_pdbx_audit_revision_details.revision_ordinal    1 
_pdbx_audit_revision_details.data_content_type   'Structure model' 
_pdbx_audit_revision_details.provider            repository 
_pdbx_audit_revision_details.type                'Initial release' 
_pdbx_audit_revision_details.description         ? 
_pdbx_audit_revision_details.details             ? 
# 
loop_
_pdbx_audit_revision_group.ordinal 
_pdbx_audit_revision_group.revision_ordinal 
_pdbx_audit_revision_group.data_content_type 
_pdbx_audit_revision_group.group 
1 2 'Structure model' 'Version format compliance' 
2 3 'Structure model' 'Database references'       
3 4 'Structure model' 'Data collection'           
4 4 'Structure model' 'Structure summary'         
# 
loop_
_pdbx_audit_revision_category.ordinal 
_pdbx_audit_revision_category.revision_ordinal 
_pdbx_audit_revision_category.data_content_type 
_pdbx_audit_revision_category.category 
1 3 'Structure model' database_2                
2 3 'Structure model' struct_ref_seq_dif        
3 4 'Structure model' chem_comp_atom            
4 4 'Structure model' chem_comp_bond            
5 4 'Structure model' pdbx_entry_details        
6 4 'Structure model' pdbx_modification_feature 
# 
loop_
_pdbx_audit_revision_item.ordinal 
_pdbx_audit_revision_item.revision_ordinal 
_pdbx_audit_revision_item.data_content_type 
_pdbx_audit_revision_item.item 
1 3 'Structure model' '_database_2.pdbx_DOI'                
2 3 'Structure model' '_database_2.pdbx_database_accession' 
3 3 'Structure model' '_struct_ref_seq_dif.details'         
# 
_pdbx_database_status.status_code                     REL 
_pdbx_database_status.entry_id                        2E0Q 
_pdbx_database_status.recvd_initial_deposition_date   2006-10-11 
_pdbx_database_status.deposit_site                    PDBJ 
_pdbx_database_status.process_site                    PDBJ 
_pdbx_database_status.status_code_sf                  REL 
_pdbx_database_status.status_code_mr                  ? 
_pdbx_database_status.SG_entry                        ? 
_pdbx_database_status.pdb_format_compatible           Y 
_pdbx_database_status.status_code_cs                  ? 
_pdbx_database_status.status_code_nmr_data            ? 
_pdbx_database_status.methods_development_category    ? 
# 
loop_
_audit_author.name 
_audit_author.pdbx_ordinal 
'Ming, H.'     1 
'Tanokura, M.' 2 
# 
_citation.id                        primary 
_citation.title                     
'Crystal structure of thioredoxin domain of ST2123 from thermophilic archaea Sulfolobus tokodaii strain7' 
_citation.journal_abbrev            Proteins 
_citation.journal_volume            69 
_citation.page_first                204 
_citation.page_last                 208 
_citation.year                      2007 
_citation.journal_id_ASTM           PSFGEY 
_citation.country                   US 
_citation.journal_id_ISSN           0887-3585 
_citation.journal_id_CSD            0867 
_citation.book_publisher            ? 
_citation.pdbx_database_id_PubMed   17557330 
_citation.pdbx_database_id_DOI      10.1002/prot.21467 
# 
loop_
_citation_author.citation_id 
_citation_author.name 
_citation_author.ordinal 
_citation_author.identifier_ORCID 
primary 'Ming, H.'     1 ? 
primary 'Kato, Y.'     2 ? 
primary 'Miyazono, K.' 3 ? 
primary 'Ito, K.'      4 ? 
primary 'Kamo, M.'     5 ? 
primary 'Nagata, K.'   6 ? 
primary 'Tanokura, M.' 7 ? 
# 
loop_
_entity.id 
_entity.type 
_entity.src_method 
_entity.pdbx_description 
_entity.formula_weight 
_entity.pdbx_number_of_molecules 
_entity.pdbx_ec 
_entity.pdbx_mutation 
_entity.pdbx_fragment 
_entity.details 
1 polymer man thioredoxin 11624.176 1   ? K53E 'Residues 37-140' ? 
2 water   nat water       18.015    114 ? ?    ?                 ? 
# 
_entity_poly.entity_id                      1 
_entity_poly.type                           'polypeptide(L)' 
_entity_poly.nstd_linkage                   no 
_entity_poly.nstd_monomer                   no 
_entity_poly.pdbx_seq_one_letter_code       
;VIHLDSKNFDSFLASHEIAVVDFWAEWCAPCLILAPIIEELAEDYPQVGFGKLNSDENPDIAARYGVMSLPTVIFFKDGE
PVDEIIGAVPREEIEIRIKNLLGE
;
_entity_poly.pdbx_seq_one_letter_code_can   
;VIHLDSKNFDSFLASHEIAVVDFWAEWCAPCLILAPIIEELAEDYPQVGFGKLNSDENPDIAARYGVMSLPTVIFFKDGE
PVDEIIGAVPREEIEIRIKNLLGE
;
_entity_poly.pdbx_strand_id                 A 
_entity_poly.pdbx_target_identifier         ? 
# 
_pdbx_entity_nonpoly.entity_id   2 
_pdbx_entity_nonpoly.name        water 
_pdbx_entity_nonpoly.comp_id     HOH 
# 
loop_
_entity_poly_seq.entity_id 
_entity_poly_seq.num 
_entity_poly_seq.mon_id 
_entity_poly_seq.hetero 
1 1   VAL n 
1 2   ILE n 
1 3   HIS n 
1 4   LEU n 
1 5   ASP n 
1 6   SER n 
1 7   LYS n 
1 8   ASN n 
1 9   PHE n 
1 10  ASP n 
1 11  SER n 
1 12  PHE n 
1 13  LEU n 
1 14  ALA n 
1 15  SER n 
1 16  HIS n 
1 17  GLU n 
1 18  ILE n 
1 19  ALA n 
1 20  VAL n 
1 21  VAL n 
1 22  ASP n 
1 23  PHE n 
1 24  TRP n 
1 25  ALA n 
1 26  GLU n 
1 27  TRP n 
1 28  CYS n 
1 29  ALA n 
1 30  PRO n 
1 31  CYS n 
1 32  LEU n 
1 33  ILE n 
1 34  LEU n 
1 35  ALA n 
1 36  PRO n 
1 37  ILE n 
1 38  ILE n 
1 39  GLU n 
1 40  GLU n 
1 41  LEU n 
1 42  ALA n 
1 43  GLU n 
1 44  ASP n 
1 45  TYR n 
1 46  PRO n 
1 47  GLN n 
1 48  VAL n 
1 49  GLY n 
1 50  PHE n 
1 51  GLY n 
1 52  LYS n 
1 53  LEU n 
1 54  ASN n 
1 55  SER n 
1 56  ASP n 
1 57  GLU n 
1 58  ASN n 
1 59  PRO n 
1 60  ASP n 
1 61  ILE n 
1 62  ALA n 
1 63  ALA n 
1 64  ARG n 
1 65  TYR n 
1 66  GLY n 
1 67  VAL n 
1 68  MET n 
1 69  SER n 
1 70  LEU n 
1 71  PRO n 
1 72  THR n 
1 73  VAL n 
1 74  ILE n 
1 75  PHE n 
1 76  PHE n 
1 77  LYS n 
1 78  ASP n 
1 79  GLY n 
1 80  GLU n 
1 81  PRO n 
1 82  VAL n 
1 83  ASP n 
1 84  GLU n 
1 85  ILE n 
1 86  ILE n 
1 87  GLY n 
1 88  ALA n 
1 89  VAL n 
1 90  PRO n 
1 91  ARG n 
1 92  GLU n 
1 93  GLU n 
1 94  ILE n 
1 95  GLU n 
1 96  ILE n 
1 97  ARG n 
1 98  ILE n 
1 99  LYS n 
1 100 ASN n 
1 101 LEU n 
1 102 LEU n 
1 103 GLY n 
1 104 GLU n 
# 
_entity_src_gen.entity_id                          1 
_entity_src_gen.pdbx_src_id                        1 
_entity_src_gen.pdbx_alt_source_flag               sample 
_entity_src_gen.pdbx_seq_type                      ? 
_entity_src_gen.pdbx_beg_seq_num                   ? 
_entity_src_gen.pdbx_end_seq_num                   ? 
_entity_src_gen.gene_src_common_name               ? 
_entity_src_gen.gene_src_genus                     Sulfolobus 
_entity_src_gen.pdbx_gene_src_gene                 ? 
_entity_src_gen.gene_src_species                   ? 
_entity_src_gen.gene_src_strain                    strain7 
_entity_src_gen.gene_src_tissue                    ? 
_entity_src_gen.gene_src_tissue_fraction           ? 
_entity_src_gen.gene_src_details                   ? 
_entity_src_gen.pdbx_gene_src_fragment             ? 
_entity_src_gen.pdbx_gene_src_scientific_name      'Sulfolobus tokodaii' 
_entity_src_gen.pdbx_gene_src_ncbi_taxonomy_id     111955 
_entity_src_gen.pdbx_gene_src_variant              ? 
_entity_src_gen.pdbx_gene_src_cell_line            ? 
_entity_src_gen.pdbx_gene_src_atcc                 ? 
_entity_src_gen.pdbx_gene_src_organ                ? 
_entity_src_gen.pdbx_gene_src_organelle            ? 
_entity_src_gen.pdbx_gene_src_cell                 ? 
_entity_src_gen.pdbx_gene_src_cellular_location    ? 
_entity_src_gen.host_org_common_name               ? 
_entity_src_gen.pdbx_host_org_scientific_name      'Escherichia coli' 
_entity_src_gen.pdbx_host_org_ncbi_taxonomy_id     562 
_entity_src_gen.host_org_genus                     Escherichia 
_entity_src_gen.pdbx_host_org_gene                 ? 
_entity_src_gen.pdbx_host_org_organ                ? 
_entity_src_gen.host_org_species                   ? 
_entity_src_gen.pdbx_host_org_tissue               ? 
_entity_src_gen.pdbx_host_org_tissue_fraction      ? 
_entity_src_gen.pdbx_host_org_strain               ? 
_entity_src_gen.pdbx_host_org_variant              ? 
_entity_src_gen.pdbx_host_org_cell_line            ? 
_entity_src_gen.pdbx_host_org_atcc                 ? 
_entity_src_gen.pdbx_host_org_culture_collection   ? 
_entity_src_gen.pdbx_host_org_cell                 ? 
_entity_src_gen.pdbx_host_org_organelle            ? 
_entity_src_gen.pdbx_host_org_cellular_location    ? 
_entity_src_gen.pdbx_host_org_vector_type          PLASMID 
_entity_src_gen.pdbx_host_org_vector               ? 
_entity_src_gen.host_org_details                   ? 
_entity_src_gen.expression_system_id               ? 
_entity_src_gen.plasmid_name                       pET28a 
_entity_src_gen.plasmid_details                    ? 
_entity_src_gen.pdbx_description                   ? 
# 
loop_
_chem_comp.id 
_chem_comp.type 
_chem_comp.mon_nstd_flag 
_chem_comp.name 
_chem_comp.pdbx_synonyms 
_chem_comp.formula 
_chem_comp.formula_weight 
ALA 'L-peptide linking' y ALANINE         ? 'C3 H7 N O2'     89.093  
ARG 'L-peptide linking' y ARGININE        ? 'C6 H15 N4 O2 1' 175.209 
ASN 'L-peptide linking' y ASPARAGINE      ? 'C4 H8 N2 O3'    132.118 
ASP 'L-peptide linking' y 'ASPARTIC ACID' ? 'C4 H7 N O4'     133.103 
CYS 'L-peptide linking' y CYSTEINE        ? 'C3 H7 N O2 S'   121.158 
GLN 'L-peptide linking' y GLUTAMINE       ? 'C5 H10 N2 O3'   146.144 
GLU 'L-peptide linking' y 'GLUTAMIC ACID' ? 'C5 H9 N O4'     147.129 
GLY 'peptide linking'   y GLYCINE         ? 'C2 H5 N O2'     75.067  
HIS 'L-peptide linking' y HISTIDINE       ? 'C6 H10 N3 O2 1' 156.162 
HOH non-polymer         . WATER           ? 'H2 O'           18.015  
ILE 'L-peptide linking' y ISOLEUCINE      ? 'C6 H13 N O2'    131.173 
LEU 'L-peptide linking' y LEUCINE         ? 'C6 H13 N O2'    131.173 
LYS 'L-peptide linking' y LYSINE          ? 'C6 H15 N2 O2 1' 147.195 
MET 'L-peptide linking' y METHIONINE      ? 'C5 H11 N O2 S'  149.211 
PHE 'L-peptide linking' y PHENYLALANINE   ? 'C9 H11 N O2'    165.189 
PRO 'L-peptide linking' y PROLINE         ? 'C5 H9 N O2'     115.130 
SER 'L-peptide linking' y SERINE          ? 'C3 H7 N O3'     105.093 
THR 'L-peptide linking' y THREONINE       ? 'C4 H9 N O3'     119.119 
TRP 'L-peptide linking' y TRYPTOPHAN      ? 'C11 H12 N2 O2'  204.225 
TYR 'L-peptide linking' y TYROSINE        ? 'C9 H11 N O3'    181.189 
VAL 'L-peptide linking' y VALINE          ? 'C5 H11 N O2'    117.146 
# 
loop_
_pdbx_poly_seq_scheme.asym_id 
_pdbx_poly_seq_scheme.entity_id 
_pdbx_poly_seq_scheme.seq_id 
_pdbx_poly_seq_scheme.mon_id 
_pdbx_poly_seq_scheme.ndb_seq_num 
_pdbx_poly_seq_scheme.pdb_seq_num 
_pdbx_poly_seq_scheme.auth_seq_num 
_pdbx_poly_seq_scheme.pdb_mon_id 
_pdbx_poly_seq_scheme.auth_mon_id 
_pdbx_poly_seq_scheme.pdb_strand_id 
_pdbx_poly_seq_scheme.pdb_ins_code 
_pdbx_poly_seq_scheme.hetero 
A 1 1   VAL 1   37  37  VAL VAL A . n 
A 1 2   ILE 2   38  38  ILE ILE A . n 
A 1 3   HIS 3   39  39  HIS HIS A . n 
A 1 4   LEU 4   40  40  LEU LEU A . n 
A 1 5   ASP 5   41  41  ASP ASP A . n 
A 1 6   SER 6   42  42  SER SER A . n 
A 1 7   LYS 7   43  43  LYS LYS A . n 
A 1 8   ASN 8   44  44  ASN ASN A . n 
A 1 9   PHE 9   45  45  PHE PHE A . n 
A 1 10  ASP 10  46  46  ASP ASP A . n 
A 1 11  SER 11  47  47  SER SER A . n 
A 1 12  PHE 12  48  48  PHE PHE A . n 
A 1 13  LEU 13  49  49  LEU LEU A . n 
A 1 14  ALA 14  50  50  ALA ALA A . n 
A 1 15  SER 15  51  51  SER SER A . n 
A 1 16  HIS 16  52  52  HIS HIS A . n 
A 1 17  GLU 17  53  53  GLU GLU A . n 
A 1 18  ILE 18  54  54  ILE ILE A . n 
A 1 19  ALA 19  55  55  ALA ALA A . n 
A 1 20  VAL 20  56  56  VAL VAL A . n 
A 1 21  VAL 21  57  57  VAL VAL A . n 
A 1 22  ASP 22  58  58  ASP ASP A . n 
A 1 23  PHE 23  59  59  PHE PHE A . n 
A 1 24  TRP 24  60  60  TRP TRP A . n 
A 1 25  ALA 25  61  61  ALA ALA A . n 
A 1 26  GLU 26  62  62  GLU GLU A . n 
A 1 27  TRP 27  63  63  TRP TRP A . n 
A 1 28  CYS 28  64  64  CYS CYS A . n 
A 1 29  ALA 29  65  65  ALA ALA A . n 
A 1 30  PRO 30  66  66  PRO PRO A . n 
A 1 31  CYS 31  67  67  CYS CYS A . n 
A 1 32  LEU 32  68  68  LEU LEU A . n 
A 1 33  ILE 33  69  69  ILE ILE A . n 
A 1 34  LEU 34  70  70  LEU LEU A . n 
A 1 35  ALA 35  71  71  ALA ALA A . n 
A 1 36  PRO 36  72  72  PRO PRO A . n 
A 1 37  ILE 37  73  73  ILE ILE A . n 
A 1 38  ILE 38  74  74  ILE ILE A . n 
A 1 39  GLU 39  75  75  GLU GLU A . n 
A 1 40  GLU 40  76  76  GLU GLU A . n 
A 1 41  LEU 41  77  77  LEU LEU A . n 
A 1 42  ALA 42  78  78  ALA ALA A . n 
A 1 43  GLU 43  79  79  GLU GLU A . n 
A 1 44  ASP 44  80  80  ASP ASP A . n 
A 1 45  TYR 45  81  81  TYR TYR A . n 
A 1 46  PRO 46  82  82  PRO PRO A . n 
A 1 47  GLN 47  83  83  GLN GLN A . n 
A 1 48  VAL 48  84  84  VAL VAL A . n 
A 1 49  GLY 49  85  85  GLY GLY A . n 
A 1 50  PHE 50  86  86  PHE PHE A . n 
A 1 51  GLY 51  87  87  GLY GLY A . n 
A 1 52  LYS 52  88  88  LYS LYS A . n 
A 1 53  LEU 53  89  89  LEU LEU A . n 
A 1 54  ASN 54  90  90  ASN ASN A . n 
A 1 55  SER 55  91  91  SER SER A . n 
A 1 56  ASP 56  92  92  ASP ASP A . n 
A 1 57  GLU 57  93  93  GLU GLU A . n 
A 1 58  ASN 58  94  94  ASN ASN A . n 
A 1 59  PRO 59  95  95  PRO PRO A . n 
A 1 60  ASP 60  96  96  ASP ASP A . n 
A 1 61  ILE 61  97  97  ILE ILE A . n 
A 1 62  ALA 62  98  98  ALA ALA A . n 
A 1 63  ALA 63  99  99  ALA ALA A . n 
A 1 64  ARG 64  100 100 ARG ARG A . n 
A 1 65  TYR 65  101 101 TYR TYR A . n 
A 1 66  GLY 66  102 102 GLY GLY A . n 
A 1 67  VAL 67  103 103 VAL VAL A . n 
A 1 68  MET 68  104 104 MET MET A . n 
A 1 69  SER 69  105 105 SER SER A . n 
A 1 70  LEU 70  106 106 LEU LEU A . n 
A 1 71  PRO 71  107 107 PRO PRO A . n 
A 1 72  THR 72  108 108 THR THR A . n 
A 1 73  VAL 73  109 109 VAL VAL A . n 
A 1 74  ILE 74  110 110 ILE ILE A . n 
A 1 75  PHE 75  111 111 PHE PHE A . n 
A 1 76  PHE 76  112 112 PHE PHE A . n 
A 1 77  LYS 77  113 113 LYS LYS A . n 
A 1 78  ASP 78  114 114 ASP ASP A . n 
A 1 79  GLY 79  115 115 GLY GLY A . n 
A 1 80  GLU 80  116 116 GLU GLU A . n 
A 1 81  PRO 81  117 117 PRO PRO A . n 
A 1 82  VAL 82  118 118 VAL VAL A . n 
A 1 83  ASP 83  119 119 ASP ASP A . n 
A 1 84  GLU 84  120 120 GLU GLU A . n 
A 1 85  ILE 85  121 121 ILE ILE A . n 
A 1 86  ILE 86  122 122 ILE ILE A . n 
A 1 87  GLY 87  123 123 GLY GLY A . n 
A 1 88  ALA 88  124 124 ALA ALA A . n 
A 1 89  VAL 89  125 125 VAL VAL A . n 
A 1 90  PRO 90  126 126 PRO PRO A . n 
A 1 91  ARG 91  127 127 ARG ARG A . n 
A 1 92  GLU 92  128 128 GLU GLU A . n 
A 1 93  GLU 93  129 129 GLU GLU A . n 
A 1 94  ILE 94  130 130 ILE ILE A . n 
A 1 95  GLU 95  131 131 GLU GLU A . n 
A 1 96  ILE 96  132 132 ILE ILE A . n 
A 1 97  ARG 97  133 133 ARG ARG A . n 
A 1 98  ILE 98  134 134 ILE ILE A . n 
A 1 99  LYS 99  135 135 LYS LYS A . n 
A 1 100 ASN 100 136 136 ASN ASN A . n 
A 1 101 LEU 101 137 137 LEU LEU A . n 
A 1 102 LEU 102 138 138 LEU LEU A . n 
A 1 103 GLY 103 139 139 GLY GLY A . n 
A 1 104 GLU 104 140 140 GLU GLU A . n 
# 
loop_
_pdbx_nonpoly_scheme.asym_id 
_pdbx_nonpoly_scheme.entity_id 
_pdbx_nonpoly_scheme.mon_id 
_pdbx_nonpoly_scheme.ndb_seq_num 
_pdbx_nonpoly_scheme.pdb_seq_num 
_pdbx_nonpoly_scheme.auth_seq_num 
_pdbx_nonpoly_scheme.pdb_mon_id 
_pdbx_nonpoly_scheme.auth_mon_id 
_pdbx_nonpoly_scheme.pdb_strand_id 
_pdbx_nonpoly_scheme.pdb_ins_code 
B 2 HOH 1   141 1   HOH HOH A . 
B 2 HOH 2   142 2   HOH HOH A . 
B 2 HOH 3   143 3   HOH HOH A . 
B 2 HOH 4   144 4   HOH HOH A . 
B 2 HOH 5   145 5   HOH HOH A . 
B 2 HOH 6   146 6   HOH HOH A . 
B 2 HOH 7   147 7   HOH HOH A . 
B 2 HOH 8   148 8   HOH HOH A . 
B 2 HOH 9   149 9   HOH HOH A . 
B 2 HOH 10  150 10  HOH HOH A . 
B 2 HOH 11  151 11  HOH HOH A . 
B 2 HOH 12  152 12  HOH HOH A . 
B 2 HOH 13  153 13  HOH HOH A . 
B 2 HOH 14  154 14  HOH HOH A . 
B 2 HOH 15  155 15  HOH HOH A . 
B 2 HOH 16  156 16  HOH HOH A . 
B 2 HOH 17  157 17  HOH HOH A . 
B 2 HOH 18  158 18  HOH HOH A . 
B 2 HOH 19  159 19  HOH HOH A . 
B 2 HOH 20  160 20  HOH HOH A . 
B 2 HOH 21  161 21  HOH HOH A . 
B 2 HOH 22  162 22  HOH HOH A . 
B 2 HOH 23  163 23  HOH HOH A . 
B 2 HOH 24  164 24  HOH HOH A . 
B 2 HOH 25  165 25  HOH HOH A . 
B 2 HOH 26  166 26  HOH HOH A . 
B 2 HOH 27  167 27  HOH HOH A . 
B 2 HOH 28  168 28  HOH HOH A . 
B 2 HOH 29  169 29  HOH HOH A . 
B 2 HOH 30  170 30  HOH HOH A . 
B 2 HOH 31  171 31  HOH HOH A . 
B 2 HOH 32  172 32  HOH HOH A . 
B 2 HOH 33  173 33  HOH HOH A . 
B 2 HOH 34  174 34  HOH HOH A . 
B 2 HOH 35  175 35  HOH HOH A . 
B 2 HOH 36  176 36  HOH HOH A . 
B 2 HOH 37  177 37  HOH HOH A . 
B 2 HOH 38  178 38  HOH HOH A . 
B 2 HOH 39  179 39  HOH HOH A . 
B 2 HOH 40  180 40  HOH HOH A . 
B 2 HOH 41  181 41  HOH HOH A . 
B 2 HOH 42  182 42  HOH HOH A . 
B 2 HOH 43  183 43  HOH HOH A . 
B 2 HOH 44  184 44  HOH HOH A . 
B 2 HOH 45  185 45  HOH HOH A . 
B 2 HOH 46  186 46  HOH HOH A . 
B 2 HOH 47  187 47  HOH HOH A . 
B 2 HOH 48  188 48  HOH HOH A . 
B 2 HOH 49  189 49  HOH HOH A . 
B 2 HOH 50  190 50  HOH HOH A . 
B 2 HOH 51  191 51  HOH HOH A . 
B 2 HOH 52  192 52  HOH HOH A . 
B 2 HOH 53  193 53  HOH HOH A . 
B 2 HOH 54  194 54  HOH HOH A . 
B 2 HOH 55  195 55  HOH HOH A . 
B 2 HOH 56  196 56  HOH HOH A . 
B 2 HOH 57  197 57  HOH HOH A . 
B 2 HOH 58  198 58  HOH HOH A . 
B 2 HOH 59  199 59  HOH HOH A . 
B 2 HOH 60  200 60  HOH HOH A . 
B 2 HOH 61  201 61  HOH HOH A . 
B 2 HOH 62  202 62  HOH HOH A . 
B 2 HOH 63  203 63  HOH HOH A . 
B 2 HOH 64  204 64  HOH HOH A . 
B 2 HOH 65  205 65  HOH HOH A . 
B 2 HOH 66  206 66  HOH HOH A . 
B 2 HOH 67  207 67  HOH HOH A . 
B 2 HOH 68  208 68  HOH HOH A . 
B 2 HOH 69  209 69  HOH HOH A . 
B 2 HOH 70  210 70  HOH HOH A . 
B 2 HOH 71  211 71  HOH HOH A . 
B 2 HOH 72  212 72  HOH HOH A . 
B 2 HOH 73  213 73  HOH HOH A . 
B 2 HOH 74  214 74  HOH HOH A . 
B 2 HOH 75  215 75  HOH HOH A . 
B 2 HOH 76  216 76  HOH HOH A . 
B 2 HOH 77  217 77  HOH HOH A . 
B 2 HOH 78  218 78  HOH HOH A . 
B 2 HOH 79  219 79  HOH HOH A . 
B 2 HOH 80  220 80  HOH HOH A . 
B 2 HOH 81  221 81  HOH HOH A . 
B 2 HOH 82  222 82  HOH HOH A . 
B 2 HOH 83  223 83  HOH HOH A . 
B 2 HOH 84  224 84  HOH HOH A . 
B 2 HOH 85  225 85  HOH HOH A . 
B 2 HOH 86  226 86  HOH HOH A . 
B 2 HOH 87  227 87  HOH HOH A . 
B 2 HOH 88  228 88  HOH HOH A . 
B 2 HOH 89  229 89  HOH HOH A . 
B 2 HOH 90  230 90  HOH HOH A . 
B 2 HOH 91  231 91  HOH HOH A . 
B 2 HOH 92  232 92  HOH HOH A . 
B 2 HOH 93  233 93  HOH HOH A . 
B 2 HOH 94  234 94  HOH HOH A . 
B 2 HOH 95  235 95  HOH HOH A . 
B 2 HOH 96  236 96  HOH HOH A . 
B 2 HOH 97  237 97  HOH HOH A . 
B 2 HOH 98  238 98  HOH HOH A . 
B 2 HOH 99  239 99  HOH HOH A . 
B 2 HOH 100 240 100 HOH HOH A . 
B 2 HOH 101 241 101 HOH HOH A . 
B 2 HOH 102 242 102 HOH HOH A . 
B 2 HOH 103 243 103 HOH HOH A . 
B 2 HOH 104 244 104 HOH HOH A . 
B 2 HOH 105 245 105 HOH HOH A . 
B 2 HOH 106 246 106 HOH HOH A . 
B 2 HOH 107 247 107 HOH HOH A . 
B 2 HOH 108 248 108 HOH HOH A . 
B 2 HOH 109 249 109 HOH HOH A . 
B 2 HOH 110 250 110 HOH HOH A . 
B 2 HOH 111 251 111 HOH HOH A . 
B 2 HOH 112 252 112 HOH HOH A . 
B 2 HOH 113 253 113 HOH HOH A . 
B 2 HOH 114 254 114 HOH HOH A . 
# 
loop_
_software.name 
_software.classification 
_software.version 
_software.citation_id 
_software.pdbx_ordinal 
REFMAC   refinement        5.1.24 ? 1 
HKL-2000 'data collection' .      ? 2 
HKL-2000 'data reduction'  .      ? 3 
HKL-2000 'data scaling'    .      ? 4 
MOLREP   phasing           .      ? 5 
# 
_cell.entry_id           2E0Q 
_cell.length_a           27.951 
_cell.length_b           52.123 
_cell.length_c           33.794 
_cell.angle_alpha        90.00 
_cell.angle_beta         93.52 
_cell.angle_gamma        90.00 
_cell.Z_PDB              2 
_cell.pdbx_unique_axis   ? 
_cell.length_a_esd       ? 
_cell.length_b_esd       ? 
_cell.length_c_esd       ? 
_cell.angle_alpha_esd    ? 
_cell.angle_beta_esd     ? 
_cell.angle_gamma_esd    ? 
# 
_symmetry.entry_id                         2E0Q 
_symmetry.space_group_name_H-M             'P 1 21 1' 
_symmetry.pdbx_full_space_group_name_H-M   ? 
_symmetry.cell_setting                     ? 
_symmetry.Int_Tables_number                4 
_symmetry.space_group_name_Hall            ? 
# 
_exptl.entry_id          2E0Q 
_exptl.method            'X-RAY DIFFRACTION' 
_exptl.crystals_number   1 
# 
_exptl_crystal.id                    1 
_exptl_crystal.density_meas          ? 
_exptl_crystal.density_Matthews      2.11 
_exptl_crystal.density_percent_sol   41.77 
_exptl_crystal.description           ? 
_exptl_crystal.F_000                 ? 
_exptl_crystal.preparation           ? 
# 
_exptl_crystal_grow.crystal_id      1 
_exptl_crystal_grow.method          'VAPOR DIFFUSION, SITTING DROP' 
_exptl_crystal_grow.temp            293.0 
_exptl_crystal_grow.temp_details    ? 
_exptl_crystal_grow.pH              8.0 
_exptl_crystal_grow.pdbx_details    
'16% PEG-3000, 0.1M acetate (pH 4.1), 25% glycerol, pH 8.0, VAPOR DIFFUSION, SITTING DROP, temperature 293.0K' 
_exptl_crystal_grow.pdbx_pH_range   . 
# 
_diffrn.id                     1 
_diffrn.ambient_temp           100 
_diffrn.ambient_temp_details   ? 
_diffrn.crystal_id             1 
# 
_diffrn_radiation.diffrn_id                        1 
_diffrn_radiation.wavelength_id                    1 
_diffrn_radiation.pdbx_monochromatic_or_laue_m_l   M 
_diffrn_radiation.monochromator                    ? 
_diffrn_radiation.pdbx_diffrn_protocol             'SINGLE WAVELENGTH' 
_diffrn_radiation.pdbx_scattering_type             x-ray 
# 
_diffrn_radiation_wavelength.id           1 
_diffrn_radiation_wavelength.wavelength   1 
_diffrn_radiation_wavelength.wt           1.0 
# 
_diffrn_source.diffrn_id                   1 
_diffrn_source.source                      SYNCHROTRON 
_diffrn_source.type                        'SPRING-8 BEAMLINE BL41XU' 
_diffrn_source.pdbx_synchrotron_site       SPring-8 
_diffrn_source.pdbx_synchrotron_beamline   BL41XU 
_diffrn_source.pdbx_wavelength             ? 
_diffrn_source.pdbx_wavelength_list        1 
# 
_reflns.entry_id                     2E0Q 
_reflns.observed_criterion_sigma_F   ? 
_reflns.observed_criterion_sigma_I   ? 
_reflns.d_resolution_high            1.49 
_reflns.d_resolution_low             50.0 
_reflns.number_all                   ? 
_reflns.number_obs                   57836 
_reflns.percent_possible_obs         99.9 
_reflns.pdbx_Rmerge_I_obs            ? 
_reflns.pdbx_Rsym_value              ? 
_reflns.pdbx_netI_over_sigmaI        ? 
_reflns.B_iso_Wilson_estimate        15.2 
_reflns.pdbx_redundancy              ? 
_reflns.R_free_details               ? 
_reflns.limit_h_max                  ? 
_reflns.limit_h_min                  ? 
_reflns.limit_k_max                  ? 
_reflns.limit_k_min                  ? 
_reflns.limit_l_max                  ? 
_reflns.limit_l_min                  ? 
_reflns.observed_criterion_F_max     ? 
_reflns.observed_criterion_F_min     ? 
_reflns.pdbx_chi_squared             ? 
_reflns.pdbx_scaling_rejects         ? 
_reflns.pdbx_diffrn_id               1 
_reflns.pdbx_ordinal                 1 
# 
_refine.entry_id                                 2E0Q 
_refine.ls_number_reflns_obs                     15049 
_refine.ls_number_reflns_all                     ? 
_refine.pdbx_ls_sigma_I                          ? 
_refine.pdbx_ls_sigma_F                          ? 
_refine.pdbx_data_cutoff_high_absF               ? 
_refine.pdbx_data_cutoff_low_absF                ? 
_refine.pdbx_data_cutoff_high_rms_absF           ? 
_refine.ls_d_res_low                             15.00 
_refine.ls_d_res_high                            1.49 
_refine.ls_percent_reflns_obs                    99.97 
_refine.ls_R_factor_obs                          0.17294 
_refine.ls_R_factor_all                          ? 
_refine.ls_R_factor_R_work                       0.17186 
_refine.ls_R_factor_R_free                       0.19185 
_refine.ls_R_factor_R_free_error                 ? 
_refine.ls_R_factor_R_free_error_details         ? 
_refine.ls_percent_reflns_R_free                 5.0 
_refine.ls_number_reflns_R_free                  789 
_refine.ls_number_parameters                     ? 
_refine.ls_number_restraints                     ? 
_refine.occupancy_min                            ? 
_refine.occupancy_max                            ? 
_refine.correlation_coeff_Fo_to_Fc               0.966 
_refine.correlation_coeff_Fo_to_Fc_free          0.961 
_refine.B_iso_mean                               14.866 
_refine.aniso_B[1][1]                            -0.60 
_refine.aniso_B[2][2]                            -0.21 
_refine.aniso_B[3][3]                            0.83 
_refine.aniso_B[1][2]                            0.00 
_refine.aniso_B[1][3]                            0.18 
_refine.aniso_B[2][3]                            0.00 
_refine.solvent_model_details                    'BABINET MODEL WITH MASK' 
_refine.solvent_model_param_ksol                 ? 
_refine.solvent_model_param_bsol                 ? 
_refine.pdbx_solvent_vdw_probe_radii             1.40 
_refine.pdbx_solvent_ion_probe_radii             0.80 
_refine.pdbx_solvent_shrinkage_radii             0.80 
_refine.pdbx_ls_cross_valid_method               THROUGHOUT 
_refine.details                                  'HYDROGENS HAVE BEEN ADDED IN THE RIDING POSITIONS' 
_refine.pdbx_starting_model                      ? 
_refine.pdbx_method_to_determine_struct          'MOLECULAR REPLACEMENT' 
_refine.pdbx_isotropic_thermal_model             ? 
_refine.pdbx_stereochemistry_target_values       'MAXIMUM LIKELIHOOD' 
_refine.pdbx_stereochem_target_val_spec_case     ? 
_refine.pdbx_R_Free_selection_details            RANDOM 
_refine.pdbx_overall_ESU_R                       0.075 
_refine.pdbx_overall_ESU_R_Free                  0.072 
_refine.overall_SU_ML                            0.045 
_refine.overall_SU_B                             1.161 
_refine.ls_redundancy_reflns_obs                 ? 
_refine.B_iso_min                                ? 
_refine.B_iso_max                                ? 
_refine.overall_SU_R_Cruickshank_DPI             ? 
_refine.overall_SU_R_free                        ? 
_refine.ls_wR_factor_R_free                      ? 
_refine.ls_wR_factor_R_work                      ? 
_refine.overall_FOM_free_R_set                   ? 
_refine.overall_FOM_work_R_set                   ? 
_refine.pdbx_refine_id                           'X-RAY DIFFRACTION' 
_refine.pdbx_diffrn_id                           1 
_refine.pdbx_TLS_residual_ADP_flag               ? 
_refine.pdbx_overall_phase_error                 ? 
_refine.pdbx_overall_SU_R_free_Cruickshank_DPI   ? 
_refine.pdbx_overall_SU_R_Blow_DPI               ? 
_refine.pdbx_overall_SU_R_free_Blow_DPI          ? 
# 
_refine_hist.pdbx_refine_id                   'X-RAY DIFFRACTION' 
_refine_hist.cycle_id                         LAST 
_refine_hist.pdbx_number_atoms_protein        819 
_refine_hist.pdbx_number_atoms_nucleic_acid   0 
_refine_hist.pdbx_number_atoms_ligand         0 
_refine_hist.number_atoms_solvent             114 
_refine_hist.number_atoms_total               933 
_refine_hist.d_res_high                       1.49 
_refine_hist.d_res_low                        15.00 
# 
loop_
_refine_ls_restr.type 
_refine_ls_restr.dev_ideal 
_refine_ls_restr.dev_ideal_target 
_refine_ls_restr.weight 
_refine_ls_restr.number 
_refine_ls_restr.pdbx_refine_id 
_refine_ls_restr.pdbx_restraint_function 
r_bond_refined_d             0.015 0.021 ? 840  'X-RAY DIFFRACTION' ? 
r_bond_other_d               0.002 0.020 ? 764  'X-RAY DIFFRACTION' ? 
r_angle_refined_deg          1.583 1.962 ? 1145 'X-RAY DIFFRACTION' ? 
r_angle_other_deg            0.846 3.000 ? 1782 'X-RAY DIFFRACTION' ? 
r_dihedral_angle_1_deg       5.653 5.000 ? 103  'X-RAY DIFFRACTION' ? 
r_dihedral_angle_2_deg       ?     ?     ? ?    'X-RAY DIFFRACTION' ? 
r_dihedral_angle_3_deg       ?     ?     ? ?    'X-RAY DIFFRACTION' ? 
r_dihedral_angle_4_deg       ?     ?     ? ?    'X-RAY DIFFRACTION' ? 
r_chiral_restr               0.088 0.200 ? 128  'X-RAY DIFFRACTION' ? 
r_gen_planes_refined         0.007 0.020 ? 933  'X-RAY DIFFRACTION' ? 
r_gen_planes_other           0.002 0.020 ? 160  'X-RAY DIFFRACTION' ? 
r_nbd_refined                0.215 0.200 ? 170  'X-RAY DIFFRACTION' ? 
r_nbd_other                  0.245 0.200 ? 866  'X-RAY DIFFRACTION' ? 
r_nbtor_refined              ?     ?     ? ?    'X-RAY DIFFRACTION' ? 
r_nbtor_other                0.086 0.200 ? 479  'X-RAY DIFFRACTION' ? 
r_xyhbond_nbd_refined        0.173 0.200 ? 55   'X-RAY DIFFRACTION' ? 
r_xyhbond_nbd_other          ?     ?     ? ?    'X-RAY DIFFRACTION' ? 
r_metal_ion_refined          ?     ?     ? ?    'X-RAY DIFFRACTION' ? 
r_metal_ion_other            ?     ?     ? ?    'X-RAY DIFFRACTION' ? 
r_symmetry_vdw_refined       0.177 0.200 ? 8    'X-RAY DIFFRACTION' ? 
r_symmetry_vdw_other         0.225 0.200 ? 37   'X-RAY DIFFRACTION' ? 
r_symmetry_hbond_refined     0.205 0.200 ? 10   'X-RAY DIFFRACTION' ? 
r_symmetry_hbond_other       ?     ?     ? ?    'X-RAY DIFFRACTION' ? 
r_symmetry_metal_ion_refined ?     ?     ? ?    'X-RAY DIFFRACTION' ? 
r_symmetry_metal_ion_other   ?     ?     ? ?    'X-RAY DIFFRACTION' ? 
r_mcbond_it                  0.950 1.500 ? 520  'X-RAY DIFFRACTION' ? 
r_mcbond_other               ?     ?     ? ?    'X-RAY DIFFRACTION' ? 
r_mcangle_it                 1.740 2.000 ? 844  'X-RAY DIFFRACTION' ? 
r_scbond_it                  2.612 3.000 ? 320  'X-RAY DIFFRACTION' ? 
r_scangle_it                 3.984 4.500 ? 301  'X-RAY DIFFRACTION' ? 
r_rigid_bond_restr           ?     ?     ? ?    'X-RAY DIFFRACTION' ? 
r_sphericity_free            ?     ?     ? ?    'X-RAY DIFFRACTION' ? 
r_sphericity_bonded          ?     ?     ? ?    'X-RAY DIFFRACTION' ? 
# 
_refine_ls_shell.pdbx_total_number_of_bins_used   20 
_refine_ls_shell.d_res_high                       1.491 
_refine_ls_shell.d_res_low                        1.529 
_refine_ls_shell.number_reflns_R_work             1096 
_refine_ls_shell.R_factor_R_work                  0.184 
_refine_ls_shell.percent_reflns_obs               ? 
_refine_ls_shell.R_factor_R_free                  0.284 
_refine_ls_shell.R_factor_R_free_error            ? 
_refine_ls_shell.percent_reflns_R_free            ? 
_refine_ls_shell.number_reflns_R_free             52 
_refine_ls_shell.number_reflns_all                ? 
_refine_ls_shell.R_factor_all                     ? 
_refine_ls_shell.number_reflns_obs                ? 
_refine_ls_shell.redundancy_reflns_obs            ? 
_refine_ls_shell.pdbx_refine_id                   'X-RAY DIFFRACTION' 
# 
_struct.entry_id                  2E0Q 
_struct.title                     'Crystal structure of K53E thioredoxin from Sulfolobus tokodaii strain7' 
_struct.pdbx_model_details        ? 
_struct.pdbx_CASP_flag            ? 
_struct.pdbx_model_type_details   ? 
# 
_struct_keywords.entry_id        2E0Q 
_struct_keywords.pdbx_keywords   'ELECTRON TRANSPORT' 
_struct_keywords.text            'thioredoxin, ELECTRON TRANSPORT' 
# 
loop_
_struct_asym.id 
_struct_asym.pdbx_blank_PDB_chainid_flag 
_struct_asym.pdbx_modified 
_struct_asym.entity_id 
_struct_asym.details 
A N N 1 ? 
B N N 2 ? 
# 
_struct_ref.id                         1 
_struct_ref.db_name                    UNP 
_struct_ref.db_code                    Q96YQ0_SULTO 
_struct_ref.pdbx_db_accession          Q96YQ0 
_struct_ref.entity_id                  1 
_struct_ref.pdbx_seq_one_letter_code   
;VIHLDSKNFDSFLASHKIAVVDFWAEWCAPCLILAPIIEELAEDYPQVGFGKLNSDENPDIAARYGVMSLPTVIFFKDGE
PVDEIIGAVPREEIEIRIKNLLGE
;
_struct_ref.pdbx_align_begin           37 
_struct_ref.pdbx_db_isoform            ? 
# 
_struct_ref_seq.align_id                      1 
_struct_ref_seq.ref_id                        1 
_struct_ref_seq.pdbx_PDB_id_code              2E0Q 
_struct_ref_seq.pdbx_strand_id                A 
_struct_ref_seq.seq_align_beg                 1 
_struct_ref_seq.pdbx_seq_align_beg_ins_code   ? 
_struct_ref_seq.seq_align_end                 104 
_struct_ref_seq.pdbx_seq_align_end_ins_code   ? 
_struct_ref_seq.pdbx_db_accession             Q96YQ0 
_struct_ref_seq.db_align_beg                  37 
_struct_ref_seq.pdbx_db_align_beg_ins_code    ? 
_struct_ref_seq.db_align_end                  140 
_struct_ref_seq.pdbx_db_align_end_ins_code    ? 
_struct_ref_seq.pdbx_auth_seq_align_beg       37 
_struct_ref_seq.pdbx_auth_seq_align_end       140 
# 
_struct_ref_seq_dif.align_id                     1 
_struct_ref_seq_dif.pdbx_pdb_id_code             2E0Q 
_struct_ref_seq_dif.mon_id                       GLU 
_struct_ref_seq_dif.pdbx_pdb_strand_id           A 
_struct_ref_seq_dif.seq_num                      17 
_struct_ref_seq_dif.pdbx_pdb_ins_code            ? 
_struct_ref_seq_dif.pdbx_seq_db_name             UNP 
_struct_ref_seq_dif.pdbx_seq_db_accession_code   Q96YQ0 
_struct_ref_seq_dif.db_mon_id                    LYS 
_struct_ref_seq_dif.pdbx_seq_db_seq_num          53 
_struct_ref_seq_dif.details                      'engineered mutation' 
_struct_ref_seq_dif.pdbx_auth_seq_num            53 
_struct_ref_seq_dif.pdbx_ordinal                 1 
# 
_pdbx_struct_assembly.id                   1 
_pdbx_struct_assembly.details              author_defined_assembly 
_pdbx_struct_assembly.method_details       ? 
_pdbx_struct_assembly.oligomeric_details   monomeric 
_pdbx_struct_assembly.oligomeric_count     1 
# 
_pdbx_struct_assembly_gen.assembly_id       1 
_pdbx_struct_assembly_gen.oper_expression   1 
_pdbx_struct_assembly_gen.asym_id_list      A,B 
# 
_pdbx_struct_oper_list.id                   1 
_pdbx_struct_oper_list.type                 'identity operation' 
_pdbx_struct_oper_list.name                 1_555 
_pdbx_struct_oper_list.symmetry_operation   x,y,z 
_pdbx_struct_oper_list.matrix[1][1]         1.0000000000 
_pdbx_struct_oper_list.matrix[1][2]         0.0000000000 
_pdbx_struct_oper_list.matrix[1][3]         0.0000000000 
_pdbx_struct_oper_list.vector[1]            0.0000000000 
_pdbx_struct_oper_list.matrix[2][1]         0.0000000000 
_pdbx_struct_oper_list.matrix[2][2]         1.0000000000 
_pdbx_struct_oper_list.matrix[2][3]         0.0000000000 
_pdbx_struct_oper_list.vector[2]            0.0000000000 
_pdbx_struct_oper_list.matrix[3][1]         0.0000000000 
_pdbx_struct_oper_list.matrix[3][2]         0.0000000000 
_pdbx_struct_oper_list.matrix[3][3]         1.0000000000 
_pdbx_struct_oper_list.vector[3]            0.0000000000 
# 
_struct_biol.id        1 
_struct_biol.details   ? 
# 
loop_
_struct_conf.conf_type_id 
_struct_conf.id 
_struct_conf.pdbx_PDB_helix_id 
_struct_conf.beg_label_comp_id 
_struct_conf.beg_label_asym_id 
_struct_conf.beg_label_seq_id 
_struct_conf.pdbx_beg_PDB_ins_code 
_struct_conf.end_label_comp_id 
_struct_conf.end_label_asym_id 
_struct_conf.end_label_seq_id 
_struct_conf.pdbx_end_PDB_ins_code 
_struct_conf.beg_auth_comp_id 
_struct_conf.beg_auth_asym_id 
_struct_conf.beg_auth_seq_id 
_struct_conf.end_auth_comp_id 
_struct_conf.end_auth_asym_id 
_struct_conf.end_auth_seq_id 
_struct_conf.pdbx_PDB_helix_class 
_struct_conf.details 
_struct_conf.pdbx_PDB_helix_length 
HELX_P HELX_P1 1 ASN A 8  ? HIS A 16  ? ASN A 44  HIS A 52  1 ? 9  
HELX_P HELX_P2 2 CYS A 28 ? TYR A 45  ? CYS A 64  TYR A 81  1 ? 18 
HELX_P HELX_P3 3 ASN A 58 ? TYR A 65  ? ASN A 94  TYR A 101 1 ? 8  
HELX_P HELX_P4 4 PRO A 90 ? GLY A 103 ? PRO A 126 GLY A 139 1 ? 14 
# 
_struct_conf_type.id          HELX_P 
_struct_conf_type.criteria    ? 
_struct_conf_type.reference   ? 
# 
_struct_conn.id                            disulf1 
_struct_conn.conn_type_id                  disulf 
_struct_conn.pdbx_leaving_atom_flag        ? 
_struct_conn.pdbx_PDB_id                   ? 
_struct_conn.ptnr1_label_asym_id           A 
_struct_conn.ptnr1_label_comp_id           CYS 
_struct_conn.ptnr1_label_seq_id            28 
_struct_conn.ptnr1_label_atom_id           SG 
_struct_conn.pdbx_ptnr1_label_alt_id       ? 
_struct_conn.pdbx_ptnr1_PDB_ins_code       ? 
_struct_conn.pdbx_ptnr1_standard_comp_id   ? 
_struct_conn.ptnr1_symmetry                1_555 
_struct_conn.ptnr2_label_asym_id           A 
_struct_conn.ptnr2_label_comp_id           CYS 
_struct_conn.ptnr2_label_seq_id            31 
_struct_conn.ptnr2_label_atom_id           SG 
_struct_conn.pdbx_ptnr2_label_alt_id       ? 
_struct_conn.pdbx_ptnr2_PDB_ins_code       ? 
_struct_conn.ptnr1_auth_asym_id            A 
_struct_conn.ptnr1_auth_comp_id            CYS 
_struct_conn.ptnr1_auth_seq_id             64 
_struct_conn.ptnr2_auth_asym_id            A 
_struct_conn.ptnr2_auth_comp_id            CYS 
_struct_conn.ptnr2_auth_seq_id             67 
_struct_conn.ptnr2_symmetry                1_555 
_struct_conn.pdbx_ptnr3_label_atom_id      ? 
_struct_conn.pdbx_ptnr3_label_seq_id       ? 
_struct_conn.pdbx_ptnr3_label_comp_id      ? 
_struct_conn.pdbx_ptnr3_label_asym_id      ? 
_struct_conn.pdbx_ptnr3_label_alt_id       ? 
_struct_conn.pdbx_ptnr3_PDB_ins_code       ? 
_struct_conn.details                       ? 
_struct_conn.pdbx_dist_value               2.175 
_struct_conn.pdbx_value_order              ? 
_struct_conn.pdbx_role                     ? 
# 
_struct_conn_type.id          disulf 
_struct_conn_type.criteria    ? 
_struct_conn_type.reference   ? 
# 
_pdbx_modification_feature.ordinal                            1 
_pdbx_modification_feature.label_comp_id                      CYS 
_pdbx_modification_feature.label_asym_id                      A 
_pdbx_modification_feature.label_seq_id                       28 
_pdbx_modification_feature.label_alt_id                       ? 
_pdbx_modification_feature.modified_residue_label_comp_id     CYS 
_pdbx_modification_feature.modified_residue_label_asym_id     A 
_pdbx_modification_feature.modified_residue_label_seq_id      31 
_pdbx_modification_feature.modified_residue_label_alt_id      ? 
_pdbx_modification_feature.auth_comp_id                       CYS 
_pdbx_modification_feature.auth_asym_id                       A 
_pdbx_modification_feature.auth_seq_id                        64 
_pdbx_modification_feature.PDB_ins_code                       ? 
_pdbx_modification_feature.symmetry                           1_555 
_pdbx_modification_feature.modified_residue_auth_comp_id      CYS 
_pdbx_modification_feature.modified_residue_auth_asym_id      A 
_pdbx_modification_feature.modified_residue_auth_seq_id       67 
_pdbx_modification_feature.modified_residue_PDB_ins_code      ? 
_pdbx_modification_feature.modified_residue_symmetry          1_555 
_pdbx_modification_feature.comp_id_linking_atom               SG 
_pdbx_modification_feature.modified_residue_id_linking_atom   SG 
_pdbx_modification_feature.modified_residue_id                . 
_pdbx_modification_feature.ref_pcm_id                         . 
_pdbx_modification_feature.ref_comp_id                        . 
_pdbx_modification_feature.type                               None 
_pdbx_modification_feature.category                           'Disulfide bridge' 
# 
_struct_mon_prot_cis.pdbx_id                1 
_struct_mon_prot_cis.label_comp_id          LEU 
_struct_mon_prot_cis.label_seq_id           70 
_struct_mon_prot_cis.label_asym_id          A 
_struct_mon_prot_cis.label_alt_id           . 
_struct_mon_prot_cis.pdbx_PDB_ins_code      ? 
_struct_mon_prot_cis.auth_comp_id           LEU 
_struct_mon_prot_cis.auth_seq_id            106 
_struct_mon_prot_cis.auth_asym_id           A 
_struct_mon_prot_cis.pdbx_label_comp_id_2   PRO 
_struct_mon_prot_cis.pdbx_label_seq_id_2    71 
_struct_mon_prot_cis.pdbx_label_asym_id_2   A 
_struct_mon_prot_cis.pdbx_PDB_ins_code_2    ? 
_struct_mon_prot_cis.pdbx_auth_comp_id_2    PRO 
_struct_mon_prot_cis.pdbx_auth_seq_id_2     107 
_struct_mon_prot_cis.pdbx_auth_asym_id_2    A 
_struct_mon_prot_cis.pdbx_PDB_model_num     1 
_struct_mon_prot_cis.pdbx_omega_angle       -6.77 
# 
_struct_sheet.id               A 
_struct_sheet.type             ? 
_struct_sheet.number_strands   5 
_struct_sheet.details          ? 
# 
loop_
_struct_sheet_order.sheet_id 
_struct_sheet_order.range_id_1 
_struct_sheet_order.range_id_2 
_struct_sheet_order.offset 
_struct_sheet_order.sense 
A 1 2 ? parallel      
A 2 3 ? parallel      
A 3 4 ? anti-parallel 
A 4 5 ? anti-parallel 
# 
loop_
_struct_sheet_range.sheet_id 
_struct_sheet_range.id 
_struct_sheet_range.beg_label_comp_id 
_struct_sheet_range.beg_label_asym_id 
_struct_sheet_range.beg_label_seq_id 
_struct_sheet_range.pdbx_beg_PDB_ins_code 
_struct_sheet_range.end_label_comp_id 
_struct_sheet_range.end_label_asym_id 
_struct_sheet_range.end_label_seq_id 
_struct_sheet_range.pdbx_end_PDB_ins_code 
_struct_sheet_range.beg_auth_comp_id 
_struct_sheet_range.beg_auth_asym_id 
_struct_sheet_range.beg_auth_seq_id 
_struct_sheet_range.end_auth_comp_id 
_struct_sheet_range.end_auth_asym_id 
_struct_sheet_range.end_auth_seq_id 
A 1 ILE A 2  ? HIS A 3  ? ILE A 38  HIS A 39  
A 2 GLY A 49 ? ASN A 54 ? GLY A 85  ASN A 90  
A 3 ILE A 18 ? TRP A 24 ? ILE A 54  TRP A 60  
A 4 THR A 72 ? LYS A 77 ? THR A 108 LYS A 113 
A 5 GLU A 80 ? ILE A 86 ? GLU A 116 ILE A 122 
# 
loop_
_pdbx_struct_sheet_hbond.sheet_id 
_pdbx_struct_sheet_hbond.range_id_1 
_pdbx_struct_sheet_hbond.range_id_2 
_pdbx_struct_sheet_hbond.range_1_label_atom_id 
_pdbx_struct_sheet_hbond.range_1_label_comp_id 
_pdbx_struct_sheet_hbond.range_1_label_asym_id 
_pdbx_struct_sheet_hbond.range_1_label_seq_id 
_pdbx_struct_sheet_hbond.range_1_PDB_ins_code 
_pdbx_struct_sheet_hbond.range_1_auth_atom_id 
_pdbx_struct_sheet_hbond.range_1_auth_comp_id 
_pdbx_struct_sheet_hbond.range_1_auth_asym_id 
_pdbx_struct_sheet_hbond.range_1_auth_seq_id 
_pdbx_struct_sheet_hbond.range_2_label_atom_id 
_pdbx_struct_sheet_hbond.range_2_label_comp_id 
_pdbx_struct_sheet_hbond.range_2_label_asym_id 
_pdbx_struct_sheet_hbond.range_2_label_seq_id 
_pdbx_struct_sheet_hbond.range_2_PDB_ins_code 
_pdbx_struct_sheet_hbond.range_2_auth_atom_id 
_pdbx_struct_sheet_hbond.range_2_auth_comp_id 
_pdbx_struct_sheet_hbond.range_2_auth_asym_id 
_pdbx_struct_sheet_hbond.range_2_auth_seq_id 
A 1 2 N ILE A 2  ? N ILE A 38  O LYS A 52 ? O LYS A 88  
A 2 3 O GLY A 51 ? O GLY A 87  N ASP A 22 ? N ASP A 58  
A 3 4 N ALA A 19 ? N ALA A 55  O PHE A 76 ? O PHE A 112 
A 4 5 N PHE A 75 ? N PHE A 111 O ASP A 83 ? O ASP A 119 
# 
_pdbx_entry_details.entry_id                   2E0Q 
_pdbx_entry_details.compound_details           ? 
_pdbx_entry_details.source_details             ? 
_pdbx_entry_details.nonpolymer_details         ? 
_pdbx_entry_details.sequence_details           ? 
_pdbx_entry_details.has_ligand_of_interest     ? 
_pdbx_entry_details.has_protein_modification   Y 
# 
_pdbx_validate_close_contact.id               1 
_pdbx_validate_close_contact.PDB_model_num    1 
_pdbx_validate_close_contact.auth_atom_id_1   O 
_pdbx_validate_close_contact.auth_asym_id_1   A 
_pdbx_validate_close_contact.auth_comp_id_1   HOH 
_pdbx_validate_close_contact.auth_seq_id_1    165 
_pdbx_validate_close_contact.PDB_ins_code_1   ? 
_pdbx_validate_close_contact.label_alt_id_1   ? 
_pdbx_validate_close_contact.auth_atom_id_2   O 
_pdbx_validate_close_contact.auth_asym_id_2   A 
_pdbx_validate_close_contact.auth_comp_id_2   HOH 
_pdbx_validate_close_contact.auth_seq_id_2    248 
_pdbx_validate_close_contact.PDB_ins_code_2   ? 
_pdbx_validate_close_contact.label_alt_id_2   ? 
_pdbx_validate_close_contact.dist             2.17 
# 
loop_
_chem_comp_atom.comp_id 
_chem_comp_atom.atom_id 
_chem_comp_atom.type_symbol 
_chem_comp_atom.pdbx_aromatic_flag 
_chem_comp_atom.pdbx_stereo_config 
_chem_comp_atom.pdbx_ordinal 
ALA N    N N N 1   
ALA CA   C N S 2   
ALA C    C N N 3   
ALA O    O N N 4   
ALA CB   C N N 5   
ALA OXT  O N N 6   
ALA H    H N N 7   
ALA H2   H N N 8   
ALA HA   H N N 9   
ALA HB1  H N N 10  
ALA HB2  H N N 11  
ALA HB3  H N N 12  
ALA HXT  H N N 13  
ARG N    N N N 14  
ARG CA   C N S 15  
ARG C    C N N 16  
ARG O    O N N 17  
ARG CB   C N N 18  
ARG CG   C N N 19  
ARG CD   C N N 20  
ARG NE   N N N 21  
ARG CZ   C N N 22  
ARG NH1  N N N 23  
ARG NH2  N N N 24  
ARG OXT  O N N 25  
ARG H    H N N 26  
ARG H2   H N N 27  
ARG HA   H N N 28  
ARG HB2  H N N 29  
ARG HB3  H N N 30  
ARG HG2  H N N 31  
ARG HG3  H N N 32  
ARG HD2  H N N 33  
ARG HD3  H N N 34  
ARG HE   H N N 35  
ARG HH11 H N N 36  
ARG HH12 H N N 37  
ARG HH21 H N N 38  
ARG HH22 H N N 39  
ARG HXT  H N N 40  
ASN N    N N N 41  
ASN CA   C N S 42  
ASN C    C N N 43  
ASN O    O N N 44  
ASN CB   C N N 45  
ASN CG   C N N 46  
ASN OD1  O N N 47  
ASN ND2  N N N 48  
ASN OXT  O N N 49  
ASN H    H N N 50  
ASN H2   H N N 51  
ASN HA   H N N 52  
ASN HB2  H N N 53  
ASN HB3  H N N 54  
ASN HD21 H N N 55  
ASN HD22 H N N 56  
ASN HXT  H N N 57  
ASP N    N N N 58  
ASP CA   C N S 59  
ASP C    C N N 60  
ASP O    O N N 61  
ASP CB   C N N 62  
ASP CG   C N N 63  
ASP OD1  O N N 64  
ASP OD2  O N N 65  
ASP OXT  O N N 66  
ASP H    H N N 67  
ASP H2   H N N 68  
ASP HA   H N N 69  
ASP HB2  H N N 70  
ASP HB3  H N N 71  
ASP HD2  H N N 72  
ASP HXT  H N N 73  
CYS N    N N N 74  
CYS CA   C N R 75  
CYS C    C N N 76  
CYS O    O N N 77  
CYS CB   C N N 78  
CYS SG   S N N 79  
CYS OXT  O N N 80  
CYS H    H N N 81  
CYS H2   H N N 82  
CYS HA   H N N 83  
CYS HB2  H N N 84  
CYS HB3  H N N 85  
CYS HG   H N N 86  
CYS HXT  H N N 87  
GLN N    N N N 88  
GLN CA   C N S 89  
GLN C    C N N 90  
GLN O    O N N 91  
GLN CB   C N N 92  
GLN CG   C N N 93  
GLN CD   C N N 94  
GLN OE1  O N N 95  
GLN NE2  N N N 96  
GLN OXT  O N N 97  
GLN H    H N N 98  
GLN H2   H N N 99  
GLN HA   H N N 100 
GLN HB2  H N N 101 
GLN HB3  H N N 102 
GLN HG2  H N N 103 
GLN HG3  H N N 104 
GLN HE21 H N N 105 
GLN HE22 H N N 106 
GLN HXT  H N N 107 
GLU N    N N N 108 
GLU CA   C N S 109 
GLU C    C N N 110 
GLU O    O N N 111 
GLU CB   C N N 112 
GLU CG   C N N 113 
GLU CD   C N N 114 
GLU OE1  O N N 115 
GLU OE2  O N N 116 
GLU OXT  O N N 117 
GLU H    H N N 118 
GLU H2   H N N 119 
GLU HA   H N N 120 
GLU HB2  H N N 121 
GLU HB3  H N N 122 
GLU HG2  H N N 123 
GLU HG3  H N N 124 
GLU HE2  H N N 125 
GLU HXT  H N N 126 
GLY N    N N N 127 
GLY CA   C N N 128 
GLY C    C N N 129 
GLY O    O N N 130 
GLY OXT  O N N 131 
GLY H    H N N 132 
GLY H2   H N N 133 
GLY HA2  H N N 134 
GLY HA3  H N N 135 
GLY HXT  H N N 136 
HIS N    N N N 137 
HIS CA   C N S 138 
HIS C    C N N 139 
HIS O    O N N 140 
HIS CB   C N N 141 
HIS CG   C Y N 142 
HIS ND1  N Y N 143 
HIS CD2  C Y N 144 
HIS CE1  C Y N 145 
HIS NE2  N Y N 146 
HIS OXT  O N N 147 
HIS H    H N N 148 
HIS H2   H N N 149 
HIS HA   H N N 150 
HIS HB2  H N N 151 
HIS HB3  H N N 152 
HIS HD1  H N N 153 
HIS HD2  H N N 154 
HIS HE1  H N N 155 
HIS HE2  H N N 156 
HIS HXT  H N N 157 
HOH O    O N N 158 
HOH H1   H N N 159 
HOH H2   H N N 160 
ILE N    N N N 161 
ILE CA   C N S 162 
ILE C    C N N 163 
ILE O    O N N 164 
ILE CB   C N S 165 
ILE CG1  C N N 166 
ILE CG2  C N N 167 
ILE CD1  C N N 168 
ILE OXT  O N N 169 
ILE H    H N N 170 
ILE H2   H N N 171 
ILE HA   H N N 172 
ILE HB   H N N 173 
ILE HG12 H N N 174 
ILE HG13 H N N 175 
ILE HG21 H N N 176 
ILE HG22 H N N 177 
ILE HG23 H N N 178 
ILE HD11 H N N 179 
ILE HD12 H N N 180 
ILE HD13 H N N 181 
ILE HXT  H N N 182 
LEU N    N N N 183 
LEU CA   C N S 184 
LEU C    C N N 185 
LEU O    O N N 186 
LEU CB   C N N 187 
LEU CG   C N N 188 
LEU CD1  C N N 189 
LEU CD2  C N N 190 
LEU OXT  O N N 191 
LEU H    H N N 192 
LEU H2   H N N 193 
LEU HA   H N N 194 
LEU HB2  H N N 195 
LEU HB3  H N N 196 
LEU HG   H N N 197 
LEU HD11 H N N 198 
LEU HD12 H N N 199 
LEU HD13 H N N 200 
LEU HD21 H N N 201 
LEU HD22 H N N 202 
LEU HD23 H N N 203 
LEU HXT  H N N 204 
LYS N    N N N 205 
LYS CA   C N S 206 
LYS C    C N N 207 
LYS O    O N N 208 
LYS CB   C N N 209 
LYS CG   C N N 210 
LYS CD   C N N 211 
LYS CE   C N N 212 
LYS NZ   N N N 213 
LYS OXT  O N N 214 
LYS H    H N N 215 
LYS H2   H N N 216 
LYS HA   H N N 217 
LYS HB2  H N N 218 
LYS HB3  H N N 219 
LYS HG2  H N N 220 
LYS HG3  H N N 221 
LYS HD2  H N N 222 
LYS HD3  H N N 223 
LYS HE2  H N N 224 
LYS HE3  H N N 225 
LYS HZ1  H N N 226 
LYS HZ2  H N N 227 
LYS HZ3  H N N 228 
LYS HXT  H N N 229 
MET N    N N N 230 
MET CA   C N S 231 
MET C    C N N 232 
MET O    O N N 233 
MET CB   C N N 234 
MET CG   C N N 235 
MET SD   S N N 236 
MET CE   C N N 237 
MET OXT  O N N 238 
MET H    H N N 239 
MET H2   H N N 240 
MET HA   H N N 241 
MET HB2  H N N 242 
MET HB3  H N N 243 
MET HG2  H N N 244 
MET HG3  H N N 245 
MET HE1  H N N 246 
MET HE2  H N N 247 
MET HE3  H N N 248 
MET HXT  H N N 249 
PHE N    N N N 250 
PHE CA   C N S 251 
PHE C    C N N 252 
PHE O    O N N 253 
PHE CB   C N N 254 
PHE CG   C Y N 255 
PHE CD1  C Y N 256 
PHE CD2  C Y N 257 
PHE CE1  C Y N 258 
PHE CE2  C Y N 259 
PHE CZ   C Y N 260 
PHE OXT  O N N 261 
PHE H    H N N 262 
PHE H2   H N N 263 
PHE HA   H N N 264 
PHE HB2  H N N 265 
PHE HB3  H N N 266 
PHE HD1  H N N 267 
PHE HD2  H N N 268 
PHE HE1  H N N 269 
PHE HE2  H N N 270 
PHE HZ   H N N 271 
PHE HXT  H N N 272 
PRO N    N N N 273 
PRO CA   C N S 274 
PRO C    C N N 275 
PRO O    O N N 276 
PRO CB   C N N 277 
PRO CG   C N N 278 
PRO CD   C N N 279 
PRO OXT  O N N 280 
PRO H    H N N 281 
PRO HA   H N N 282 
PRO HB2  H N N 283 
PRO HB3  H N N 284 
PRO HG2  H N N 285 
PRO HG3  H N N 286 
PRO HD2  H N N 287 
PRO HD3  H N N 288 
PRO HXT  H N N 289 
SER N    N N N 290 
SER CA   C N S 291 
SER C    C N N 292 
SER O    O N N 293 
SER CB   C N N 294 
SER OG   O N N 295 
SER OXT  O N N 296 
SER H    H N N 297 
SER H2   H N N 298 
SER HA   H N N 299 
SER HB2  H N N 300 
SER HB3  H N N 301 
SER HG   H N N 302 
SER HXT  H N N 303 
THR N    N N N 304 
THR CA   C N S 305 
THR C    C N N 306 
THR O    O N N 307 
THR CB   C N R 308 
THR OG1  O N N 309 
THR CG2  C N N 310 
THR OXT  O N N 311 
THR H    H N N 312 
THR H2   H N N 313 
THR HA   H N N 314 
THR HB   H N N 315 
THR HG1  H N N 316 
THR HG21 H N N 317 
THR HG22 H N N 318 
THR HG23 H N N 319 
THR HXT  H N N 320 
TRP N    N N N 321 
TRP CA   C N S 322 
TRP C    C N N 323 
TRP O    O N N 324 
TRP CB   C N N 325 
TRP CG   C Y N 326 
TRP CD1  C Y N 327 
TRP CD2  C Y N 328 
TRP NE1  N Y N 329 
TRP CE2  C Y N 330 
TRP CE3  C Y N 331 
TRP CZ2  C Y N 332 
TRP CZ3  C Y N 333 
TRP CH2  C Y N 334 
TRP OXT  O N N 335 
TRP H    H N N 336 
TRP H2   H N N 337 
TRP HA   H N N 338 
TRP HB2  H N N 339 
TRP HB3  H N N 340 
TRP HD1  H N N 341 
TRP HE1  H N N 342 
TRP HE3  H N N 343 
TRP HZ2  H N N 344 
TRP HZ3  H N N 345 
TRP HH2  H N N 346 
TRP HXT  H N N 347 
TYR N    N N N 348 
TYR CA   C N S 349 
TYR C    C N N 350 
TYR O    O N N 351 
TYR CB   C N N 352 
TYR CG   C Y N 353 
TYR CD1  C Y N 354 
TYR CD2  C Y N 355 
TYR CE1  C Y N 356 
TYR CE2  C Y N 357 
TYR CZ   C Y N 358 
TYR OH   O N N 359 
TYR OXT  O N N 360 
TYR H    H N N 361 
TYR H2   H N N 362 
TYR HA   H N N 363 
TYR HB2  H N N 364 
TYR HB3  H N N 365 
TYR HD1  H N N 366 
TYR HD2  H N N 367 
TYR HE1  H N N 368 
TYR HE2  H N N 369 
TYR HH   H N N 370 
TYR HXT  H N N 371 
VAL N    N N N 372 
VAL CA   C N S 373 
VAL C    C N N 374 
VAL O    O N N 375 
VAL CB   C N N 376 
VAL CG1  C N N 377 
VAL CG2  C N N 378 
VAL OXT  O N N 379 
VAL H    H N N 380 
VAL H2   H N N 381 
VAL HA   H N N 382 
VAL HB   H N N 383 
VAL HG11 H N N 384 
VAL HG12 H N N 385 
VAL HG13 H N N 386 
VAL HG21 H N N 387 
VAL HG22 H N N 388 
VAL HG23 H N N 389 
VAL HXT  H N N 390 
# 
loop_
_chem_comp_bond.comp_id 
_chem_comp_bond.atom_id_1 
_chem_comp_bond.atom_id_2 
_chem_comp_bond.value_order 
_chem_comp_bond.pdbx_aromatic_flag 
_chem_comp_bond.pdbx_stereo_config 
_chem_comp_bond.pdbx_ordinal 
ALA N   CA   sing N N 1   
ALA N   H    sing N N 2   
ALA N   H2   sing N N 3   
ALA CA  C    sing N N 4   
ALA CA  CB   sing N N 5   
ALA CA  HA   sing N N 6   
ALA C   O    doub N N 7   
ALA C   OXT  sing N N 8   
ALA CB  HB1  sing N N 9   
ALA CB  HB2  sing N N 10  
ALA CB  HB3  sing N N 11  
ALA OXT HXT  sing N N 12  
ARG N   CA   sing N N 13  
ARG N   H    sing N N 14  
ARG N   H2   sing N N 15  
ARG CA  C    sing N N 16  
ARG CA  CB   sing N N 17  
ARG CA  HA   sing N N 18  
ARG C   O    doub N N 19  
ARG C   OXT  sing N N 20  
ARG CB  CG   sing N N 21  
ARG CB  HB2  sing N N 22  
ARG CB  HB3  sing N N 23  
ARG CG  CD   sing N N 24  
ARG CG  HG2  sing N N 25  
ARG CG  HG3  sing N N 26  
ARG CD  NE   sing N N 27  
ARG CD  HD2  sing N N 28  
ARG CD  HD3  sing N N 29  
ARG NE  CZ   sing N N 30  
ARG NE  HE   sing N N 31  
ARG CZ  NH1  sing N N 32  
ARG CZ  NH2  doub N N 33  
ARG NH1 HH11 sing N N 34  
ARG NH1 HH12 sing N N 35  
ARG NH2 HH21 sing N N 36  
ARG NH2 HH22 sing N N 37  
ARG OXT HXT  sing N N 38  
ASN N   CA   sing N N 39  
ASN N   H    sing N N 40  
ASN N   H2   sing N N 41  
ASN CA  C    sing N N 42  
ASN CA  CB   sing N N 43  
ASN CA  HA   sing N N 44  
ASN C   O    doub N N 45  
ASN C   OXT  sing N N 46  
ASN CB  CG   sing N N 47  
ASN CB  HB2  sing N N 48  
ASN CB  HB3  sing N N 49  
ASN CG  OD1  doub N N 50  
ASN CG  ND2  sing N N 51  
ASN ND2 HD21 sing N N 52  
ASN ND2 HD22 sing N N 53  
ASN OXT HXT  sing N N 54  
ASP N   CA   sing N N 55  
ASP N   H    sing N N 56  
ASP N   H2   sing N N 57  
ASP CA  C    sing N N 58  
ASP CA  CB   sing N N 59  
ASP CA  HA   sing N N 60  
ASP C   O    doub N N 61  
ASP C   OXT  sing N N 62  
ASP CB  CG   sing N N 63  
ASP CB  HB2  sing N N 64  
ASP CB  HB3  sing N N 65  
ASP CG  OD1  doub N N 66  
ASP CG  OD2  sing N N 67  
ASP OD2 HD2  sing N N 68  
ASP OXT HXT  sing N N 69  
CYS N   CA   sing N N 70  
CYS N   H    sing N N 71  
CYS N   H2   sing N N 72  
CYS CA  C    sing N N 73  
CYS CA  CB   sing N N 74  
CYS CA  HA   sing N N 75  
CYS C   O    doub N N 76  
CYS C   OXT  sing N N 77  
CYS CB  SG   sing N N 78  
CYS CB  HB2  sing N N 79  
CYS CB  HB3  sing N N 80  
CYS SG  HG   sing N N 81  
CYS OXT HXT  sing N N 82  
GLN N   CA   sing N N 83  
GLN N   H    sing N N 84  
GLN N   H2   sing N N 85  
GLN CA  C    sing N N 86  
GLN CA  CB   sing N N 87  
GLN CA  HA   sing N N 88  
GLN C   O    doub N N 89  
GLN C   OXT  sing N N 90  
GLN CB  CG   sing N N 91  
GLN CB  HB2  sing N N 92  
GLN CB  HB3  sing N N 93  
GLN CG  CD   sing N N 94  
GLN CG  HG2  sing N N 95  
GLN CG  HG3  sing N N 96  
GLN CD  OE1  doub N N 97  
GLN CD  NE2  sing N N 98  
GLN NE2 HE21 sing N N 99  
GLN NE2 HE22 sing N N 100 
GLN OXT HXT  sing N N 101 
GLU N   CA   sing N N 102 
GLU N   H    sing N N 103 
GLU N   H2   sing N N 104 
GLU CA  C    sing N N 105 
GLU CA  CB   sing N N 106 
GLU CA  HA   sing N N 107 
GLU C   O    doub N N 108 
GLU C   OXT  sing N N 109 
GLU CB  CG   sing N N 110 
GLU CB  HB2  sing N N 111 
GLU CB  HB3  sing N N 112 
GLU CG  CD   sing N N 113 
GLU CG  HG2  sing N N 114 
GLU CG  HG3  sing N N 115 
GLU CD  OE1  doub N N 116 
GLU CD  OE2  sing N N 117 
GLU OE2 HE2  sing N N 118 
GLU OXT HXT  sing N N 119 
GLY N   CA   sing N N 120 
GLY N   H    sing N N 121 
GLY N   H2   sing N N 122 
GLY CA  C    sing N N 123 
GLY CA  HA2  sing N N 124 
GLY CA  HA3  sing N N 125 
GLY C   O    doub N N 126 
GLY C   OXT  sing N N 127 
GLY OXT HXT  sing N N 128 
HIS N   CA   sing N N 129 
HIS N   H    sing N N 130 
HIS N   H2   sing N N 131 
HIS CA  C    sing N N 132 
HIS CA  CB   sing N N 133 
HIS CA  HA   sing N N 134 
HIS C   O    doub N N 135 
HIS C   OXT  sing N N 136 
HIS CB  CG   sing N N 137 
HIS CB  HB2  sing N N 138 
HIS CB  HB3  sing N N 139 
HIS CG  ND1  sing Y N 140 
HIS CG  CD2  doub Y N 141 
HIS ND1 CE1  doub Y N 142 
HIS ND1 HD1  sing N N 143 
HIS CD2 NE2  sing Y N 144 
HIS CD2 HD2  sing N N 145 
HIS CE1 NE2  sing Y N 146 
HIS CE1 HE1  sing N N 147 
HIS NE2 HE2  sing N N 148 
HIS OXT HXT  sing N N 149 
HOH O   H1   sing N N 150 
HOH O   H2   sing N N 151 
ILE N   CA   sing N N 152 
ILE N   H    sing N N 153 
ILE N   H2   sing N N 154 
ILE CA  C    sing N N 155 
ILE CA  CB   sing N N 156 
ILE CA  HA   sing N N 157 
ILE C   O    doub N N 158 
ILE C   OXT  sing N N 159 
ILE CB  CG1  sing N N 160 
ILE CB  CG2  sing N N 161 
ILE CB  HB   sing N N 162 
ILE CG1 CD1  sing N N 163 
ILE CG1 HG12 sing N N 164 
ILE CG1 HG13 sing N N 165 
ILE CG2 HG21 sing N N 166 
ILE CG2 HG22 sing N N 167 
ILE CG2 HG23 sing N N 168 
ILE CD1 HD11 sing N N 169 
ILE CD1 HD12 sing N N 170 
ILE CD1 HD13 sing N N 171 
ILE OXT HXT  sing N N 172 
LEU N   CA   sing N N 173 
LEU N   H    sing N N 174 
LEU N   H2   sing N N 175 
LEU CA  C    sing N N 176 
LEU CA  CB   sing N N 177 
LEU CA  HA   sing N N 178 
LEU C   O    doub N N 179 
LEU C   OXT  sing N N 180 
LEU CB  CG   sing N N 181 
LEU CB  HB2  sing N N 182 
LEU CB  HB3  sing N N 183 
LEU CG  CD1  sing N N 184 
LEU CG  CD2  sing N N 185 
LEU CG  HG   sing N N 186 
LEU CD1 HD11 sing N N 187 
LEU CD1 HD12 sing N N 188 
LEU CD1 HD13 sing N N 189 
LEU CD2 HD21 sing N N 190 
LEU CD2 HD22 sing N N 191 
LEU CD2 HD23 sing N N 192 
LEU OXT HXT  sing N N 193 
LYS N   CA   sing N N 194 
LYS N   H    sing N N 195 
LYS N   H2   sing N N 196 
LYS CA  C    sing N N 197 
LYS CA  CB   sing N N 198 
LYS CA  HA   sing N N 199 
LYS C   O    doub N N 200 
LYS C   OXT  sing N N 201 
LYS CB  CG   sing N N 202 
LYS CB  HB2  sing N N 203 
LYS CB  HB3  sing N N 204 
LYS CG  CD   sing N N 205 
LYS CG  HG2  sing N N 206 
LYS CG  HG3  sing N N 207 
LYS CD  CE   sing N N 208 
LYS CD  HD2  sing N N 209 
LYS CD  HD3  sing N N 210 
LYS CE  NZ   sing N N 211 
LYS CE  HE2  sing N N 212 
LYS CE  HE3  sing N N 213 
LYS NZ  HZ1  sing N N 214 
LYS NZ  HZ2  sing N N 215 
LYS NZ  HZ3  sing N N 216 
LYS OXT HXT  sing N N 217 
MET N   CA   sing N N 218 
MET N   H    sing N N 219 
MET N   H2   sing N N 220 
MET CA  C    sing N N 221 
MET CA  CB   sing N N 222 
MET CA  HA   sing N N 223 
MET C   O    doub N N 224 
MET C   OXT  sing N N 225 
MET CB  CG   sing N N 226 
MET CB  HB2  sing N N 227 
MET CB  HB3  sing N N 228 
MET CG  SD   sing N N 229 
MET CG  HG2  sing N N 230 
MET CG  HG3  sing N N 231 
MET SD  CE   sing N N 232 
MET CE  HE1  sing N N 233 
MET CE  HE2  sing N N 234 
MET CE  HE3  sing N N 235 
MET OXT HXT  sing N N 236 
PHE N   CA   sing N N 237 
PHE N   H    sing N N 238 
PHE N   H2   sing N N 239 
PHE CA  C    sing N N 240 
PHE CA  CB   sing N N 241 
PHE CA  HA   sing N N 242 
PHE C   O    doub N N 243 
PHE C   OXT  sing N N 244 
PHE CB  CG   sing N N 245 
PHE CB  HB2  sing N N 246 
PHE CB  HB3  sing N N 247 
PHE CG  CD1  doub Y N 248 
PHE CG  CD2  sing Y N 249 
PHE CD1 CE1  sing Y N 250 
PHE CD1 HD1  sing N N 251 
PHE CD2 CE2  doub Y N 252 
PHE CD2 HD2  sing N N 253 
PHE CE1 CZ   doub Y N 254 
PHE CE1 HE1  sing N N 255 
PHE CE2 CZ   sing Y N 256 
PHE CE2 HE2  sing N N 257 
PHE CZ  HZ   sing N N 258 
PHE OXT HXT  sing N N 259 
PRO N   CA   sing N N 260 
PRO N   CD   sing N N 261 
PRO N   H    sing N N 262 
PRO CA  C    sing N N 263 
PRO CA  CB   sing N N 264 
PRO CA  HA   sing N N 265 
PRO C   O    doub N N 266 
PRO C   OXT  sing N N 267 
PRO CB  CG   sing N N 268 
PRO CB  HB2  sing N N 269 
PRO CB  HB3  sing N N 270 
PRO CG  CD   sing N N 271 
PRO CG  HG2  sing N N 272 
PRO CG  HG3  sing N N 273 
PRO CD  HD2  sing N N 274 
PRO CD  HD3  sing N N 275 
PRO OXT HXT  sing N N 276 
SER N   CA   sing N N 277 
SER N   H    sing N N 278 
SER N   H2   sing N N 279 
SER CA  C    sing N N 280 
SER CA  CB   sing N N 281 
SER CA  HA   sing N N 282 
SER C   O    doub N N 283 
SER C   OXT  sing N N 284 
SER CB  OG   sing N N 285 
SER CB  HB2  sing N N 286 
SER CB  HB3  sing N N 287 
SER OG  HG   sing N N 288 
SER OXT HXT  sing N N 289 
THR N   CA   sing N N 290 
THR N   H    sing N N 291 
THR N   H2   sing N N 292 
THR CA  C    sing N N 293 
THR CA  CB   sing N N 294 
THR CA  HA   sing N N 295 
THR C   O    doub N N 296 
THR C   OXT  sing N N 297 
THR CB  OG1  sing N N 298 
THR CB  CG2  sing N N 299 
THR CB  HB   sing N N 300 
THR OG1 HG1  sing N N 301 
THR CG2 HG21 sing N N 302 
THR CG2 HG22 sing N N 303 
THR CG2 HG23 sing N N 304 
THR OXT HXT  sing N N 305 
TRP N   CA   sing N N 306 
TRP N   H    sing N N 307 
TRP N   H2   sing N N 308 
TRP CA  C    sing N N 309 
TRP CA  CB   sing N N 310 
TRP CA  HA   sing N N 311 
TRP C   O    doub N N 312 
TRP C   OXT  sing N N 313 
TRP CB  CG   sing N N 314 
TRP CB  HB2  sing N N 315 
TRP CB  HB3  sing N N 316 
TRP CG  CD1  doub Y N 317 
TRP CG  CD2  sing Y N 318 
TRP CD1 NE1  sing Y N 319 
TRP CD1 HD1  sing N N 320 
TRP CD2 CE2  doub Y N 321 
TRP CD2 CE3  sing Y N 322 
TRP NE1 CE2  sing Y N 323 
TRP NE1 HE1  sing N N 324 
TRP CE2 CZ2  sing Y N 325 
TRP CE3 CZ3  doub Y N 326 
TRP CE3 HE3  sing N N 327 
TRP CZ2 CH2  doub Y N 328 
TRP CZ2 HZ2  sing N N 329 
TRP CZ3 CH2  sing Y N 330 
TRP CZ3 HZ3  sing N N 331 
TRP CH2 HH2  sing N N 332 
TRP OXT HXT  sing N N 333 
TYR N   CA   sing N N 334 
TYR N   H    sing N N 335 
TYR N   H2   sing N N 336 
TYR CA  C    sing N N 337 
TYR CA  CB   sing N N 338 
TYR CA  HA   sing N N 339 
TYR C   O    doub N N 340 
TYR C   OXT  sing N N 341 
TYR CB  CG   sing N N 342 
TYR CB  HB2  sing N N 343 
TYR CB  HB3  sing N N 344 
TYR CG  CD1  doub Y N 345 
TYR CG  CD2  sing Y N 346 
TYR CD1 CE1  sing Y N 347 
TYR CD1 HD1  sing N N 348 
TYR CD2 CE2  doub Y N 349 
TYR CD2 HD2  sing N N 350 
TYR CE1 CZ   doub Y N 351 
TYR CE1 HE1  sing N N 352 
TYR CE2 CZ   sing Y N 353 
TYR CE2 HE2  sing N N 354 
TYR CZ  OH   sing N N 355 
TYR OH  HH   sing N N 356 
TYR OXT HXT  sing N N 357 
VAL N   CA   sing N N 358 
VAL N   H    sing N N 359 
VAL N   H2   sing N N 360 
VAL CA  C    sing N N 361 
VAL CA  CB   sing N N 362 
VAL CA  HA   sing N N 363 
VAL C   O    doub N N 364 
VAL C   OXT  sing N N 365 
VAL CB  CG1  sing N N 366 
VAL CB  CG2  sing N N 367 
VAL CB  HB   sing N N 368 
VAL CG1 HG11 sing N N 369 
VAL CG1 HG12 sing N N 370 
VAL CG1 HG13 sing N N 371 
VAL CG2 HG21 sing N N 372 
VAL CG2 HG22 sing N N 373 
VAL CG2 HG23 sing N N 374 
VAL OXT HXT  sing N N 375 
# 
_atom_sites.entry_id                    2E0Q 
_atom_sites.fract_transf_matrix[1][1]   0.02166654 
_atom_sites.fract_transf_matrix[1][2]   -0.02324239 
_atom_sites.fract_transf_matrix[1][3]   0.01658873 
_atom_sites.fract_transf_matrix[2][1]   0.01319879 
_atom_sites.fract_transf_matrix[2][2]   0.00253225 
_atom_sites.fract_transf_matrix[2][3]   -0.01369102 
_atom_sites.fract_transf_matrix[3][1]   0.01298512 
_atom_sites.fract_transf_matrix[3][2]   0.02100611 
_atom_sites.fract_transf_matrix[3][3]   0.01640349 
_atom_sites.fract_transf_vector[1]      0.077816 
_atom_sites.fract_transf_vector[2]      0.015397 
_atom_sites.fract_transf_vector[3]      0.274866 
# 
loop_
_atom_type.symbol 
C 
N 
O 
S 
# 
loop_
_atom_site.group_PDB 
_atom_site.id 
_atom_site.type_symbol 
_atom_site.label_atom_id 
_atom_site.label_alt_id 
_atom_site.label_comp_id 
_atom_site.label_asym_id 
_atom_site.label_entity_id 
_atom_site.label_seq_id 
_atom_site.pdbx_PDB_ins_code 
_atom_site.Cartn_x 
_atom_site.Cartn_y 
_atom_site.Cartn_z 
_atom_site.occupancy 
_atom_site.B_iso_or_equiv 
_atom_site.pdbx_formal_charge 
_atom_site.auth_seq_id 
_atom_site.auth_comp_id 
_atom_site.auth_asym_id 
_atom_site.auth_atom_id 
_atom_site.pdbx_PDB_model_num 
ATOM   1   N N   . VAL A 1 1   ? -7.015  -4.217  -6.562  1.00 20.33 ? 37  VAL A N   1 
ATOM   2   C CA  . VAL A 1 1   ? -6.567  -3.887  -5.177  1.00 18.95 ? 37  VAL A CA  1 
ATOM   3   C C   . VAL A 1 1   ? -7.141  -4.879  -4.152  1.00 18.88 ? 37  VAL A C   1 
ATOM   4   O O   . VAL A 1 1   ? -8.344  -4.927  -3.887  1.00 20.49 ? 37  VAL A O   1 
ATOM   5   C CB  . VAL A 1 1   ? -6.964  -2.457  -4.766  1.00 19.62 ? 37  VAL A CB  1 
ATOM   6   C CG1 . VAL A 1 1   ? -6.428  -2.128  -3.429  1.00 18.17 ? 37  VAL A CG1 1 
ATOM   7   C CG2 . VAL A 1 1   ? -6.472  -1.441  -5.777  1.00 18.58 ? 37  VAL A CG2 1 
ATOM   8   N N   . ILE A 1 2   ? -6.263  -5.646  -3.532  1.00 16.50 ? 38  ILE A N   1 
ATOM   9   C CA  . ILE A 1 2   ? -6.643  -6.714  -2.624  1.00 16.94 ? 38  ILE A CA  1 
ATOM   10  C C   . ILE A 1 2   ? -6.991  -6.183  -1.247  1.00 17.44 ? 38  ILE A C   1 
ATOM   11  O O   . ILE A 1 2   ? -6.259  -5.371  -0.676  1.00 15.98 ? 38  ILE A O   1 
ATOM   12  C CB  . ILE A 1 2   ? -5.469  -7.722  -2.514  1.00 17.66 ? 38  ILE A CB  1 
ATOM   13  C CG1 . ILE A 1 2   ? -4.945  -8.136  -3.893  1.00 18.72 ? 38  ILE A CG1 1 
ATOM   14  C CG2 . ILE A 1 2   ? -5.836  -8.917  -1.647  1.00 18.74 ? 38  ILE A CG2 1 
ATOM   15  C CD1 . ILE A 1 2   ? -5.963  -8.704  -4.852  1.00 21.27 ? 38  ILE A CD1 1 
ATOM   16  N N   . HIS A 1 3   ? -8.096  -6.654  -0.681  1.00 16.00 ? 39  HIS A N   1 
ATOM   17  C CA  . HIS A 1 3   ? -8.456  -6.392  0.694   1.00 16.58 ? 39  HIS A CA  1 
ATOM   18  C C   . HIS A 1 3   ? -7.576  -7.239  1.596   1.00 16.84 ? 39  HIS A C   1 
ATOM   19  O O   . HIS A 1 3   ? -7.640  -8.461  1.542   1.00 19.00 ? 39  HIS A O   1 
ATOM   20  C CB  . HIS A 1 3   ? -9.947  -6.760  0.901   1.00 16.09 ? 39  HIS A CB  1 
ATOM   21  C CG  . HIS A 1 3   ? -10.433 -6.555  2.288   1.00 18.60 ? 39  HIS A CG  1 
ATOM   22  N ND1 . HIS A 1 3   ? -10.173 -7.439  3.308   1.00 21.42 ? 39  HIS A ND1 1 
ATOM   23  C CD2 . HIS A 1 3   ? -11.164 -5.555  2.828   1.00 17.43 ? 39  HIS A CD2 1 
ATOM   24  C CE1 . HIS A 1 3   ? -10.723 -6.986  4.425   1.00 19.33 ? 39  HIS A CE1 1 
ATOM   25  N NE2 . HIS A 1 3   ? -11.328 -5.847  4.157   1.00 21.89 ? 39  HIS A NE2 1 
ATOM   26  N N   . LEU A 1 4   ? -6.805  -6.621  2.484   1.00 16.04 ? 40  LEU A N   1 
ATOM   27  C CA  . LEU A 1 4   ? -5.842  -7.337  3.302   1.00 16.57 ? 40  LEU A CA  1 
ATOM   28  C C   . LEU A 1 4   ? -6.268  -7.519  4.749   1.00 17.28 ? 40  LEU A C   1 
ATOM   29  O O   . LEU A 1 4   ? -6.957  -6.672  5.321   1.00 16.91 ? 40  LEU A O   1 
ATOM   30  C CB  . LEU A 1 4   ? -4.515  -6.562  3.279   1.00 15.78 ? 40  LEU A CB  1 
ATOM   31  C CG  . LEU A 1 4   ? -3.878  -6.464  1.902   1.00 16.53 ? 40  LEU A CG  1 
ATOM   32  C CD1 . LEU A 1 4   ? -2.607  -5.621  2.041   1.00 16.02 ? 40  LEU A CD1 1 
ATOM   33  C CD2 . LEU A 1 4   ? -3.588  -7.818  1.305   1.00 17.20 ? 40  LEU A CD2 1 
ATOM   34  N N   . ASP A 1 5   ? -5.844  -8.626  5.347   1.00 17.84 ? 41  ASP A N   1 
ATOM   35  C CA  . ASP A 1 5   ? -5.958  -8.852  6.776   1.00 19.20 ? 41  ASP A CA  1 
ATOM   36  C C   . ASP A 1 5   ? -4.851  -9.791  7.224   1.00 20.47 ? 41  ASP A C   1 
ATOM   37  O O   . ASP A 1 5   ? -3.949  -10.089 6.444   1.00 19.19 ? 41  ASP A O   1 
ATOM   38  C CB  . ASP A 1 5   ? -7.365  -9.361  7.150   1.00 18.97 ? 41  ASP A CB  1 
ATOM   39  C CG  . ASP A 1 5   ? -7.729  -10.672 6.491   1.00 22.34 ? 41  ASP A CG  1 
ATOM   40  O OD1 . ASP A 1 5   ? -6.850  -11.483 6.113   1.00 22.32 ? 41  ASP A OD1 1 
ATOM   41  O OD2 . ASP A 1 5   ? -8.931  -10.977 6.298   1.00 27.38 ? 41  ASP A OD2 1 
ATOM   42  N N   . SER A 1 6   ? -4.901  -10.265 8.467   1.00 21.47 ? 42  SER A N   1 
ATOM   43  C CA  . SER A 1 6   ? -3.810  -11.107 8.970   1.00 22.39 ? 42  SER A CA  1 
ATOM   44  C C   . SER A 1 6   ? -3.690  -12.424 8.200   1.00 22.53 ? 42  SER A C   1 
ATOM   45  O O   . SER A 1 6   ? -2.584  -12.936 8.040   1.00 23.56 ? 42  SER A O   1 
ATOM   46  C CB  . SER A 1 6   ? -3.986  -11.390 10.457  1.00 22.49 ? 42  SER A CB  1 
ATOM   47  O OG  . SER A 1 6   ? -5.219  -12.066 10.684  1.00 25.94 ? 42  SER A OG  1 
ATOM   48  N N   . LYS A 1 7   ? -4.817  -12.958 7.728   1.00 22.19 ? 43  LYS A N   1 
ATOM   49  C CA  . LYS A 1 7   ? -4.848  -14.257 7.069   1.00 22.72 ? 43  LYS A CA  1 
ATOM   50  C C   . LYS A 1 7   ? -4.208  -14.263 5.699   1.00 21.11 ? 43  LYS A C   1 
ATOM   51  O O   . LYS A 1 7   ? -3.561  -15.241 5.334   1.00 21.94 ? 43  LYS A O   1 
ATOM   52  C CB  . LYS A 1 7   ? -6.276  -14.771 6.927   1.00 23.24 ? 43  LYS A CB  1 
ATOM   53  C CG  . LYS A 1 7   ? -6.860  -15.355 8.192   1.00 26.74 ? 43  LYS A CG  1 
ATOM   54  C CD  . LYS A 1 7   ? -8.238  -15.942 7.913   1.00 29.47 ? 43  LYS A CD  1 
ATOM   55  C CE  . LYS A 1 7   ? -8.981  -16.324 9.193   1.00 31.74 ? 43  LYS A CE  1 
ATOM   56  N NZ  . LYS A 1 7   ? -10.160 -17.191 8.891   1.00 33.30 ? 43  LYS A NZ  1 
ATOM   57  N N   . ASN A 1 8   ? -4.368  -13.176 4.936   1.00 18.77 ? 44  ASN A N   1 
ATOM   58  C CA  . ASN A 1 8   ? -3.819  -13.132 3.609   1.00 17.79 ? 44  ASN A CA  1 
ATOM   59  C C   . ASN A 1 8   ? -2.632  -12.187 3.455   1.00 16.33 ? 44  ASN A C   1 
ATOM   60  O O   . ASN A 1 8   ? -2.150  -12.021 2.322   1.00 16.41 ? 44  ASN A O   1 
ATOM   61  C CB  . ASN A 1 8   ? -4.908  -12.827 2.561   1.00 17.01 ? 44  ASN A CB  1 
ATOM   62  C CG  . ASN A 1 8   ? -5.388  -11.382 2.592   1.00 16.63 ? 44  ASN A CG  1 
ATOM   63  O OD1 . ASN A 1 8   ? -4.945  -10.624 3.419   1.00 16.69 ? 44  ASN A OD1 1 
ATOM   64  N ND2 . ASN A 1 8   ? -6.298  -11.026 1.689   1.00 19.88 ? 44  ASN A ND2 1 
ATOM   65  N N   . PHE A 1 9   ? -2.150  -11.573 4.537   1.00 16.66 ? 45  PHE A N   1 
ATOM   66  C CA  . PHE A 1 9   ? -1.079  -10.578 4.398   1.00 16.24 ? 45  PHE A CA  1 
ATOM   67  C C   . PHE A 1 9   ? 0.173   -11.167 3.750   1.00 16.73 ? 45  PHE A C   1 
ATOM   68  O O   . PHE A 1 9   ? 0.677   -10.646 2.765   1.00 16.24 ? 45  PHE A O   1 
ATOM   69  C CB  . PHE A 1 9   ? -0.684  -9.923  5.724   1.00 16.82 ? 45  PHE A CB  1 
ATOM   70  C CG  . PHE A 1 9   ? -0.173  -8.500  5.564   1.00 14.64 ? 45  PHE A CG  1 
ATOM   71  C CD1 . PHE A 1 9   ? -1.053  -7.439  5.487   1.00 14.47 ? 45  PHE A CD1 1 
ATOM   72  C CD2 . PHE A 1 9   ? 1.187   -8.243  5.509   1.00 16.92 ? 45  PHE A CD2 1 
ATOM   73  C CE1 . PHE A 1 9   ? -0.578  -6.136  5.371   1.00 16.90 ? 45  PHE A CE1 1 
ATOM   74  C CE2 . PHE A 1 9   ? 1.670   -6.957  5.354   1.00 15.70 ? 45  PHE A CE2 1 
ATOM   75  C CZ  . PHE A 1 9   ? 0.786   -5.902  5.297   1.00 16.25 ? 45  PHE A CZ  1 
ATOM   76  N N   . ASP A 1 10  ? 0.656   -12.286 4.288   1.00 18.09 ? 46  ASP A N   1 
ATOM   77  C CA  . ASP A 1 10  ? 1.865   -12.907 3.746   1.00 18.23 ? 46  ASP A CA  1 
ATOM   78  C C   . ASP A 1 10  ? 1.710   -13.469 2.343   1.00 17.28 ? 46  ASP A C   1 
ATOM   79  O O   . ASP A 1 10  ? 2.581   -13.280 1.509   1.00 16.93 ? 46  ASP A O   1 
ATOM   80  C CB  . ASP A 1 10  ? 2.403   -13.989 4.683   1.00 19.23 ? 46  ASP A CB  1 
ATOM   81  C CG  . ASP A 1 10  ? 3.066   -13.426 5.917   1.00 21.18 ? 46  ASP A CG  1 
ATOM   82  O OD1 . ASP A 1 10  ? 2.744   -12.298 6.359   1.00 21.56 ? 46  ASP A OD1 1 
ATOM   83  O OD2 . ASP A 1 10  ? 3.971   -14.078 6.511   1.00 22.19 ? 46  ASP A OD2 1 
ATOM   84  N N   . SER A 1 11  ? 0.588   -14.122 2.059   1.00 17.91 ? 47  SER A N   1 
ATOM   85  C CA  . SER A 1 11  ? 0.398   -14.650 0.718   1.00 18.61 ? 47  SER A CA  1 
ATOM   86  C C   . SER A 1 11  ? 0.273   -13.524 -0.301  1.00 16.73 ? 47  SER A C   1 
ATOM   87  O O   . SER A 1 11  ? 0.777   -13.598 -1.422  1.00 17.79 ? 47  SER A O   1 
ATOM   88  C CB  . SER A 1 11  ? -0.779  -15.611 0.667   1.00 19.78 ? 47  SER A CB  1 
ATOM   89  O OG  . SER A 1 11  ? -1.958  -14.969 1.048   1.00 23.43 ? 47  SER A OG  1 
ATOM   90  N N   . PHE A 1 12  ? -0.325  -12.403 0.114   1.00 15.68 ? 48  PHE A N   1 
ATOM   91  C CA  . PHE A 1 12  ? -0.329  -11.239 -0.741  1.00 14.12 ? 48  PHE A CA  1 
ATOM   92  C C   . PHE A 1 12  ? 1.110   -10.772 -1.046  1.00 14.67 ? 48  PHE A C   1 
ATOM   93  O O   . PHE A 1 12  ? 1.451   -10.459 -2.193  1.00 15.37 ? 48  PHE A O   1 
ATOM   94  C CB  . PHE A 1 12  ? -1.115  -10.088 -0.095  1.00 13.35 ? 48  PHE A CB  1 
ATOM   95  C CG  . PHE A 1 12  ? -0.891  -8.778  -0.771  1.00 12.10 ? 48  PHE A CG  1 
ATOM   96  C CD1 . PHE A 1 12  ? -1.471  -8.486  -2.005  1.00 13.04 ? 48  PHE A CD1 1 
ATOM   97  C CD2 . PHE A 1 12  ? -0.040  -7.820  -0.193  1.00 13.94 ? 48  PHE A CD2 1 
ATOM   98  C CE1 . PHE A 1 12  ? -1.207  -7.283  -2.633  1.00 14.26 ? 48  PHE A CE1 1 
ATOM   99  C CE2 . PHE A 1 12  ? 0.196   -6.623  -0.827  1.00 13.83 ? 48  PHE A CE2 1 
ATOM   100 C CZ  . PHE A 1 12  ? -0.380  -6.355  -2.051  1.00 14.66 ? 48  PHE A CZ  1 
ATOM   101 N N   . LEU A 1 13  ? 1.925   -10.672 0.002   1.00 15.00 ? 49  LEU A N   1 
ATOM   102 C CA  . LEU A 1 13  ? 3.281   -10.134 -0.176  1.00 14.93 ? 49  LEU A CA  1 
ATOM   103 C C   . LEU A 1 13  ? 4.125   -11.003 -1.124  1.00 16.00 ? 49  LEU A C   1 
ATOM   104 O O   . LEU A 1 13  ? 4.975   -10.503 -1.873  1.00 16.14 ? 49  LEU A O   1 
ATOM   105 C CB  . LEU A 1 13  ? 3.972   -10.010 1.187   1.00 15.02 ? 49  LEU A CB  1 
ATOM   106 C CG  . LEU A 1 13  ? 3.468   -8.893  2.089   1.00 12.86 ? 49  LEU A CG  1 
ATOM   107 C CD1 . LEU A 1 13  ? 4.279   -8.941  3.376   1.00 12.50 ? 49  LEU A CD1 1 
ATOM   108 C CD2 . LEU A 1 13  ? 3.562   -7.509  1.479   1.00 14.05 ? 49  LEU A CD2 1 
ATOM   109 N N   . ALA A 1 14  ? 3.840   -12.294 -1.099  1.00 16.33 ? 50  ALA A N   1 
ATOM   110 C CA  . ALA A 1 14  ? 4.538   -13.252 -1.940  1.00 17.41 ? 50  ALA A CA  1 
ATOM   111 C C   . ALA A 1 14  ? 3.979   -13.339 -3.367  1.00 18.63 ? 50  ALA A C   1 
ATOM   112 O O   . ALA A 1 14  ? 4.599   -13.982 -4.211  1.00 20.18 ? 50  ALA A O   1 
ATOM   113 C CB  . ALA A 1 14  ? 4.505   -14.600 -1.270  1.00 16.39 ? 50  ALA A CB  1 
ATOM   114 N N   . SER A 1 15  ? 2.862   -12.667 -3.668  1.00 19.09 ? 51  SER A N   1 
ATOM   115 C CA  . SER A 1 15  ? 2.208   -12.843 -4.977  1.00 19.24 ? 51  SER A CA  1 
ATOM   116 C C   . SER A 1 15  ? 2.929   -12.130 -6.094  1.00 19.42 ? 51  SER A C   1 
ATOM   117 O O   . SER A 1 15  ? 2.813   -12.512 -7.272  1.00 20.03 ? 51  SER A O   1 
ATOM   118 C CB  . SER A 1 15  ? 0.738   -12.398 -4.919  1.00 19.72 ? 51  SER A CB  1 
ATOM   119 O OG  . SER A 1 15  ? 0.524   -11.007 -4.656  1.00 21.23 ? 51  SER A OG  1 
ATOM   120 N N   . HIS A 1 16  ? 3.651   -11.052 -5.737  1.00 18.92 ? 52  HIS A N   1 
ATOM   121 C CA  . HIS A 1 16  ? 4.514   -10.309 -6.666  1.00 18.52 ? 52  HIS A CA  1 
ATOM   122 C C   . HIS A 1 16  ? 5.739   -9.923  -5.863  1.00 17.93 ? 52  HIS A C   1 
ATOM   123 O O   . HIS A 1 16  ? 5.648   -9.731  -4.658  1.00 19.51 ? 52  HIS A O   1 
ATOM   124 C CB  . HIS A 1 16  ? 3.856   -9.032  -7.226  1.00 18.53 ? 52  HIS A CB  1 
ATOM   125 C CG  . HIS A 1 16  ? 2.500   -9.251  -7.841  1.00 20.18 ? 52  HIS A CG  1 
ATOM   126 N ND1 . HIS A 1 16  ? 1.361   -9.481  -7.094  1.00 21.10 ? 52  HIS A ND1 1 
ATOM   127 C CD2 . HIS A 1 16  ? 2.104   -9.260  -9.135  1.00 24.44 ? 52  HIS A CD2 1 
ATOM   128 C CE1 . HIS A 1 16  ? 0.327   -9.636  -7.902  1.00 24.84 ? 52  HIS A CE1 1 
ATOM   129 N NE2 . HIS A 1 16  ? 0.749   -9.499  -9.143  1.00 23.70 ? 52  HIS A NE2 1 
ATOM   130 N N   . GLU A 1 17  ? 6.872   -9.758  -6.518  1.00 17.79 ? 53  GLU A N   1 
ATOM   131 C CA  . GLU A 1 17  ? 8.070   -9.347  -5.802  1.00 17.11 ? 53  GLU A CA  1 
ATOM   132 C C   . GLU A 1 17  ? 7.872   -7.983  -5.161  1.00 16.03 ? 53  GLU A C   1 
ATOM   133 O O   . GLU A 1 17  ? 8.304   -7.763  -4.024  1.00 14.24 ? 53  GLU A O   1 
ATOM   134 C CB  . GLU A 1 17  ? 9.307   -9.337  -6.704  1.00 19.23 ? 53  GLU A CB  1 
ATOM   135 C CG  . GLU A 1 17  ? 10.023  -10.681 -6.730  1.00 23.31 ? 53  GLU A CG  1 
ATOM   136 C CD  . GLU A 1 17  ? 11.491  -10.526 -7.056  1.00 27.60 ? 53  GLU A CD  1 
ATOM   137 O OE1 . GLU A 1 17  ? 11.838  -10.457 -8.258  1.00 31.53 ? 53  GLU A OE1 1 
ATOM   138 O OE2 . GLU A 1 17  ? 12.284  -10.412 -6.113  1.00 30.44 ? 53  GLU A OE2 1 
ATOM   139 N N   . ILE A 1 18  ? 7.231   -7.083  -5.889  1.00 15.03 ? 54  ILE A N   1 
ATOM   140 C CA  . ILE A 1 18  ? 6.980   -5.730  -5.430  1.00 14.41 ? 54  ILE A CA  1 
ATOM   141 C C   . ILE A 1 18  ? 5.516   -5.640  -5.052  1.00 13.58 ? 54  ILE A C   1 
ATOM   142 O O   . ILE A 1 18  ? 4.628   -6.062  -5.806  1.00 13.81 ? 54  ILE A O   1 
ATOM   143 C CB  . ILE A 1 18  ? 7.323   -4.639  -6.515  1.00 14.30 ? 54  ILE A CB  1 
ATOM   144 C CG1 . ILE A 1 18  ? 8.756   -4.819  -7.029  1.00 16.49 ? 54  ILE A CG1 1 
ATOM   145 C CG2 . ILE A 1 18  ? 7.107   -3.220  -5.962  1.00 16.35 ? 54  ILE A CG2 1 
ATOM   146 C CD1 . ILE A 1 18  ? 9.798   -4.793  -5.927  1.00 17.20 ? 54  ILE A CD1 1 
ATOM   147 N N   . ALA A 1 19  ? 5.283   -5.105  -3.864  1.00 12.23 ? 55  ALA A N   1 
ATOM   148 C CA  . ALA A 1 19  ? 3.934   -4.862  -3.361  1.00 12.78 ? 55  ALA A CA  1 
ATOM   149 C C   . ALA A 1 19  ? 3.807   -3.495  -2.737  1.00 12.28 ? 55  ALA A C   1 
ATOM   150 O O   . ALA A 1 19  ? 4.763   -2.884  -2.274  1.00 12.84 ? 55  ALA A O   1 
ATOM   151 C CB  . ALA A 1 19  ? 3.513   -5.921  -2.375  1.00 13.51 ? 55  ALA A CB  1 
ATOM   152 N N   . VAL A 1 20  ? 2.592   -2.986  -2.777  1.00 11.69 ? 56  VAL A N   1 
ATOM   153 C CA  . VAL A 1 20  ? 2.263   -1.670  -2.311  1.00 10.79 ? 56  VAL A CA  1 
ATOM   154 C C   . VAL A 1 20  ? 1.043   -1.805  -1.434  1.00 11.28 ? 56  VAL A C   1 
ATOM   155 O O   . VAL A 1 20  ? 0.023   -2.314  -1.907  1.00 11.88 ? 56  VAL A O   1 
ATOM   156 C CB  . VAL A 1 20  ? 1.924   -0.716  -3.482  1.00 10.41 ? 56  VAL A CB  1 
ATOM   157 C CG1 . VAL A 1 20  ? 1.577   0.682   -2.964  1.00 12.54 ? 56  VAL A CG1 1 
ATOM   158 C CG2 . VAL A 1 20  ? 3.077   -0.661  -4.461  1.00 12.03 ? 56  VAL A CG2 1 
ATOM   159 N N   . VAL A 1 21  ? 1.142   -1.377  -0.178  1.00 10.64 ? 57  VAL A N   1 
ATOM   160 C CA  . VAL A 1 21  ? 0.059   -1.508  0.796   1.00 10.06 ? 57  VAL A CA  1 
ATOM   161 C C   . VAL A 1 21  ? -0.381  -0.123  1.278   1.00 9.28  ? 57  VAL A C   1 
ATOM   162 O O   . VAL A 1 21  ? 0.409   0.663   1.801   1.00 9.21  ? 57  VAL A O   1 
ATOM   163 C CB  . VAL A 1 21  ? 0.410   -2.387  2.006   1.00 10.68 ? 57  VAL A CB  1 
ATOM   164 C CG1 . VAL A 1 21  ? -0.774  -2.449  2.994   1.00 11.59 ? 57  VAL A CG1 1 
ATOM   165 C CG2 . VAL A 1 21  ? 0.810   -3.799  1.590   1.00 12.00 ? 57  VAL A CG2 1 
ATOM   166 N N   . ASP A 1 22  ? -1.672  0.170   1.059   1.00 8.84  ? 58  ASP A N   1 
ATOM   167 C CA  . ASP A 1 22  ? -2.304  1.434   1.415   1.00 9.81  ? 58  ASP A CA  1 
ATOM   168 C C   . ASP A 1 22  ? -3.048  1.228   2.723   1.00 9.60  ? 58  ASP A C   1 
ATOM   169 O O   . ASP A 1 22  ? -4.028  0.496   2.788   1.00 9.72  ? 58  ASP A O   1 
ATOM   170 C CB  . ASP A 1 22  ? -3.245  1.806   0.268   1.00 9.74  ? 58  ASP A CB  1 
ATOM   171 C CG  . ASP A 1 22  ? -4.142  2.947   0.544   1.00 12.79 ? 58  ASP A CG  1 
ATOM   172 O OD1 . ASP A 1 22  ? -4.000  3.665   1.538   1.00 13.12 ? 58  ASP A OD1 1 
ATOM   173 O OD2 . ASP A 1 22  ? -5.072  3.189   -0.289  1.00 14.33 ? 58  ASP A OD2 1 
ATOM   174 N N   . PHE A 1 23  ? -2.531  1.838   3.782   1.00 9.03  ? 59  PHE A N   1 
ATOM   175 C CA  . PHE A 1 23  ? -3.130  1.840   5.120   1.00 9.51  ? 59  PHE A CA  1 
ATOM   176 C C   . PHE A 1 23  ? -4.120  2.984   5.165   1.00 9.76  ? 59  PHE A C   1 
ATOM   177 O O   . PHE A 1 23  ? -3.775  4.145   4.953   1.00 11.10 ? 59  PHE A O   1 
ATOM   178 C CB  . PHE A 1 23  ? -2.071  1.983   6.236   1.00 10.99 ? 59  PHE A CB  1 
ATOM   179 C CG  . PHE A 1 23  ? -1.185  0.780   6.378   1.00 11.87 ? 59  PHE A CG  1 
ATOM   180 C CD1 . PHE A 1 23  ? -1.402  -0.157  7.371   1.00 11.52 ? 59  PHE A CD1 1 
ATOM   181 C CD2 . PHE A 1 23  ? -0.129  0.578   5.505   1.00 11.54 ? 59  PHE A CD2 1 
ATOM   182 C CE1 . PHE A 1 23  ? -0.585  -1.260  7.514   1.00 13.21 ? 59  PHE A CE1 1 
ATOM   183 C CE2 . PHE A 1 23  ? 0.691   -0.551  5.657   1.00 12.66 ? 59  PHE A CE2 1 
ATOM   184 C CZ  . PHE A 1 23  ? 0.459   -1.447  6.637   1.00 13.16 ? 59  PHE A CZ  1 
ATOM   185 N N   . TRP A 1 24  ? -5.379  2.659   5.472   1.00 9.84  ? 60  TRP A N   1 
ATOM   186 C CA  . TRP A 1 24  ? -6.482  3.585   5.320   1.00 10.01 ? 60  TRP A CA  1 
ATOM   187 C C   . TRP A 1 24  ? -7.578  3.313   6.343   1.00 9.66  ? 60  TRP A C   1 
ATOM   188 O O   . TRP A 1 24  ? -7.620  2.289   6.984   1.00 10.90 ? 60  TRP A O   1 
ATOM   189 C CB  . TRP A 1 24  ? -7.076  3.494   3.901   1.00 9.55  ? 60  TRP A CB  1 
ATOM   190 C CG  . TRP A 1 24  ? -7.944  2.307   3.700   1.00 10.87 ? 60  TRP A CG  1 
ATOM   191 C CD1 . TRP A 1 24  ? -7.539  1.039   3.540   1.00 11.70 ? 60  TRP A CD1 1 
ATOM   192 C CD2 . TRP A 1 24  ? -9.378  2.285   3.724   1.00 10.62 ? 60  TRP A CD2 1 
ATOM   193 N NE1 . TRP A 1 24  ? -8.633  0.209   3.467   1.00 12.10 ? 60  TRP A NE1 1 
ATOM   194 C CE2 . TRP A 1 24  ? -9.773  0.955   3.545   1.00 11.14 ? 60  TRP A CE2 1 
ATOM   195 C CE3 . TRP A 1 24  ? -10.371 3.255   3.854   1.00 11.89 ? 60  TRP A CE3 1 
ATOM   196 C CZ2 . TRP A 1 24  ? -11.119 0.562   3.496   1.00 11.88 ? 60  TRP A CZ2 1 
ATOM   197 C CZ3 . TRP A 1 24  ? -11.691 2.872   3.818   1.00 14.01 ? 60  TRP A CZ3 1 
ATOM   198 C CH2 . TRP A 1 24  ? -12.057 1.535   3.659   1.00 12.48 ? 60  TRP A CH2 1 
ATOM   199 N N   . ALA A 1 25  ? -8.477  4.265   6.466   1.00 10.13 ? 61  ALA A N   1 
ATOM   200 C CA  . ALA A 1 25  ? -9.705  4.084   7.224   1.00 10.93 ? 61  ALA A CA  1 
ATOM   201 C C   . ALA A 1 25  ? -10.793 5.000   6.665   1.00 10.83 ? 61  ALA A C   1 
ATOM   202 O O   . ALA A 1 25  ? -10.494 5.996   6.030   1.00 10.89 ? 61  ALA A O   1 
ATOM   203 C CB  . ALA A 1 25  ? -9.482  4.368   8.691   1.00 10.62 ? 61  ALA A CB  1 
ATOM   204 N N   . GLU A 1 26  ? -12.058 4.668   6.934   1.00 12.04 ? 62  GLU A N   1 
ATOM   205 C CA  . GLU A 1 26  ? -13.189 5.360   6.314   1.00 13.26 ? 62  GLU A CA  1 
ATOM   206 C C   . GLU A 1 26  ? -13.362 6.800   6.785   1.00 13.65 ? 62  GLU A C   1 
ATOM   207 O O   . GLU A 1 26  ? -13.890 7.646   6.067   1.00 14.08 ? 62  GLU A O   1 
ATOM   208 C CB  . GLU A 1 26  ? -14.483 4.587   6.565   1.00 14.42 ? 62  GLU A CB  1 
ATOM   209 C CG  . GLU A 1 26  ? -15.694 5.060   5.788   1.00 19.88 ? 62  GLU A CG  1 
ATOM   210 C CD  . GLU A 1 26  ? -15.537 5.038   4.262   1.00 24.80 ? 62  GLU A CD  1 
ATOM   211 O OE1 . GLU A 1 26  ? -14.775 4.218   3.697   1.00 26.92 ? 62  GLU A OE1 1 
ATOM   212 O OE2 . GLU A 1 26  ? -16.215 5.856   3.612   1.00 31.26 ? 62  GLU A OE2 1 
ATOM   213 N N   . TRP A 1 27  ? -12.877 7.093   7.980   1.00 13.00 ? 63  TRP A N   1 
ATOM   214 C CA  . TRP A 1 27  ? -12.988 8.434   8.577   1.00 13.68 ? 63  TRP A CA  1 
ATOM   215 C C   . TRP A 1 27  ? -11.901 9.400   8.097   1.00 14.67 ? 63  TRP A C   1 
ATOM   216 O O   . TRP A 1 27  ? -11.848 10.605  8.466   1.00 16.43 ? 63  TRP A O   1 
ATOM   217 C CB  . TRP A 1 27  ? -12.974 8.332   10.107  1.00 13.65 ? 63  TRP A CB  1 
ATOM   218 C CG  . TRP A 1 27  ? -11.830 7.529   10.639  1.00 12.67 ? 63  TRP A CG  1 
ATOM   219 C CD1 . TRP A 1 27  ? -11.862 6.244   11.071  1.00 12.70 ? 63  TRP A CD1 1 
ATOM   220 C CD2 . TRP A 1 27  ? -10.465 7.955   10.746  1.00 11.95 ? 63  TRP A CD2 1 
ATOM   221 N NE1 . TRP A 1 27  ? -10.606 5.834   11.433  1.00 13.06 ? 63  TRP A NE1 1 
ATOM   222 C CE2 . TRP A 1 27  ? -9.727  6.879   11.260  1.00 13.26 ? 63  TRP A CE2 1 
ATOM   223 C CE3 . TRP A 1 27  ? -9.786  9.156   10.464  1.00 13.97 ? 63  TRP A CE3 1 
ATOM   224 C CZ2 . TRP A 1 27  ? -8.343  6.956   11.507  1.00 14.14 ? 63  TRP A CZ2 1 
ATOM   225 C CZ3 . TRP A 1 27  ? -8.436  9.229   10.728  1.00 17.69 ? 63  TRP A CZ3 1 
ATOM   226 C CH2 . TRP A 1 27  ? -7.731  8.144   11.229  1.00 15.21 ? 63  TRP A CH2 1 
ATOM   227 N N   . CYS A 1 28  ? -10.963 8.886   7.295   1.00 12.92 ? 64  CYS A N   1 
ATOM   228 C CA  . CYS A 1 28  ? -9.767  9.606   6.887   1.00 13.30 ? 64  CYS A CA  1 
ATOM   229 C C   . CYS A 1 28  ? -9.948  10.191  5.494   1.00 13.01 ? 64  CYS A C   1 
ATOM   230 O O   . CYS A 1 28  ? -9.933  9.465   4.479   1.00 11.93 ? 64  CYS A O   1 
ATOM   231 C CB  . CYS A 1 28  ? -8.579  8.640   6.932   1.00 14.23 ? 64  CYS A CB  1 
ATOM   232 S SG  . CYS A 1 28  ? -7.071  9.225   6.150   1.00 14.99 ? 64  CYS A SG  1 
ATOM   233 N N   . ALA A 1 29  ? -10.152 11.503  5.421   1.00 12.44 ? 65  ALA A N   1 
ATOM   234 C CA  . ALA A 1 29  ? -10.464 12.156  4.164   1.00 11.90 ? 65  ALA A CA  1 
ATOM   235 C C   . ALA A 1 29  ? -9.338  12.041  3.149   1.00 11.79 ? 65  ALA A C   1 
ATOM   236 O O   . ALA A 1 29  ? -9.599  11.678  1.998   1.00 11.64 ? 65  ALA A O   1 
ATOM   237 C CB  . ALA A 1 29  ? -10.833 13.623  4.401   1.00 13.77 ? 65  ALA A CB  1 
ATOM   238 N N   . PRO A 1 30  ? -8.085  12.318  3.519   1.00 11.97 ? 66  PRO A N   1 
ATOM   239 C CA  . PRO A 1 30  ? -6.991  12.178  2.565   1.00 12.25 ? 66  PRO A CA  1 
ATOM   240 C C   . PRO A 1 30  ? -6.867  10.729  2.052   1.00 11.69 ? 66  PRO A C   1 
ATOM   241 O O   . PRO A 1 30  ? -6.469  10.467  0.921   1.00 12.48 ? 66  PRO A O   1 
ATOM   242 C CB  . PRO A 1 30  ? -5.747  12.662  3.342   1.00 13.09 ? 66  PRO A CB  1 
ATOM   243 C CG  . PRO A 1 30  ? -6.172  12.690  4.759   1.00 16.08 ? 66  PRO A CG  1 
ATOM   244 C CD  . PRO A 1 30  ? -7.637  12.931  4.790   1.00 13.05 ? 66  PRO A CD  1 
ATOM   245 N N   . CYS A 1 31  ? -7.225  9.771   2.888   1.00 11.54 ? 67  CYS A N   1 
ATOM   246 C CA  . CYS A 1 31  ? -7.172  8.382   2.457   1.00 11.48 ? 67  CYS A CA  1 
ATOM   247 C C   . CYS A 1 31  ? -8.157  8.134   1.326   1.00 11.23 ? 67  CYS A C   1 
ATOM   248 O O   . CYS A 1 31  ? -7.886  7.377   0.404   1.00 11.32 ? 67  CYS A O   1 
ATOM   249 C CB  . CYS A 1 31  ? -7.546  7.426   3.579   1.00 10.80 ? 67  CYS A CB  1 
ATOM   250 S SG  . CYS A 1 31  ? -6.483  7.445   5.047   1.00 13.66 ? 67  CYS A SG  1 
ATOM   251 N N   . LEU A 1 32  ? -9.335  8.750   1.407   1.00 11.34 ? 68  LEU A N   1 
ATOM   252 C CA  . LEU A 1 32  ? -10.333 8.583   0.385   1.00 11.62 ? 68  LEU A CA  1 
ATOM   253 C C   . LEU A 1 32  ? -9.999  9.361   -0.874  1.00 11.25 ? 68  LEU A C   1 
ATOM   254 O O   . LEU A 1 32  ? -10.340 8.902   -1.957  1.00 13.50 ? 68  LEU A O   1 
ATOM   255 C CB  . LEU A 1 32  ? -11.715 8.872   0.927   1.00 11.86 ? 68  LEU A CB  1 
ATOM   256 C CG  . LEU A 1 32  ? -12.148 7.975   2.112   1.00 14.19 ? 68  LEU A CG  1 
ATOM   257 C CD1 . LEU A 1 32  ? -13.619 8.240   2.459   1.00 14.88 ? 68  LEU A CD1 1 
ATOM   258 C CD2 . LEU A 1 32  ? -11.880 6.515   1.829   1.00 17.52 ? 68  LEU A CD2 1 
ATOM   259 N N   . ILE A 1 33  ? -9.240  10.441  -0.764  1.00 12.09 ? 69  ILE A N   1 
ATOM   260 C CA  . ILE A 1 33  ? -8.650  11.074  -1.975  1.00 12.61 ? 69  ILE A CA  1 
ATOM   261 C C   . ILE A 1 33  ? -7.703  10.125  -2.678  1.00 13.17 ? 69  ILE A C   1 
ATOM   262 O O   . ILE A 1 33  ? -7.701  10.003  -3.903  1.00 13.24 ? 69  ILE A O   1 
ATOM   263 C CB  . ILE A 1 33  ? -7.933  12.384  -1.623  1.00 12.92 ? 69  ILE A CB  1 
ATOM   264 C CG1 . ILE A 1 33  ? -8.977  13.403  -1.151  1.00 13.98 ? 69  ILE A CG1 1 
ATOM   265 C CG2 . ILE A 1 33  ? -7.106  12.893  -2.827  1.00 14.38 ? 69  ILE A CG2 1 
ATOM   266 C CD1 . ILE A 1 33  ? -8.396  14.707  -0.798  1.00 16.74 ? 69  ILE A CD1 1 
ATOM   267 N N   . LEU A 1 34  ? -6.903  9.416   -1.897  1.00 11.82 ? 70  LEU A N   1 
ATOM   268 C CA  . LEU A 1 34  ? -5.889  8.522   -2.425  1.00 12.03 ? 70  LEU A CA  1 
ATOM   269 C C   . LEU A 1 34  ? -6.466  7.249   -3.057  1.00 13.11 ? 70  LEU A C   1 
ATOM   270 O O   . LEU A 1 34  ? -5.866  6.671   -3.948  1.00 11.82 ? 70  LEU A O   1 
ATOM   271 C CB  . LEU A 1 34  ? -4.934  8.158   -1.297  1.00 12.44 ? 70  LEU A CB  1 
ATOM   272 C CG  . LEU A 1 34  ? -3.796  7.206   -1.617  1.00 14.76 ? 70  LEU A CG  1 
ATOM   273 C CD1 . LEU A 1 34  ? -2.885  7.753   -2.700  1.00 16.78 ? 70  LEU A CD1 1 
ATOM   274 C CD2 . LEU A 1 34  ? -3.018  6.913   -0.350  1.00 15.49 ? 70  LEU A CD2 1 
ATOM   275 N N   . ALA A 1 35  ? -7.632  6.815   -2.596  1.00 11.79 ? 71  ALA A N   1 
ATOM   276 C CA  . ALA A 1 35  ? -8.212  5.557   -3.047  1.00 12.76 ? 71  ALA A CA  1 
ATOM   277 C C   . ALA A 1 35  ? -8.290  5.430   -4.581  1.00 12.76 ? 71  ALA A C   1 
ATOM   278 O O   . ALA A 1 35  ? -7.800  4.447   -5.159  1.00 13.10 ? 71  ALA A O   1 
ATOM   279 C CB  . ALA A 1 35  ? -9.552  5.332   -2.394  1.00 13.49 ? 71  ALA A CB  1 
ATOM   280 N N   . PRO A 1 36  ? -8.921  6.369   -5.282  1.00 12.65 ? 72  PRO A N   1 
ATOM   281 C CA  . PRO A 1 36  ? -8.934  6.254   -6.756  1.00 12.16 ? 72  PRO A CA  1 
ATOM   282 C C   . PRO A 1 36  ? -7.559  6.297   -7.408  1.00 11.91 ? 72  PRO A C   1 
ATOM   283 O O   . PRO A 1 36  ? -7.344  5.676   -8.441  1.00 12.51 ? 72  PRO A O   1 
ATOM   284 C CB  . PRO A 1 36  ? -9.784  7.445   -7.194  1.00 12.56 ? 72  PRO A CB  1 
ATOM   285 C CG  . PRO A 1 36  ? -9.841  8.348   -5.993  1.00 14.66 ? 72  PRO A CG  1 
ATOM   286 C CD  . PRO A 1 36  ? -9.722  7.513   -4.800  1.00 12.95 ? 72  PRO A CD  1 
ATOM   287 N N   . ILE A 1 37  ? -6.640  7.022   -6.813  1.00 11.76 ? 73  ILE A N   1 
ATOM   288 C CA  . ILE A 1 37  ? -5.284  7.135   -7.348  1.00 11.33 ? 73  ILE A CA  1 
ATOM   289 C C   . ILE A 1 37  ? -4.655  5.739   -7.324  1.00 12.38 ? 73  ILE A C   1 
ATOM   290 O O   . ILE A 1 37  ? -4.057  5.328   -8.324  1.00 12.24 ? 73  ILE A O   1 
ATOM   291 C CB  . ILE A 1 37  ? -4.455  8.151   -6.565  1.00 11.67 ? 73  ILE A CB  1 
ATOM   292 C CG1 . ILE A 1 37  ? -5.056  9.569   -6.734  1.00 12.64 ? 73  ILE A CG1 1 
ATOM   293 C CG2 . ILE A 1 37  ? -3.010  8.145   -7.056  1.00 12.71 ? 73  ILE A CG2 1 
ATOM   294 C CD1 . ILE A 1 37  ? -4.371  10.597  -5.843  1.00 13.85 ? 73  ILE A CD1 1 
ATOM   295 N N   . ILE A 1 38  ? -4.747  5.074   -6.176  1.00 12.75 ? 74  ILE A N   1 
ATOM   296 C CA  . ILE A 1 38  ? -4.184  3.742   -6.003  1.00 13.63 ? 74  ILE A CA  1 
ATOM   297 C C   . ILE A 1 38  ? -4.898  2.730   -6.899  1.00 12.95 ? 74  ILE A C   1 
ATOM   298 O O   . ILE A 1 38  ? -4.246  1.900   -7.480  1.00 13.46 ? 74  ILE A O   1 
ATOM   299 C CB  . ILE A 1 38  ? -4.268  3.341   -4.504  1.00 13.44 ? 74  ILE A CB  1 
ATOM   300 C CG1 . ILE A 1 38  ? -3.222  4.131   -3.707  1.00 16.07 ? 74  ILE A CG1 1 
ATOM   301 C CG2 . ILE A 1 38  ? -4.135  1.808   -4.321  1.00 15.88 ? 74  ILE A CG2 1 
ATOM   302 C CD1 . ILE A 1 38  ? -1.832  3.551   -3.737  1.00 18.27 ? 74  ILE A CD1 1 
ATOM   303 N N   . GLU A 1 39  ? -6.228  2.781   -6.988  1.00 13.38 ? 75  GLU A N   1 
ATOM   304 C CA  . GLU A 1 39  ? -6.993  1.840   -7.797  1.00 13.68 ? 75  GLU A CA  1 
ATOM   305 C C   . GLU A 1 39  ? -6.549  1.922   -9.264  1.00 14.12 ? 75  GLU A C   1 
ATOM   306 O O   . GLU A 1 39  ? -6.366  0.897   -9.939  1.00 14.37 ? 75  GLU A O   1 
ATOM   307 C CB  . GLU A 1 39  ? -8.519  2.124   -7.678  1.00 13.70 ? 75  GLU A CB  1 
ATOM   308 C CG  . GLU A 1 39  ? -9.115  1.752   -6.324  1.00 16.15 ? 75  GLU A CG  1 
ATOM   309 C CD  . GLU A 1 39  ? -10.332 2.563   -5.865  1.00 19.63 ? 75  GLU A CD  1 
ATOM   310 O OE1 . GLU A 1 39  ? -11.013 3.229   -6.681  1.00 18.27 ? 75  GLU A OE1 1 
ATOM   311 O OE2 . GLU A 1 39  ? -10.656 2.512   -4.656  1.00 21.00 ? 75  GLU A OE2 1 
ATOM   312 N N   . GLU A 1 40  ? -6.381  3.140   -9.773  1.00 14.24 ? 76  GLU A N   1 
ATOM   313 C CA  . GLU A 1 40  ? -5.972  3.345   -11.166 1.00 14.81 ? 76  GLU A CA  1 
ATOM   314 C C   . GLU A 1 40  ? -4.524  2.894   -11.379 1.00 14.25 ? 76  GLU A C   1 
ATOM   315 O O   . GLU A 1 40  ? -4.203  2.280   -12.375 1.00 16.70 ? 76  GLU A O   1 
ATOM   316 C CB  . GLU A 1 40  ? -6.260  4.787   -11.638 1.00 14.78 ? 76  GLU A CB  1 
ATOM   317 C CG  . GLU A 1 40  ? -7.750  5.121   -11.536 1.00 17.02 ? 76  GLU A CG  1 
ATOM   318 C CD  . GLU A 1 40  ? -8.159  6.422   -12.201 1.00 17.93 ? 76  GLU A CD  1 
ATOM   319 O OE1 . GLU A 1 40  ? -7.460  6.833   -13.138 1.00 20.73 ? 76  GLU A OE1 1 
ATOM   320 O OE2 . GLU A 1 40  ? -9.196  7.042   -11.786 1.00 17.21 ? 76  GLU A OE2 1 
ATOM   321 N N   . LEU A 1 41  ? -3.640  3.135   -10.416 1.00 14.13 ? 77  LEU A N   1 
ATOM   322 C CA  . LEU A 1 41  ? -2.291  2.599   -10.493 1.00 14.20 ? 77  LEU A CA  1 
ATOM   323 C C   . LEU A 1 41  ? -2.258  1.081   -10.525 1.00 14.08 ? 77  LEU A C   1 
ATOM   324 O O   . LEU A 1 41  ? -1.424  0.514   -11.232 1.00 15.32 ? 77  LEU A O   1 
ATOM   325 C CB  . LEU A 1 41  ? -1.453  3.057   -9.293  1.00 14.63 ? 77  LEU A CB  1 
ATOM   326 C CG  . LEU A 1 41  ? -0.844  4.441   -9.460  1.00 14.25 ? 77  LEU A CG  1 
ATOM   327 C CD1 . LEU A 1 41  ? -0.385  4.839   -8.061  1.00 16.09 ? 77  LEU A CD1 1 
ATOM   328 C CD2 . LEU A 1 41  ? 0.324   4.427   -10.473 1.00 14.16 ? 77  LEU A CD2 1 
ATOM   329 N N   . ALA A 1 42  ? -3.132  0.433   -9.762  1.00 14.64 ? 78  ALA A N   1 
ATOM   330 C CA  . ALA A 1 42  ? -3.181  -1.034  -9.738  1.00 15.61 ? 78  ALA A CA  1 
ATOM   331 C C   . ALA A 1 42  ? -3.509  -1.565  -11.119 1.00 16.74 ? 78  ALA A C   1 
ATOM   332 O O   . ALA A 1 42  ? -2.940  -2.593  -11.559 1.00 17.73 ? 78  ALA A O   1 
ATOM   333 C CB  . ALA A 1 42  ? -4.157  -1.554  -8.716  1.00 15.41 ? 78  ALA A CB  1 
ATOM   334 N N   . GLU A 1 43  ? -4.416  -0.898  -11.819 1.00 17.39 ? 79  GLU A N   1 
ATOM   335 C CA  . GLU A 1 43  ? -4.752  -1.329  -13.181 1.00 19.38 ? 79  GLU A CA  1 
ATOM   336 C C   . GLU A 1 43  ? -3.577  -1.140  -14.155 1.00 18.76 ? 79  GLU A C   1 
ATOM   337 O O   . GLU A 1 43  ? -3.354  -1.947  -15.084 1.00 19.86 ? 79  GLU A O   1 
ATOM   338 C CB  . GLU A 1 43  ? -5.976  -0.553  -13.669 1.00 21.29 ? 79  GLU A CB  1 
ATOM   339 C CG  . GLU A 1 43  ? -7.233  -0.775  -12.861 1.00 26.51 ? 79  GLU A CG  1 
ATOM   340 C CD  . GLU A 1 43  ? -8.486  -0.284  -13.570 1.00 33.04 ? 79  GLU A CD  1 
ATOM   341 O OE1 . GLU A 1 43  ? -8.381  0.230   -14.722 1.00 37.49 ? 79  GLU A OE1 1 
ATOM   342 O OE2 . GLU A 1 43  ? -9.576  -0.417  -12.961 1.00 39.80 ? 79  GLU A OE2 1 
ATOM   343 N N   . ASP A 1 44  ? -2.798  -0.081  -13.967 1.00 18.04 ? 80  ASP A N   1 
ATOM   344 C CA  . ASP A 1 44  ? -1.667  0.228   -14.830 1.00 17.55 ? 80  ASP A CA  1 
ATOM   345 C C   . ASP A 1 44  ? -0.415  -0.599  -14.561 1.00 16.72 ? 80  ASP A C   1 
ATOM   346 O O   . ASP A 1 44  ? 0.477   -0.692  -15.411 1.00 17.81 ? 80  ASP A O   1 
ATOM   347 C CB  . ASP A 1 44  ? -1.289  1.718   -14.724 1.00 18.07 ? 80  ASP A CB  1 
ATOM   348 C CG  . ASP A 1 44  ? -2.368  2.651   -15.261 1.00 21.72 ? 80  ASP A CG  1 
ATOM   349 O OD1 . ASP A 1 44  ? -3.296  2.190   -15.956 1.00 25.70 ? 80  ASP A OD1 1 
ATOM   350 O OD2 . ASP A 1 44  ? -2.376  3.870   -15.010 1.00 25.10 ? 80  ASP A OD2 1 
ATOM   351 N N   . TYR A 1 45  ? -0.315  -1.157  -13.355 1.00 15.16 ? 81  TYR A N   1 
ATOM   352 C CA  . TYR A 1 45  ? 0.831   -1.950  -12.949 1.00 14.92 ? 81  TYR A CA  1 
ATOM   353 C C   . TYR A 1 45  ? 0.429   -3.342  -12.444 1.00 15.03 ? 81  TYR A C   1 
ATOM   354 O O   . TYR A 1 45  ? 0.585   -3.668  -11.273 1.00 13.32 ? 81  TYR A O   1 
ATOM   355 C CB  . TYR A 1 45  ? 1.614   -1.174  -11.856 1.00 14.29 ? 81  TYR A CB  1 
ATOM   356 C CG  . TYR A 1 45  ? 2.371   -0.010  -12.422 1.00 14.29 ? 81  TYR A CG  1 
ATOM   357 C CD1 . TYR A 1 45  ? 3.622   -0.179  -12.986 1.00 14.60 ? 81  TYR A CD1 1 
ATOM   358 C CD2 . TYR A 1 45  ? 1.812   1.269   -12.477 1.00 13.26 ? 81  TYR A CD2 1 
ATOM   359 C CE1 . TYR A 1 45  ? 4.334   0.902   -13.534 1.00 14.27 ? 81  TYR A CE1 1 
ATOM   360 C CE2 . TYR A 1 45  ? 2.497   2.338   -13.063 1.00 16.23 ? 81  TYR A CE2 1 
ATOM   361 C CZ  . TYR A 1 45  ? 3.770   2.154   -13.576 1.00 14.94 ? 81  TYR A CZ  1 
ATOM   362 O OH  . TYR A 1 45  ? 4.436   3.213   -14.158 1.00 17.19 ? 81  TYR A OH  1 
ATOM   363 N N   . PRO A 1 46  ? -0.063  -4.204  -13.343 1.00 15.74 ? 82  PRO A N   1 
ATOM   364 C CA  . PRO A 1 46  ? -0.506  -5.549  -12.970 1.00 15.91 ? 82  PRO A CA  1 
ATOM   365 C C   . PRO A 1 46  ? 0.624   -6.467  -12.506 1.00 15.99 ? 82  PRO A C   1 
ATOM   366 O O   . PRO A 1 46  ? 0.335   -7.501  -11.862 1.00 17.78 ? 82  PRO A O   1 
ATOM   367 C CB  . PRO A 1 46  ? -1.151  -6.079  -14.265 1.00 16.45 ? 82  PRO A CB  1 
ATOM   368 C CG  . PRO A 1 46  ? -0.451  -5.333  -15.310 1.00 15.90 ? 82  PRO A CG  1 
ATOM   369 C CD  . PRO A 1 46  ? -0.249  -3.933  -14.776 1.00 16.59 ? 82  PRO A CD  1 
ATOM   370 N N   . GLN A 1 47  ? 1.860   -6.075  -12.803 1.00 16.40 ? 83  GLN A N   1 
ATOM   371 C CA  . GLN A 1 47  ? 3.054   -6.771  -12.337 1.00 17.41 ? 83  GLN A CA  1 
ATOM   372 C C   . GLN A 1 47  ? 3.441   -6.465  -10.874 1.00 17.04 ? 83  GLN A C   1 
ATOM   373 O O   . GLN A 1 47  ? 4.366   -7.043  -10.338 1.00 17.90 ? 83  GLN A O   1 
ATOM   374 C CB  . GLN A 1 47  ? 4.218   -6.545  -13.310 1.00 19.25 ? 83  GLN A CB  1 
ATOM   375 C CG  . GLN A 1 47  ? 4.824   -5.178  -13.322 1.00 19.92 ? 83  GLN A CG  1 
ATOM   376 C CD  . GLN A 1 47  ? 4.181   -4.168  -14.269 1.00 19.93 ? 83  GLN A CD  1 
ATOM   377 O OE1 . GLN A 1 47  ? 2.974   -3.952  -14.240 1.00 19.76 ? 83  GLN A OE1 1 
ATOM   378 N NE2 . GLN A 1 47  ? 5.009   -3.469  -15.031 1.00 19.88 ? 83  GLN A NE2 1 
ATOM   379 N N   . VAL A 1 48  ? 2.686   -5.577  -10.237 1.00 14.78 ? 84  VAL A N   1 
ATOM   380 C CA  . VAL A 1 48  ? 2.903   -5.179  -8.840  1.00 14.85 ? 84  VAL A CA  1 
ATOM   381 C C   . VAL A 1 48  ? 1.631   -5.536  -8.054  1.00 13.84 ? 84  VAL A C   1 
ATOM   382 O O   . VAL A 1 48  ? 0.505   -5.331  -8.542  1.00 13.73 ? 84  VAL A O   1 
ATOM   383 C CB  . VAL A 1 48  ? 3.162   -3.657  -8.750  1.00 13.98 ? 84  VAL A CB  1 
ATOM   384 C CG1 . VAL A 1 48  ? 3.206   -3.164  -7.307  1.00 13.03 ? 84  VAL A CG1 1 
ATOM   385 C CG2 . VAL A 1 48  ? 4.413   -3.291  -9.454  1.00 15.21 ? 84  VAL A CG2 1 
ATOM   386 N N   . GLY A 1 49  ? 1.792   -6.039  -6.824  1.00 13.68 ? 85  GLY A N   1 
ATOM   387 C CA  . GLY A 1 49  ? 0.656   -6.270  -5.954  1.00 13.54 ? 85  GLY A CA  1 
ATOM   388 C C   . GLY A 1 49  ? 0.240   -4.975  -5.241  1.00 12.58 ? 85  GLY A C   1 
ATOM   389 O O   . GLY A 1 49  ? 1.079   -4.254  -4.753  1.00 13.62 ? 85  GLY A O   1 
ATOM   390 N N   . PHE A 1 50  ? -1.045  -4.662  -5.281  1.00 11.68 ? 86  PHE A N   1 
ATOM   391 C CA  . PHE A 1 50  ? -1.635  -3.541  -4.558  1.00 11.21 ? 86  PHE A CA  1 
ATOM   392 C C   . PHE A 1 50  ? -2.645  -4.079  -3.580  1.00 11.41 ? 86  PHE A C   1 
ATOM   393 O O   . PHE A 1 50  ? -3.530  -4.844  -3.948  1.00 11.36 ? 86  PHE A O   1 
ATOM   394 C CB  . PHE A 1 50  ? -2.309  -2.541  -5.467  1.00 11.08 ? 86  PHE A CB  1 
ATOM   395 C CG  . PHE A 1 50  ? -1.344  -1.778  -6.336  1.00 10.93 ? 86  PHE A CG  1 
ATOM   396 C CD1 . PHE A 1 50  ? -0.968  -0.465  -6.042  1.00 12.08 ? 86  PHE A CD1 1 
ATOM   397 C CD2 . PHE A 1 50  ? -0.802  -2.370  -7.485  1.00 12.10 ? 86  PHE A CD2 1 
ATOM   398 C CE1 . PHE A 1 50  ? -0.076  0.225   -6.834  1.00 14.12 ? 86  PHE A CE1 1 
ATOM   399 C CE2 . PHE A 1 50  ? 0.044   -1.687  -8.264  1.00 12.74 ? 86  PHE A CE2 1 
ATOM   400 C CZ  . PHE A 1 50  ? 0.419   -0.367  -7.969  1.00 12.25 ? 86  PHE A CZ  1 
ATOM   401 N N   . GLY A 1 51  ? -2.569  -3.648  -2.337  1.00 11.49 ? 87  GLY A N   1 
ATOM   402 C CA  . GLY A 1 51  ? -3.511  -4.022  -1.308  1.00 12.05 ? 87  GLY A CA  1 
ATOM   403 C C   . GLY A 1 51  ? -3.887  -2.860  -0.413  1.00 11.94 ? 87  GLY A C   1 
ATOM   404 O O   . GLY A 1 51  ? -3.155  -1.866  -0.317  1.00 11.64 ? 87  GLY A O   1 
ATOM   405 N N   . LYS A 1 52  ? -5.068  -2.955  0.198   1.00 12.16 ? 88  LYS A N   1 
ATOM   406 C CA  . LYS A 1 52  ? -5.591  -1.987  1.152   1.00 12.03 ? 88  LYS A CA  1 
ATOM   407 C C   . LYS A 1 52  ? -5.707  -2.662  2.491   1.00 12.11 ? 88  LYS A C   1 
ATOM   408 O O   . LYS A 1 52  ? -6.312  -3.741  2.604   1.00 12.38 ? 88  LYS A O   1 
ATOM   409 C CB  . LYS A 1 52  ? -6.951  -1.461  0.698   1.00 12.02 ? 88  LYS A CB  1 
ATOM   410 C CG  . LYS A 1 52  ? -6.939  -0.392  -0.380  1.00 17.08 ? 88  LYS A CG  1 
ATOM   411 C CD  . LYS A 1 52  ? -8.365  -0.012  -0.791  1.00 20.44 ? 88  LYS A CD  1 
ATOM   412 C CE  . LYS A 1 52  ? -8.445  0.949   -1.961  1.00 22.45 ? 88  LYS A CE  1 
ATOM   413 N NZ  . LYS A 1 52  ? -9.878  0.999   -2.473  1.00 21.06 ? 88  LYS A NZ  1 
ATOM   414 N N   . LEU A 1 53  ? -5.178  -2.024  3.534   1.00 11.44 ? 89  LEU A N   1 
ATOM   415 C CA  . LEU A 1 53  ? -5.218  -2.514  4.908   1.00 12.04 ? 89  LEU A CA  1 
ATOM   416 C C   . LEU A 1 53  ? -5.951  -1.463  5.729   1.00 12.43 ? 89  LEU A C   1 
ATOM   417 O O   . LEU A 1 53  ? -5.480  -0.354  5.928   1.00 11.19 ? 89  LEU A O   1 
ATOM   418 C CB  . LEU A 1 53  ? -3.808  -2.699  5.457   1.00 12.50 ? 89  LEU A CB  1 
ATOM   419 C CG  . LEU A 1 53  ? -3.624  -3.488  6.752   1.00 13.99 ? 89  LEU A CG  1 
ATOM   420 C CD1 . LEU A 1 53  ? -4.129  -2.652  7.957   1.00 13.27 ? 89  LEU A CD1 1 
ATOM   421 C CD2 . LEU A 1 53  ? -4.304  -4.851  6.691   1.00 15.67 ? 89  LEU A CD2 1 
ATOM   422 N N   . ASN A 1 54  ? -7.173  -1.763  6.125   1.00 10.78 ? 90  ASN A N   1 
ATOM   423 C CA  . ASN A 1 54  ? -7.979  -0.874  6.953   1.00 10.50 ? 90  ASN A CA  1 
ATOM   424 C C   . ASN A 1 54  ? -7.481  -0.961  8.379   1.00 10.89 ? 90  ASN A C   1 
ATOM   425 O O   . ASN A 1 54  ? -7.525  -2.024  8.992   1.00 12.06 ? 90  ASN A O   1 
ATOM   426 C CB  . ASN A 1 54  ? -9.447  -1.289  6.860   1.00 11.15 ? 90  ASN A CB  1 
ATOM   427 C CG  . ASN A 1 54  ? -10.345 -0.375  7.654   1.00 10.69 ? 90  ASN A CG  1 
ATOM   428 O OD1 . ASN A 1 54  ? -10.210 -0.275  8.850   1.00 13.20 ? 90  ASN A OD1 1 
ATOM   429 N ND2 . ASN A 1 54  ? -11.209 0.383   6.975   1.00 15.26 ? 90  ASN A ND2 1 
ATOM   430 N N   . SER A 1 55  ? -7.008  0.159   8.924   1.00 11.02 ? 91  SER A N   1 
ATOM   431 C CA  . SER A 1 55  ? -6.387  0.192   10.243  1.00 11.79 ? 91  SER A CA  1 
ATOM   432 C C   . SER A 1 55  ? -7.398  0.085   11.380  1.00 12.72 ? 91  SER A C   1 
ATOM   433 O O   . SER A 1 55  ? -7.002  -0.288  12.487  1.00 12.53 ? 91  SER A O   1 
ATOM   434 C CB  . SER A 1 55  ? -5.537  1.456   10.403  1.00 11.97 ? 91  SER A CB  1 
ATOM   435 O OG  . SER A 1 55  ? -6.309  2.600   10.137  1.00 14.26 ? 91  SER A OG  1 
ATOM   436 N N   . ASP A 1 56  ? -8.661  0.437   11.127  1.00 13.50 ? 92  ASP A N   1 
ATOM   437 C CA  . ASP A 1 56  ? -9.708  0.219   12.146  1.00 15.22 ? 92  ASP A CA  1 
ATOM   438 C C   . ASP A 1 56  ? -9.949  -1.270  12.352  1.00 16.25 ? 92  ASP A C   1 
ATOM   439 O O   . ASP A 1 56  ? -10.094 -1.738  13.510  1.00 17.96 ? 92  ASP A O   1 
ATOM   440 C CB  . ASP A 1 56  ? -11.046 0.879   11.774  1.00 16.07 ? 92  ASP A CB  1 
ATOM   441 C CG  . ASP A 1 56  ? -11.024 2.415   11.767  1.00 16.21 ? 92  ASP A CG  1 
ATOM   442 O OD1 . ASP A 1 56  ? -10.151 3.074   12.343  1.00 17.79 ? 92  ASP A OD1 1 
ATOM   443 O OD2 . ASP A 1 56  ? -11.887 3.054   11.132  1.00 18.60 ? 92  ASP A OD2 1 
ATOM   444 N N   . GLU A 1 57  ? -10.001 -1.996  11.235  1.00 15.72 ? 93  GLU A N   1 
ATOM   445 C CA  . GLU A 1 57  ? -10.264 -3.423  11.229  1.00 16.50 ? 93  GLU A CA  1 
ATOM   446 C C   . GLU A 1 57  ? -9.049  -4.244  11.630  1.00 16.32 ? 93  GLU A C   1 
ATOM   447 O O   . GLU A 1 57  ? -9.216  -5.336  12.175  1.00 17.31 ? 93  GLU A O   1 
ATOM   448 C CB  . GLU A 1 57  ? -10.853 -3.822  9.881   1.00 18.00 ? 93  GLU A CB  1 
ATOM   449 C CG  . GLU A 1 57  ? -12.213 -3.120  9.737   1.00 19.28 ? 93  GLU A CG  1 
ATOM   450 C CD  . GLU A 1 57  ? -12.806 -3.007  8.352   1.00 21.27 ? 93  GLU A CD  1 
ATOM   451 O OE1 . GLU A 1 57  ? -13.953 -2.481  8.308   1.00 26.25 ? 93  GLU A OE1 1 
ATOM   452 O OE2 . GLU A 1 57  ? -12.194 -3.411  7.332   1.00 21.22 ? 93  GLU A OE2 1 
ATOM   453 N N   . ASN A 1 58  ? -7.838  -3.731  11.377  1.00 14.99 ? 94  ASN A N   1 
ATOM   454 C CA  . ASN A 1 58  ? -6.595  -4.462  11.627  1.00 14.78 ? 94  ASN A CA  1 
ATOM   455 C C   . ASN A 1 58  ? -5.593  -3.580  12.359  1.00 15.09 ? 94  ASN A C   1 
ATOM   456 O O   . ASN A 1 58  ? -4.495  -3.303  11.829  1.00 14.53 ? 94  ASN A O   1 
ATOM   457 C CB  . ASN A 1 58  ? -5.989  -4.953  10.309  1.00 15.12 ? 94  ASN A CB  1 
ATOM   458 C CG  . ASN A 1 58  ? -6.955  -5.774  9.483   1.00 18.95 ? 94  ASN A CG  1 
ATOM   459 O OD1 . ASN A 1 58  ? -7.126  -6.970  9.722   1.00 24.61 ? 94  ASN A OD1 1 
ATOM   460 N ND2 . ASN A 1 58  ? -7.619  -5.136  8.541   1.00 19.92 ? 94  ASN A ND2 1 
ATOM   461 N N   . PRO A 1 59  ? -5.939  -3.107  13.553  1.00 15.31 ? 95  PRO A N   1 
ATOM   462 C CA  . PRO A 1 59  ? -5.060  -2.168  14.239  1.00 15.52 ? 95  PRO A CA  1 
ATOM   463 C C   . PRO A 1 59  ? -3.683  -2.757  14.562  1.00 15.78 ? 95  PRO A C   1 
ATOM   464 O O   . PRO A 1 59  ? -2.690  -2.037  14.604  1.00 15.80 ? 95  PRO A O   1 
ATOM   465 C CB  . PRO A 1 59  ? -5.863  -1.813  15.502  1.00 15.49 ? 95  PRO A CB  1 
ATOM   466 C CG  . PRO A 1 59  ? -6.738  -2.932  15.712  1.00 16.67 ? 95  PRO A CG  1 
ATOM   467 C CD  . PRO A 1 59  ? -7.148  -3.405  14.352  1.00 15.54 ? 95  PRO A CD  1 
ATOM   468 N N   . ASP A 1 60  ? -3.618  -4.048  14.811  1.00 16.85 ? 96  ASP A N   1 
ATOM   469 C CA  . ASP A 1 60  ? -2.342  -4.650  15.144  1.00 17.98 ? 96  ASP A CA  1 
ATOM   470 C C   . ASP A 1 60  ? -1.397  -4.666  13.948  1.00 17.08 ? 96  ASP A C   1 
ATOM   471 O O   . ASP A 1 60  ? -0.190  -4.477  14.115  1.00 17.26 ? 96  ASP A O   1 
ATOM   472 C CB  . ASP A 1 60  ? -2.551  -6.050  15.690  1.00 18.98 ? 96  ASP A CB  1 
ATOM   473 C CG  . ASP A 1 60  ? -3.250  -6.059  17.044  1.00 22.04 ? 96  ASP A CG  1 
ATOM   474 O OD1 . ASP A 1 60  ? -3.520  -4.973  17.632  1.00 29.38 ? 96  ASP A OD1 1 
ATOM   475 O OD2 . ASP A 1 60  ? -3.569  -7.130  17.589  1.00 30.87 ? 96  ASP A OD2 1 
ATOM   476 N N   . ILE A 1 61  ? -1.935  -4.830  12.740  1.00 16.13 ? 97  ILE A N   1 
ATOM   477 C CA  . ILE A 1 61  ? -1.069  -4.781  11.553  1.00 15.90 ? 97  ILE A CA  1 
ATOM   478 C C   . ILE A 1 61  ? -0.548  -3.365  11.264  1.00 15.09 ? 97  ILE A C   1 
ATOM   479 O O   . ILE A 1 61  ? 0.600   -3.168  10.921  1.00 14.16 ? 97  ILE A O   1 
ATOM   480 C CB  . ILE A 1 61  ? -1.744  -5.387  10.320  1.00 15.12 ? 97  ILE A CB  1 
ATOM   481 C CG1 . ILE A 1 61  ? -2.108  -6.847  10.583  1.00 17.43 ? 97  ILE A CG1 1 
ATOM   482 C CG2 . ILE A 1 61  ? -0.841  -5.291  9.098   1.00 15.42 ? 97  ILE A CG2 1 
ATOM   483 C CD1 . ILE A 1 61  ? -2.875  -7.480  9.469   1.00 17.60 ? 97  ILE A CD1 1 
ATOM   484 N N   . ALA A 1 62  ? -1.408  -2.354  11.384  1.00 13.62 ? 98  ALA A N   1 
ATOM   485 C CA  . ALA A 1 62  ? -0.945  -1.003  11.292  1.00 13.63 ? 98  ALA A CA  1 
ATOM   486 C C   . ALA A 1 62  ? 0.159   -0.719  12.330  1.00 13.84 ? 98  ALA A C   1 
ATOM   487 O O   . ALA A 1 62  ? 1.163   -0.139  12.005  1.00 13.31 ? 98  ALA A O   1 
ATOM   488 C CB  . ALA A 1 62  ? -2.136  -0.022  11.464  1.00 13.01 ? 98  ALA A CB  1 
ATOM   489 N N   . ALA A 1 63  ? -0.072  -1.079  13.588  1.00 14.72 ? 99  ALA A N   1 
ATOM   490 C CA  . ALA A 1 63  ? 0.923   -0.820  14.628  1.00 15.09 ? 99  ALA A CA  1 
ATOM   491 C C   . ALA A 1 63  ? 2.255   -1.524  14.352  1.00 14.33 ? 99  ALA A C   1 
ATOM   492 O O   . ALA A 1 63  ? 3.328   -0.927  14.511  1.00 16.24 ? 99  ALA A O   1 
ATOM   493 C CB  . ALA A 1 63  ? 0.411   -1.247  15.987  1.00 14.72 ? 99  ALA A CB  1 
ATOM   494 N N   . ARG A 1 64  ? 2.139   -2.766  13.905  1.00 15.16 ? 100 ARG A N   1 
ATOM   495 C CA  . ARG A 1 64  ? 3.264   -3.629  13.574  1.00 15.51 ? 100 ARG A CA  1 
ATOM   496 C C   . ARG A 1 64  ? 4.182   -2.923  12.627  1.00 15.18 ? 100 ARG A C   1 
ATOM   497 O O   . ARG A 1 64  ? 5.395   -2.959  12.797  1.00 16.10 ? 100 ARG A O   1 
ATOM   498 C CB  . ARG A 1 64  ? 2.763   -4.893  12.894  1.00 14.87 ? 100 ARG A CB  1 
ATOM   499 C CG  . ARG A 1 64  ? 3.878   -5.924  12.567  1.00 16.65 ? 100 ARG A CG  1 
ATOM   500 C CD  . ARG A 1 64  ? 3.396   -7.128  11.807  1.00 16.27 ? 100 ARG A CD  1 
ATOM   501 N NE  . ARG A 1 64  ? 2.294   -7.728  12.549  1.00 19.85 ? 100 ARG A NE  1 
ATOM   502 C CZ  . ARG A 1 64  ? 1.371   -8.530  12.057  1.00 21.06 ? 100 ARG A CZ  1 
ATOM   503 N NH1 . ARG A 1 64  ? 1.396   -8.935  10.789  1.00 20.93 ? 100 ARG A NH1 1 
ATOM   504 N NH2 . ARG A 1 64  ? 0.386   -8.935  12.851  1.00 22.55 ? 100 ARG A NH2 1 
ATOM   505 N N   . TYR A 1 65  ? 3.609   -2.272  11.615  1.00 14.95 ? 101 TYR A N   1 
ATOM   506 C CA  . TYR A 1 65  ? 4.400   -1.595  10.594  1.00 13.98 ? 101 TYR A CA  1 
ATOM   507 C C   . TYR A 1 65  ? 4.706   -0.106  10.891  1.00 14.82 ? 101 TYR A C   1 
ATOM   508 O O   . TYR A 1 65  ? 5.193   0.622   10.026  1.00 16.60 ? 101 TYR A O   1 
ATOM   509 C CB  . TYR A 1 65  ? 3.781   -1.820  9.180   1.00 13.26 ? 101 TYR A CB  1 
ATOM   510 C CG  . TYR A 1 65  ? 3.982   -3.219  8.641   1.00 12.39 ? 101 TYR A CG  1 
ATOM   511 C CD1 . TYR A 1 65  ? 2.985   -4.163  8.653   1.00 13.24 ? 101 TYR A CD1 1 
ATOM   512 C CD2 . TYR A 1 65  ? 5.208   -3.593  8.108   1.00 13.31 ? 101 TYR A CD2 1 
ATOM   513 C CE1 . TYR A 1 65  ? 3.185   -5.437  8.182   1.00 12.68 ? 101 TYR A CE1 1 
ATOM   514 C CE2 . TYR A 1 65  ? 5.423   -4.857  7.639   1.00 11.20 ? 101 TYR A CE2 1 
ATOM   515 C CZ  . TYR A 1 65  ? 4.431   -5.783  7.686   1.00 12.35 ? 101 TYR A CZ  1 
ATOM   516 O OH  . TYR A 1 65  ? 4.616   -7.082  7.179   1.00 13.92 ? 101 TYR A OH  1 
ATOM   517 N N   . GLY A 1 66  ? 4.443   0.336   12.130  1.00 15.64 ? 102 GLY A N   1 
ATOM   518 C CA  . GLY A 1 66  ? 4.763   1.675   12.608  1.00 15.91 ? 102 GLY A CA  1 
ATOM   519 C C   . GLY A 1 66  ? 3.866   2.769   12.088  1.00 16.06 ? 102 GLY A C   1 
ATOM   520 O O   . GLY A 1 66  ? 4.257   3.943   12.062  1.00 17.61 ? 102 GLY A O   1 
ATOM   521 N N   . VAL A 1 67  ? 2.681   2.386   11.618  1.00 16.24 ? 103 VAL A N   1 
ATOM   522 C CA  . VAL A 1 67  ? 1.767   3.342   11.009  1.00 16.44 ? 103 VAL A CA  1 
ATOM   523 C C   . VAL A 1 67  ? 1.087   4.143   12.120  1.00 17.63 ? 103 VAL A C   1 
ATOM   524 O O   . VAL A 1 67  ? 0.325   3.601   12.915  1.00 19.35 ? 103 VAL A O   1 
ATOM   525 C CB  . VAL A 1 67  ? 0.732   2.599   10.126  1.00 15.28 ? 103 VAL A CB  1 
ATOM   526 C CG1 . VAL A 1 67  ? -0.339  3.556   9.590   1.00 16.20 ? 103 VAL A CG1 1 
ATOM   527 C CG2 . VAL A 1 67  ? 1.458   1.891   8.996   1.00 15.63 ? 103 VAL A CG2 1 
ATOM   528 N N   . MET A 1 68  ? 1.367   5.432   12.134  1.00 17.85 ? 104 MET A N   1 
ATOM   529 C CA  . MET A 1 68  ? 0.881   6.298   13.195  1.00 19.56 ? 104 MET A CA  1 
ATOM   530 C C   . MET A 1 68  ? 0.003   7.399   12.695  1.00 18.82 ? 104 MET A C   1 
ATOM   531 O O   . MET A 1 68  ? -0.557  8.137   13.487  1.00 17.53 ? 104 MET A O   1 
ATOM   532 C CB  . MET A 1 68  ? 2.064   6.929   13.923  1.00 22.14 ? 104 MET A CB  1 
ATOM   533 C CG  . MET A 1 68  ? 3.086   5.956   14.513  1.00 27.40 ? 104 MET A CG  1 
ATOM   534 S SD  . MET A 1 68  ? 2.422   4.572   15.458  1.00 41.91 ? 104 MET A SD  1 
ATOM   535 C CE  . MET A 1 68  ? 1.394   5.339   16.610  1.00 38.71 ? 104 MET A CE  1 
ATOM   536 N N   . SER A 1 69  ? -0.082  7.574   11.392  1.00 17.29 ? 105 SER A N   1 
ATOM   537 C CA  . SER A 1 69  ? -1.063  8.470   10.838  1.00 18.08 ? 105 SER A CA  1 
ATOM   538 C C   . SER A 1 69  ? -1.367  7.978   9.452   1.00 15.84 ? 105 SER A C   1 
ATOM   539 O O   . SER A 1 69  ? -0.627  7.186   8.875   1.00 15.93 ? 105 SER A O   1 
ATOM   540 C CB  . SER A 1 69  ? -0.607  9.916   10.809  1.00 20.55 ? 105 SER A CB  1 
ATOM   541 O OG  . SER A 1 69  ? 0.443   10.113  9.894   1.00 24.27 ? 105 SER A OG  1 
ATOM   542 N N   . LEU A 1 70  ? -2.508  8.397   8.985   1.00 14.56 ? 106 LEU A N   1 
ATOM   543 C CA  . LEU A 1 70  ? -3.041  7.960   7.699   1.00 13.88 ? 106 LEU A CA  1 
ATOM   544 C C   . LEU A 1 70  ? -3.193  9.125   6.746   1.00 15.69 ? 106 LEU A C   1 
ATOM   545 O O   . LEU A 1 70  ? -3.425  10.263  7.190   1.00 17.17 ? 106 LEU A O   1 
ATOM   546 C CB  . LEU A 1 70  ? -4.396  7.338   7.904   1.00 13.53 ? 106 LEU A CB  1 
ATOM   547 C CG  . LEU A 1 70  ? -4.539  6.160   8.854   1.00 12.19 ? 106 LEU A CG  1 
ATOM   548 C CD1 . LEU A 1 70  ? -5.970  5.674   8.909   1.00 14.83 ? 106 LEU A CD1 1 
ATOM   549 C CD2 . LEU A 1 70  ? -3.637  4.980   8.507   1.00 12.47 ? 106 LEU A CD2 1 
ATOM   550 N N   . PRO A 1 71  ? -3.082  8.889   5.439   1.00 15.82 ? 107 PRO A N   1 
ATOM   551 C CA  . PRO A 1 71  ? -2.684  7.616   4.819   1.00 15.12 ? 107 PRO A CA  1 
ATOM   552 C C   . PRO A 1 71  ? -1.218  7.299   5.057   1.00 13.65 ? 107 PRO A C   1 
ATOM   553 O O   . PRO A 1 71  ? -0.445  8.215   5.219   1.00 15.28 ? 107 PRO A O   1 
ATOM   554 C CB  . PRO A 1 71  ? -2.858  7.892   3.309   1.00 15.54 ? 107 PRO A CB  1 
ATOM   555 C CG  . PRO A 1 71  ? -3.309  9.225   3.151   1.00 18.01 ? 107 PRO A CG  1 
ATOM   556 C CD  . PRO A 1 71  ? -3.274  9.970   4.451   1.00 17.23 ? 107 PRO A CD  1 
ATOM   557 N N   . THR A 1 72  ? -0.875  6.024   5.098   1.00 11.84 ? 108 THR A N   1 
ATOM   558 C CA  . THR A 1 72  ? 0.516   5.591   4.936   1.00 11.19 ? 108 THR A CA  1 
ATOM   559 C C   . THR A 1 72  ? 0.535   4.533   3.863   1.00 9.83  ? 108 THR A C   1 
ATOM   560 O O   . THR A 1 72  ? -0.266  3.609   3.887   1.00 11.36 ? 108 THR A O   1 
ATOM   561 C CB  . THR A 1 72  ? 1.096   5.053   6.211   1.00 10.70 ? 108 THR A CB  1 
ATOM   562 O OG1 . THR A 1 72  ? 1.225   6.109   7.158   1.00 13.31 ? 108 THR A OG1 1 
ATOM   563 C CG2 . THR A 1 72  ? 2.543   4.585   5.974   1.00 13.34 ? 108 THR A CG2 1 
ATOM   564 N N   . VAL A 1 73  ? 1.455   4.652   2.916   1.00 9.50  ? 109 VAL A N   1 
ATOM   565 C CA  . VAL A 1 73  ? 1.634   3.679   1.845   1.00 9.74  ? 109 VAL A CA  1 
ATOM   566 C C   . VAL A 1 73  ? 3.017   3.075   2.047   1.00 9.62  ? 109 VAL A C   1 
ATOM   567 O O   . VAL A 1 73  ? 4.001   3.788   2.043   1.00 10.36 ? 109 VAL A O   1 
ATOM   568 C CB  . VAL A 1 73  ? 1.560   4.325   0.457   1.00 9.46  ? 109 VAL A CB  1 
ATOM   569 C CG1 . VAL A 1 73  ? 1.810   3.297   -0.588  1.00 10.72 ? 109 VAL A CG1 1 
ATOM   570 C CG2 . VAL A 1 73  ? 0.199   4.969   0.229   1.00 10.67 ? 109 VAL A CG2 1 
ATOM   571 N N   . ILE A 1 74  ? 3.076   1.753   2.203   1.00 9.14  ? 110 ILE A N   1 
ATOM   572 C CA  . ILE A 1 74  ? 4.327   1.042   2.408   1.00 8.84  ? 110 ILE A CA  1 
ATOM   573 C C   . ILE A 1 74  ? 4.646   0.202   1.178   1.00 9.17  ? 110 ILE A C   1 
ATOM   574 O O   . ILE A 1 74  ? 3.778   -0.529  0.645   1.00 9.60  ? 110 ILE A O   1 
ATOM   575 C CB  . ILE A 1 74  ? 4.293   0.185   3.684   1.00 9.61  ? 110 ILE A CB  1 
ATOM   576 C CG1 . ILE A 1 74  ? 3.988   1.071   4.911   1.00 11.14 ? 110 ILE A CG1 1 
ATOM   577 C CG2 . ILE A 1 74  ? 5.647   -0.517  3.884   1.00 11.00 ? 110 ILE A CG2 1 
ATOM   578 C CD1 . ILE A 1 74  ? 4.046   0.393   6.264   1.00 13.22 ? 110 ILE A CD1 1 
ATOM   579 N N   . PHE A 1 75  ? 5.901   0.266   0.735   1.00 9.64  ? 111 PHE A N   1 
ATOM   580 C CA  . PHE A 1 75  ? 6.397   -0.461  -0.417  1.00 9.61  ? 111 PHE A CA  1 
ATOM   581 C C   . PHE A 1 75  ? 7.205   -1.636  0.072   1.00 10.33 ? 111 PHE A C   1 
ATOM   582 O O   . PHE A 1 75  ? 8.040   -1.459  0.965   1.00 10.35 ? 111 PHE A O   1 
ATOM   583 C CB  . PHE A 1 75  ? 7.280   0.443   -1.278  1.00 9.27  ? 111 PHE A CB  1 
ATOM   584 C CG  . PHE A 1 75  ? 6.554   1.658   -1.829  1.00 9.91  ? 111 PHE A CG  1 
ATOM   585 C CD1 . PHE A 1 75  ? 6.024   1.685   -3.116  1.00 10.68 ? 111 PHE A CD1 1 
ATOM   586 C CD2 . PHE A 1 75  ? 6.296   2.738   -1.001  1.00 10.48 ? 111 PHE A CD2 1 
ATOM   587 C CE1 . PHE A 1 75  ? 5.300   2.761   -3.575  1.00 11.13 ? 111 PHE A CE1 1 
ATOM   588 C CE2 . PHE A 1 75  ? 5.582   3.836   -1.475  1.00 10.97 ? 111 PHE A CE2 1 
ATOM   589 C CZ  . PHE A 1 75  ? 5.100   3.842   -2.778  1.00 12.06 ? 111 PHE A CZ  1 
ATOM   590 N N   . PHE A 1 76  ? 6.915   -2.811  -0.476  1.00 10.22 ? 112 PHE A N   1 
ATOM   591 C CA  . PHE A 1 76  ? 7.565   -4.064  -0.112  1.00 10.41 ? 112 PHE A CA  1 
ATOM   592 C C   . PHE A 1 76  ? 8.325   -4.633  -1.299  1.00 11.42 ? 112 PHE A C   1 
ATOM   593 O O   . PHE A 1 76  ? 7.888   -4.544  -2.439  1.00 11.80 ? 112 PHE A O   1 
ATOM   594 C CB  . PHE A 1 76  ? 6.545   -5.103  0.338   1.00 10.88 ? 112 PHE A CB  1 
ATOM   595 C CG  . PHE A 1 76  ? 5.845   -4.779  1.624   1.00 10.25 ? 112 PHE A CG  1 
ATOM   596 C CD1 . PHE A 1 76  ? 6.212   -5.427  2.804   1.00 11.99 ? 112 PHE A CD1 1 
ATOM   597 C CD2 . PHE A 1 76  ? 4.813   -3.855  1.679   1.00 11.00 ? 112 PHE A CD2 1 
ATOM   598 C CE1 . PHE A 1 76  ? 5.590   -5.170  3.993   1.00 11.03 ? 112 PHE A CE1 1 
ATOM   599 C CE2 . PHE A 1 76  ? 4.171   -3.586  2.886   1.00 13.37 ? 112 PHE A CE2 1 
ATOM   600 C CZ  . PHE A 1 76  ? 4.557   -4.237  4.039   1.00 12.35 ? 112 PHE A CZ  1 
ATOM   601 N N   . LYS A 1 77  ? 9.443   -5.270  -0.990  1.00 11.32 ? 113 LYS A N   1 
ATOM   602 C CA  . LYS A 1 77  ? 10.159  -6.101  -1.946  1.00 11.84 ? 113 LYS A CA  1 
ATOM   603 C C   . LYS A 1 77  ? 10.495  -7.430  -1.277  1.00 11.58 ? 113 LYS A C   1 
ATOM   604 O O   . LYS A 1 77  ? 11.079  -7.446  -0.197  1.00 11.75 ? 113 LYS A O   1 
ATOM   605 C CB  . LYS A 1 77  ? 11.415  -5.424  -2.482  1.00 13.00 ? 113 LYS A CB  1 
ATOM   606 C CG  . LYS A 1 77  ? 12.271  -6.306  -3.397  1.00 14.36 ? 113 LYS A CG  1 
ATOM   607 C CD  . LYS A 1 77  ? 13.373  -5.508  -4.075  1.00 18.16 ? 113 LYS A CD  1 
ATOM   608 C CE  . LYS A 1 77  ? 14.326  -6.366  -4.890  1.00 22.27 ? 113 LYS A CE  1 
ATOM   609 N NZ  . LYS A 1 77  ? 15.276  -5.590  -5.711  1.00 25.09 ? 113 LYS A NZ  1 
ATOM   610 N N   . ASP A 1 78  ? 10.059  -8.538  -1.867  1.00 12.22 ? 114 ASP A N   1 
ATOM   611 C CA  . ASP A 1 78  ? 10.329  -9.853  -1.300  1.00 12.54 ? 114 ASP A CA  1 
ATOM   612 C C   . ASP A 1 78  ? 9.877   -9.974  0.160   1.00 12.29 ? 114 ASP A C   1 
ATOM   613 O O   . ASP A 1 78  ? 10.559  -10.571 1.010   1.00 12.07 ? 114 ASP A O   1 
ATOM   614 C CB  . ASP A 1 78  ? 11.830  -10.196 -1.411  1.00 12.58 ? 114 ASP A CB  1 
ATOM   615 C CG  . ASP A 1 78  ? 12.304  -10.273 -2.820  1.00 15.68 ? 114 ASP A CG  1 
ATOM   616 O OD1 . ASP A 1 78  ? 11.494  -10.662 -3.690  1.00 19.12 ? 114 ASP A OD1 1 
ATOM   617 O OD2 . ASP A 1 78  ? 13.447  -9.964  -3.140  1.00 19.28 ? 114 ASP A OD2 1 
ATOM   618 N N   . GLY A 1 79  ? 8.741   -9.335  0.455   1.00 12.11 ? 115 GLY A N   1 
ATOM   619 C CA  . GLY A 1 79  ? 8.126   -9.423  1.765   1.00 11.72 ? 115 GLY A CA  1 
ATOM   620 C C   . GLY A 1 79  ? 8.630   -8.452  2.803   1.00 11.65 ? 115 GLY A C   1 
ATOM   621 O O   . GLY A 1 79  ? 8.088   -8.386  3.902   1.00 12.62 ? 115 GLY A O   1 
ATOM   622 N N   . GLU A 1 80  ? 9.629   -7.660  2.442   1.00 10.70 ? 116 GLU A N   1 
ATOM   623 C CA  . GLU A 1 80  ? 10.274  -6.697  3.350   1.00 11.02 ? 116 GLU A CA  1 
ATOM   624 C C   . GLU A 1 80  ? 9.742   -5.299  3.103   1.00 10.72 ? 116 GLU A C   1 
ATOM   625 O O   . GLU A 1 80  ? 9.736   -4.836  1.957   1.00 10.72 ? 116 GLU A O   1 
ATOM   626 C CB  . GLU A 1 80  ? 11.778  -6.692  3.100   1.00 11.39 ? 116 GLU A CB  1 
ATOM   627 C CG  . GLU A 1 80  ? 12.583  -5.723  3.971   1.00 13.67 ? 116 GLU A CG  1 
ATOM   628 C CD  . GLU A 1 80  ? 14.000  -5.518  3.423   1.00 16.95 ? 116 GLU A CD  1 
ATOM   629 O OE1 . GLU A 1 80  ? 14.522  -6.429  2.753   1.00 16.95 ? 116 GLU A OE1 1 
ATOM   630 O OE2 . GLU A 1 80  ? 14.590  -4.421  3.603   1.00 21.42 ? 116 GLU A OE2 1 
ATOM   631 N N   . PRO A 1 81  ? 9.333   -4.569  4.147   1.00 10.32 ? 117 PRO A N   1 
ATOM   632 C CA  . PRO A 1 81  ? 8.948   -3.180  3.941   1.00 10.83 ? 117 PRO A CA  1 
ATOM   633 C C   . PRO A 1 81  ? 10.211  -2.388  3.704   1.00 12.30 ? 117 PRO A C   1 
ATOM   634 O O   . PRO A 1 81  ? 11.048  -2.284  4.609   1.00 15.05 ? 117 PRO A O   1 
ATOM   635 C CB  . PRO A 1 81  ? 8.304   -2.769  5.271   1.00 10.80 ? 117 PRO A CB  1 
ATOM   636 C CG  . PRO A 1 81  ? 8.911   -3.680  6.294   1.00 11.31 ? 117 PRO A CG  1 
ATOM   637 C CD  . PRO A 1 81  ? 9.222   -4.960  5.551   1.00 10.89 ? 117 PRO A CD  1 
ATOM   638 N N   . VAL A 1 82  ? 10.368  -1.825  2.526   1.00 12.12 ? 118 VAL A N   1 
ATOM   639 C CA  . VAL A 1 82  ? 11.621  -1.128  2.162   1.00 13.26 ? 118 VAL A CA  1 
ATOM   640 C C   . VAL A 1 82  ? 11.527  0.381   2.160   1.00 13.69 ? 118 VAL A C   1 
ATOM   641 O O   . VAL A 1 82  ? 12.545  1.051   2.269   1.00 14.99 ? 118 VAL A O   1 
ATOM   642 C CB  . VAL A 1 82  ? 12.160  -1.618  0.783   1.00 13.60 ? 118 VAL A CB  1 
ATOM   643 C CG1 . VAL A 1 82  ? 12.523  -3.071  0.865   1.00 14.79 ? 118 VAL A CG1 1 
ATOM   644 C CG2 . VAL A 1 82  ? 11.177  -1.354  -0.353  1.00 14.10 ? 118 VAL A CG2 1 
ATOM   645 N N   . ASP A 1 83  ? 10.324  0.941   2.056   1.00 13.72 ? 119 ASP A N   1 
ATOM   646 C CA  . ASP A 1 83  ? 10.159  2.375   2.041   1.00 13.86 ? 119 ASP A CA  1 
ATOM   647 C C   . ASP A 1 83  ? 8.677   2.713   2.250   1.00 13.79 ? 119 ASP A C   1 
ATOM   648 O O   . ASP A 1 83  ? 7.844   1.838   2.161   1.00 12.76 ? 119 ASP A O   1 
ATOM   649 C CB  . ASP A 1 83  ? 10.648  2.893   0.681   1.00 15.80 ? 119 ASP A CB  1 
ATOM   650 C CG  . ASP A 1 83  ? 10.531  4.323   0.545   1.00 17.58 ? 119 ASP A CG  1 
ATOM   651 O OD1 . ASP A 1 83  ? 10.723  5.033   1.553   1.00 21.62 ? 119 ASP A OD1 1 
ATOM   652 O OD2 . ASP A 1 83  ? 10.247  4.812   -0.578  1.00 23.56 ? 119 ASP A OD2 1 
ATOM   653 N N   . GLU A 1 84  ? 8.371   3.963   2.575   1.00 13.82 ? 120 GLU A N   1 
ATOM   654 C CA  . GLU A 1 84  ? 6.996   4.386   2.752   1.00 14.80 ? 120 GLU A CA  1 
ATOM   655 C C   . GLU A 1 84  ? 6.783   5.850   2.441   1.00 14.57 ? 120 GLU A C   1 
ATOM   656 O O   . GLU A 1 84  ? 7.722   6.646   2.403   1.00 17.02 ? 120 GLU A O   1 
ATOM   657 C CB  . GLU A 1 84  ? 6.547   4.055   4.165   1.00 16.07 ? 120 GLU A CB  1 
ATOM   658 C CG  . GLU A 1 84  ? 7.140   4.988   5.211   1.00 18.33 ? 120 GLU A CG  1 
ATOM   659 C CD  . GLU A 1 84  ? 6.608   4.731   6.583   1.00 22.64 ? 120 GLU A CD  1 
ATOM   660 O OE1 . GLU A 1 84  ? 6.094   3.634   6.830   1.00 21.96 ? 120 GLU A OE1 1 
ATOM   661 O OE2 . GLU A 1 84  ? 6.747   5.626   7.443   1.00 26.10 ? 120 GLU A OE2 1 
ATOM   662 N N   . ILE A 1 85  ? 5.524   6.209   2.230   1.00 13.65 ? 121 ILE A N   1 
ATOM   663 C CA  . ILE A 1 85  ? 5.095   7.580   2.084   1.00 14.18 ? 121 ILE A CA  1 
ATOM   664 C C   . ILE A 1 85  ? 3.981   7.831   3.115   1.00 15.25 ? 121 ILE A C   1 
ATOM   665 O O   . ILE A 1 85  ? 3.074   7.032   3.233   1.00 13.44 ? 121 ILE A O   1 
ATOM   666 C CB  . ILE A 1 85  ? 4.534   7.831   0.671   1.00 13.68 ? 121 ILE A CB  1 
ATOM   667 C CG1 . ILE A 1 85  ? 5.590   7.676   -0.408  1.00 15.82 ? 121 ILE A CG1 1 
ATOM   668 C CG2 . ILE A 1 85  ? 3.947   9.208   0.587   1.00 17.05 ? 121 ILE A CG2 1 
ATOM   669 C CD1 . ILE A 1 85  ? 5.008   7.577   -1.775  1.00 15.15 ? 121 ILE A CD1 1 
ATOM   670 N N   . ILE A 1 86  ? 4.058   8.937   3.863   1.00 17.99 ? 122 ILE A N   1 
ATOM   671 C CA  . ILE A 1 86  ? 3.040   9.319   4.840   1.00 20.21 ? 122 ILE A CA  1 
ATOM   672 C C   . ILE A 1 86  ? 2.319   10.550  4.316   1.00 21.47 ? 122 ILE A C   1 
ATOM   673 O O   . ILE A 1 86  ? 2.970   11.544  4.019   1.00 21.57 ? 122 ILE A O   1 
ATOM   674 C CB  . ILE A 1 86  ? 3.702   9.612   6.197   1.00 21.60 ? 122 ILE A CB  1 
ATOM   675 C CG1 . ILE A 1 86  ? 4.425   8.375   6.727   1.00 22.91 ? 122 ILE A CG1 1 
ATOM   676 C CG2 . ILE A 1 86  ? 2.684   10.128  7.194   1.00 21.40 ? 122 ILE A CG2 1 
ATOM   677 C CD1 . ILE A 1 86  ? 5.500   8.691   7.786   1.00 25.63 ? 122 ILE A CD1 1 
ATOM   678 N N   . GLY A 1 87  ? 1.001   10.468  4.144   1.00 22.98 ? 123 GLY A N   1 
ATOM   679 C CA  . GLY A 1 87  ? 0.178   11.531  3.542   1.00 23.85 ? 123 GLY A CA  1 
ATOM   680 C C   . GLY A 1 87  ? -0.367  11.176  2.165   1.00 24.82 ? 123 GLY A C   1 
ATOM   681 O O   . GLY A 1 87  ? 0.198   10.333  1.444   1.00 24.81 ? 123 GLY A O   1 
ATOM   682 N N   . ALA A 1 88  ? -1.457  11.837  1.761   1.00 25.93 ? 124 ALA A N   1 
ATOM   683 C CA  . ALA A 1 88  ? -1.896  11.791  0.363   1.00 26.71 ? 124 ALA A CA  1 
ATOM   684 C C   . ALA A 1 88  ? -0.834  12.508  -0.478  1.00 26.69 ? 124 ALA A C   1 
ATOM   685 O O   . ALA A 1 88  ? -0.354  13.592  -0.124  1.00 27.52 ? 124 ALA A O   1 
ATOM   686 C CB  . ALA A 1 88  ? -3.284  12.428  0.183   1.00 27.51 ? 124 ALA A CB  1 
ATOM   687 N N   . VAL A 1 89  ? -0.450  11.896  -1.583  1.00 26.58 ? 125 VAL A N   1 
ATOM   688 C CA  . VAL A 1 89  ? 0.560   12.473  -2.461  1.00 26.52 ? 125 VAL A CA  1 
ATOM   689 C C   . VAL A 1 89  ? 0.135   12.260  -3.893  1.00 25.26 ? 125 VAL A C   1 
ATOM   690 O O   . VAL A 1 89  ? -0.810  11.484  -4.162  1.00 25.36 ? 125 VAL A O   1 
ATOM   691 C CB  . VAL A 1 89  ? 1.963   11.863  -2.228  1.00 27.01 ? 125 VAL A CB  1 
ATOM   692 C CG1 . VAL A 1 89  ? 2.383   12.011  -0.777  1.00 27.88 ? 125 VAL A CG1 1 
ATOM   693 C CG2 . VAL A 1 89  ? 2.006   10.398  -2.703  1.00 27.07 ? 125 VAL A CG2 1 
ATOM   694 N N   . PRO A 1 90  ? 0.789   12.940  -4.826  1.00 24.06 ? 126 PRO A N   1 
ATOM   695 C CA  . PRO A 1 90  ? 0.452   12.762  -6.216  1.00 22.79 ? 126 PRO A CA  1 
ATOM   696 C C   . PRO A 1 90  ? 0.760   11.323  -6.568  1.00 20.68 ? 126 PRO A C   1 
ATOM   697 O O   . PRO A 1 90  ? 1.631   10.633  -5.962  1.00 19.72 ? 126 PRO A O   1 
ATOM   698 C CB  . PRO A 1 90  ? 1.395   13.725  -6.936  1.00 22.36 ? 126 PRO A CB  1 
ATOM   699 C CG  . PRO A 1 90  ? 1.770   14.685  -5.933  1.00 25.23 ? 126 PRO A CG  1 
ATOM   700 C CD  . PRO A 1 90  ? 1.909   13.880  -4.679  1.00 24.63 ? 126 PRO A CD  1 
ATOM   701 N N   . ARG A 1 91  ? 0.041   10.896  -7.583  1.00 18.80 ? 127 ARG A N   1 
ATOM   702 C CA  . ARG A 1 91  ? 0.294   9.646   -8.241  1.00 17.65 ? 127 ARG A CA  1 
ATOM   703 C C   . ARG A 1 91  ? 1.778   9.533   -8.539  1.00 17.64 ? 127 ARG A C   1 
ATOM   704 O O   . ARG A 1 91  ? 2.341   8.474   -8.355  1.00 15.17 ? 127 ARG A O   1 
ATOM   705 C CB  . ARG A 1 91  ? -0.526  9.572   -9.524  1.00 17.49 ? 127 ARG A CB  1 
ATOM   706 C CG  . ARG A 1 91  ? -0.186  8.407   -10.411 1.00 16.64 ? 127 ARG A CG  1 
ATOM   707 C CD  . ARG A 1 91  ? -0.948  8.337   -11.749 1.00 17.76 ? 127 ARG A CD  1 
ATOM   708 N NE  . ARG A 1 91  ? -0.353  7.401   -12.706 1.00 19.28 ? 127 ARG A NE  1 
ATOM   709 C CZ  . ARG A 1 91  ? -0.966  6.354   -13.221 1.00 18.41 ? 127 ARG A CZ  1 
ATOM   710 N NH1 . ARG A 1 91  ? -2.210  6.032   -12.870 1.00 18.15 ? 127 ARG A NH1 1 
ATOM   711 N NH2 . ARG A 1 91  ? -0.317  5.594   -14.094 1.00 22.54 ? 127 ARG A NH2 1 
ATOM   712 N N   . GLU A 1 92  ? 2.401   10.632  -8.938  1.00 19.23 ? 128 GLU A N   1 
ATOM   713 C CA  . GLU A 1 92  ? 3.718   10.530  -9.542  1.00 20.27 ? 128 GLU A CA  1 
ATOM   714 C C   . GLU A 1 92  ? 4.750   10.186  -8.491  1.00 18.83 ? 128 GLU A C   1 
ATOM   715 O O   . GLU A 1 92  ? 5.732   9.531   -8.798  1.00 17.50 ? 128 GLU A O   1 
ATOM   716 C CB  . GLU A 1 92  ? 4.100   11.818  -10.272 1.00 21.79 ? 128 GLU A CB  1 
ATOM   717 C CG  . GLU A 1 92  ? 3.761   11.893  -11.760 1.00 26.68 ? 128 GLU A CG  1 
ATOM   718 C CD  . GLU A 1 92  ? 2.776   10.868  -12.266 1.00 32.67 ? 128 GLU A CD  1 
ATOM   719 O OE1 . GLU A 1 92  ? 3.250   9.797   -12.727 1.00 35.30 ? 128 GLU A OE1 1 
ATOM   720 O OE2 . GLU A 1 92  ? 1.534   11.141  -12.209 1.00 34.00 ? 128 GLU A OE2 1 
ATOM   721 N N   . GLU A 1 93  ? 4.517   10.533  -7.240  1.00 17.30 ? 129 GLU A N   1 
ATOM   722 C CA  . GLU A 1 93  ? 5.423   10.100  -6.191  1.00 17.32 ? 129 GLU A CA  1 
ATOM   723 C C   . GLU A 1 93  ? 5.391   8.583   -5.955  1.00 15.57 ? 129 GLU A C   1 
ATOM   724 O O   . GLU A 1 93  ? 6.408   7.924   -5.646  1.00 17.51 ? 129 GLU A O   1 
ATOM   725 C CB  . GLU A 1 93  ? 5.069   10.806  -4.885  1.00 18.95 ? 129 GLU A CB  1 
ATOM   726 C CG  . GLU A 1 93  ? 6.034   11.857  -4.462  1.00 23.64 ? 129 GLU A CG  1 
ATOM   727 C CD  . GLU A 1 93  ? 5.651   12.448  -3.154  1.00 24.69 ? 129 GLU A CD  1 
ATOM   728 O OE1 . GLU A 1 93  ? 5.818   11.741  -2.144  1.00 27.25 ? 129 GLU A OE1 1 
ATOM   729 O OE2 . GLU A 1 93  ? 5.168   13.601  -3.140  1.00 30.13 ? 129 GLU A OE2 1 
ATOM   730 N N   . ILE A 1 94  ? 4.198   8.000   -6.028  1.00 13.19 ? 130 ILE A N   1 
ATOM   731 C CA  . ILE A 1 94  ? 4.063   6.561   -5.884  1.00 12.89 ? 130 ILE A CA  1 
ATOM   732 C C   . ILE A 1 94  ? 4.615   5.848   -7.130  1.00 12.01 ? 130 ILE A C   1 
ATOM   733 O O   . ILE A 1 94  ? 5.322   4.850   -7.018  1.00 12.49 ? 130 ILE A O   1 
ATOM   734 C CB  . ILE A 1 94  ? 2.581   6.169   -5.680  1.00 13.79 ? 130 ILE A CB  1 
ATOM   735 C CG1 . ILE A 1 94  ? 2.028   6.811   -4.400  1.00 15.42 ? 130 ILE A CG1 1 
ATOM   736 C CG2 . ILE A 1 94  ? 2.445   4.703   -5.569  1.00 13.16 ? 130 ILE A CG2 1 
ATOM   737 C CD1 . ILE A 1 94  ? 0.516   6.675   -4.228  1.00 18.63 ? 130 ILE A CD1 1 
ATOM   738 N N   . GLU A 1 95  ? 4.324   6.402   -8.297  1.00 12.15 ? 131 GLU A N   1 
ATOM   739 C CA  . GLU A 1 95  ? 4.735   5.790   -9.553  1.00 12.18 ? 131 GLU A CA  1 
ATOM   740 C C   . GLU A 1 95  ? 6.246   5.751   -9.723  1.00 12.47 ? 131 GLU A C   1 
ATOM   741 O O   . GLU A 1 95  ? 6.794   4.762   -10.194 1.00 12.26 ? 131 GLU A O   1 
ATOM   742 C CB  . GLU A 1 95  ? 4.097   6.504   -10.754 1.00 13.39 ? 131 GLU A CB  1 
ATOM   743 C CG  . GLU A 1 95  ? 4.227   5.701   -12.028 1.00 14.20 ? 131 GLU A CG  1 
ATOM   744 C CD  . GLU A 1 95  ? 3.305   6.149   -13.136 1.00 15.75 ? 131 GLU A CD  1 
ATOM   745 O OE1 . GLU A 1 95  ? 2.636   7.179   -12.990 1.00 17.85 ? 131 GLU A OE1 1 
ATOM   746 O OE2 . GLU A 1 95  ? 3.311   5.458   -14.174 1.00 19.51 ? 131 GLU A OE2 1 
ATOM   747 N N   . ILE A 1 96  ? 6.917   6.825   -9.342  1.00 11.63 ? 132 ILE A N   1 
ATOM   748 C CA  . ILE A 1 96  ? 8.377   6.853   -9.486  1.00 11.67 ? 132 ILE A CA  1 
ATOM   749 C C   . ILE A 1 96  ? 9.021   5.766   -8.630  1.00 11.28 ? 132 ILE A C   1 
ATOM   750 O O   . ILE A 1 96  ? 9.953   5.091   -9.045  1.00 10.44 ? 132 ILE A O   1 
ATOM   751 C CB  . ILE A 1 96  ? 8.920   8.276   -9.196  1.00 11.90 ? 132 ILE A CB  1 
ATOM   752 C CG1 . ILE A 1 96  ? 10.316  8.388   -9.783  1.00 18.28 ? 132 ILE A CG1 1 
ATOM   753 C CG2 . ILE A 1 96  ? 8.811   8.645   -7.754  1.00 16.71 ? 132 ILE A CG2 1 
ATOM   754 C CD1 . ILE A 1 96  ? 10.674  9.834   -10.093 1.00 19.76 ? 132 ILE A CD1 1 
ATOM   755 N N   . ARG A 1 97  ? 8.463   5.540   -7.450  1.00 11.27 ? 133 ARG A N   1 
ATOM   756 C CA  . ARG A 1 97  ? 8.970   4.512   -6.584  1.00 11.81 ? 133 ARG A CA  1 
ATOM   757 C C   . ARG A 1 97  ? 8.728   3.124   -7.189  1.00 11.82 ? 133 ARG A C   1 
ATOM   758 O O   . ARG A 1 97  ? 9.599   2.276   -7.124  1.00 11.82 ? 133 ARG A O   1 
ATOM   759 C CB  . ARG A 1 97  ? 8.343   4.601   -5.206  1.00 12.94 ? 133 ARG A CB  1 
ATOM   760 C CG  . ARG A 1 97  ? 9.004   5.679   -4.332  1.00 16.11 ? 133 ARG A CG  1 
ATOM   761 C CD  . ARG A 1 97  ? 8.237   5.816   -3.087  1.00 17.56 ? 133 ARG A CD  1 
ATOM   762 N NE  . ARG A 1 97  ? 8.840   6.642   -2.052  1.00 15.16 ? 133 ARG A NE  1 
ATOM   763 C CZ  . ARG A 1 97  ? 8.757   7.951   -2.030  1.00 12.08 ? 133 ARG A CZ  1 
ATOM   764 N NH1 . ARG A 1 97  ? 8.242   8.653   -3.049  1.00 16.31 ? 133 ARG A NH1 1 
ATOM   765 N NH2 . ARG A 1 97  ? 9.246   8.558   -1.016  1.00 16.09 ? 133 ARG A NH2 1 
ATOM   766 N N   . ILE A 1 98  ? 7.541   2.891   -7.729  1.00 12.89 ? 134 ILE A N   1 
ATOM   767 C CA  . ILE A 1 98  ? 7.200   1.603   -8.337  1.00 14.19 ? 134 ILE A CA  1 
ATOM   768 C C   . ILE A 1 98  ? 8.164   1.340   -9.492  1.00 14.03 ? 134 ILE A C   1 
ATOM   769 O O   . ILE A 1 98  ? 8.722   0.253   -9.601  1.00 13.81 ? 134 ILE A O   1 
ATOM   770 C CB  . ILE A 1 98  ? 5.744   1.614   -8.828  1.00 14.73 ? 134 ILE A CB  1 
ATOM   771 C CG1 . ILE A 1 98  ? 4.778   1.566   -7.644  1.00 16.57 ? 134 ILE A CG1 1 
ATOM   772 C CG2 . ILE A 1 98  ? 5.479   0.435   -9.824  1.00 18.03 ? 134 ILE A CG2 1 
ATOM   773 C CD1 . ILE A 1 98  ? 3.398   1.989   -8.010  1.00 17.59 ? 134 ILE A CD1 1 
ATOM   774 N N   . LYS A 1 99  ? 8.399   2.342   -10.314 1.00 14.12 ? 135 LYS A N   1 
ATOM   775 C CA  . LYS A 1 99  ? 9.302   2.149   -11.456 1.00 14.71 ? 135 LYS A CA  1 
ATOM   776 C C   . LYS A 1 99  ? 10.710  1.780   -11.006 1.00 14.76 ? 135 LYS A C   1 
ATOM   777 O O   . LYS A 1 99  ? 11.335  0.890   -11.566 1.00 15.43 ? 135 LYS A O   1 
ATOM   778 C CB  . LYS A 1 99  ? 9.322   3.375   -12.362 1.00 15.19 ? 135 LYS A CB  1 
ATOM   779 C CG  . LYS A 1 99  ? 8.044   3.557   -13.132 1.00 18.23 ? 135 LYS A CG  1 
ATOM   780 C CD  . LYS A 1 99  ? 8.088   4.737   -14.085 1.00 22.34 ? 135 LYS A CD  1 
ATOM   781 C CE  . LYS A 1 99  ? 8.245   4.298   -15.524 1.00 28.77 ? 135 LYS A CE  1 
ATOM   782 N NZ  . LYS A 1 99  ? 6.929   3.852   -16.076 1.00 29.88 ? 135 LYS A NZ  1 
ATOM   783 N N   . ASN A 1 100 ? 11.203  2.420   -9.957  1.00 14.55 ? 136 ASN A N   1 
ATOM   784 C CA  . ASN A 1 100 ? 12.520  2.094   -9.468  1.00 15.83 ? 136 ASN A CA  1 
ATOM   785 C C   . ASN A 1 100 ? 12.586  0.663   -8.922  1.00 15.70 ? 136 ASN A C   1 
ATOM   786 O O   . ASN A 1 100 ? 13.547  -0.083  -9.177  1.00 18.69 ? 136 ASN A O   1 
ATOM   787 C CB  . ASN A 1 100 ? 13.004  3.192   -8.487  1.00 16.10 ? 136 ASN A CB  1 
ATOM   788 C CG  . ASN A 1 100 ? 13.668  4.422   -9.242  1.00 21.81 ? 136 ASN A CG  1 
ATOM   789 O OD1 . ASN A 1 100 ? 12.995  5.230   -10.022 1.00 24.08 ? 136 ASN A OD1 1 
ATOM   790 N ND2 . ASN A 1 100 ? 14.993  4.576   -9.001  1.00 23.29 ? 136 ASN A ND2 1 
ATOM   791 N N   . LEU A 1 101 ? 11.531  0.241   -8.230  1.00 16.38 ? 137 LEU A N   1 
ATOM   792 C CA  . LEU A 1 101 ? 11.484  -1.084  -7.665  1.00 16.94 ? 137 LEU A CA  1 
ATOM   793 C C   . LEU A 1 101 ? 11.424  -2.164  -8.731  1.00 17.73 ? 137 LEU A C   1 
ATOM   794 O O   . LEU A 1 101 ? 11.959  -3.260  -8.539  1.00 19.36 ? 137 LEU A O   1 
ATOM   795 C CB  . LEU A 1 101 ? 10.293  -1.186  -6.692  1.00 17.51 ? 137 LEU A CB  1 
ATOM   796 C CG  . LEU A 1 101 ? 10.593  -0.510  -5.353  1.00 19.21 ? 137 LEU A CG  1 
ATOM   797 C CD1 . LEU A 1 101 ? 9.323   -0.176  -4.598  1.00 19.91 ? 137 LEU A CD1 1 
ATOM   798 C CD2 . LEU A 1 101 ? 11.462  -1.417  -4.510  1.00 20.27 ? 137 LEU A CD2 1 
ATOM   799 N N   . LEU A 1 102 ? 10.790  -1.849  -9.853  1.00 18.54 ? 138 LEU A N   1 
ATOM   800 C CA  . LEU A 1 102 ? 10.682  -2.759  -11.004 1.00 20.01 ? 138 LEU A CA  1 
ATOM   801 C C   . LEU A 1 102 ? 11.954  -2.758  -11.856 1.00 22.93 ? 138 LEU A C   1 
ATOM   802 O O   . LEU A 1 102 ? 12.084  -3.576  -12.766 1.00 23.48 ? 138 LEU A O   1 
ATOM   803 C CB  . LEU A 1 102 ? 9.484   -2.372  -11.899 1.00 19.43 ? 138 LEU A CB  1 
ATOM   804 C CG  . LEU A 1 102 ? 8.107   -2.629  -11.285 1.00 18.25 ? 138 LEU A CG  1 
ATOM   805 C CD1 . LEU A 1 102 ? 6.978   -2.080  -12.114 1.00 17.41 ? 138 LEU A CD1 1 
ATOM   806 C CD2 . LEU A 1 102 ? 7.922   -4.136  -11.028 1.00 19.12 ? 138 LEU A CD2 1 
ATOM   807 N N   . GLY A 1 103 ? 12.866  -1.824  -11.596 1.00 24.83 ? 139 GLY A N   1 
ATOM   808 C CA  . GLY A 1 103 ? 14.100  -1.718  -12.363 1.00 27.21 ? 139 GLY A CA  1 
ATOM   809 C C   . GLY A 1 103 ? 13.897  -1.020  -13.692 1.00 28.80 ? 139 GLY A C   1 
ATOM   810 O O   . GLY A 1 103 ? 14.728  -1.134  -14.618 1.00 30.30 ? 139 GLY A O   1 
ATOM   811 N N   . GLU A 1 104 ? 12.775  -0.321  -13.814 1.00 29.92 ? 140 GLU A N   1 
ATOM   812 C CA  . GLU A 1 104 ? 12.582  0.648   -14.876 1.00 31.01 ? 140 GLU A CA  1 
ATOM   813 C C   . GLU A 1 104 ? 13.262  1.930   -14.401 1.00 31.70 ? 140 GLU A C   1 
ATOM   814 O O   . GLU A 1 104 ? 12.759  3.028   -14.628 1.00 32.91 ? 140 GLU A O   1 
ATOM   815 C CB  . GLU A 1 104 ? 11.092  0.871   -15.163 1.00 31.06 ? 140 GLU A CB  1 
ATOM   816 C CG  . GLU A 1 104 ? 10.283  -0.411  -15.411 1.00 32.28 ? 140 GLU A CG  1 
ATOM   817 C CD  . GLU A 1 104 ? 8.788   -0.174  -15.598 1.00 33.27 ? 140 GLU A CD  1 
ATOM   818 O OE1 . GLU A 1 104 ? 8.319   0.964   -15.436 1.00 35.95 ? 140 GLU A OE1 1 
ATOM   819 O OE2 . GLU A 1 104 ? 8.058   -1.136  -15.910 1.00 35.12 ? 140 GLU A OE2 1 
HETATM 820 O O   . HOH B 2 .   ? 7.106   -7.649  6.396   1.00 11.96 ? 141 HOH A O   1 
HETATM 821 O O   . HOH B 2 .   ? -12.697 2.334   8.477   1.00 16.37 ? 142 HOH A O   1 
HETATM 822 O O   . HOH B 2 .   ? 12.588  -12.349 1.502   1.00 13.34 ? 143 HOH A O   1 
HETATM 823 O O   . HOH B 2 .   ? 6.716   -8.359  -1.447  1.00 14.43 ? 144 HOH A O   1 
HETATM 824 O O   . HOH B 2 .   ? 17.084  -6.487  1.811   1.00 22.44 ? 145 HOH A O   1 
HETATM 825 O O   . HOH B 2 .   ? -2.766  -5.775  -7.390  1.00 17.53 ? 146 HOH A O   1 
HETATM 826 O O   . HOH B 2 .   ? -1.898  -4.582  -9.847  1.00 16.06 ? 147 HOH A O   1 
HETATM 827 O O   . HOH B 2 .   ? -6.974  4.754   0.233   1.00 17.26 ? 148 HOH A O   1 
HETATM 828 O O   . HOH B 2 .   ? -7.281  3.374   12.606  1.00 17.25 ? 149 HOH A O   1 
HETATM 829 O O   . HOH B 2 .   ? -10.449 -5.139  7.010   1.00 20.86 ? 150 HOH A O   1 
HETATM 830 O O   . HOH B 2 .   ? 2.038   -7.486  15.475  1.00 20.15 ? 151 HOH A O   1 
HETATM 831 O O   . HOH B 2 .   ? -10.862 5.917   -9.955  1.00 18.73 ? 152 HOH A O   1 
HETATM 832 O O   . HOH B 2 .   ? -8.432  -4.394  5.364   1.00 17.10 ? 153 HOH A O   1 
HETATM 833 O O   . HOH B 2 .   ? 2.636   6.472   9.571   1.00 19.43 ? 154 HOH A O   1 
HETATM 834 O O   . HOH B 2 .   ? -5.939  1.617   14.281  1.00 19.55 ? 155 HOH A O   1 
HETATM 835 O O   . HOH B 2 .   ? -8.684  7.983   -15.266 1.00 19.04 ? 156 HOH A O   1 
HETATM 836 O O   . HOH B 2 .   ? -0.837  2.254   14.770  1.00 19.75 ? 157 HOH A O   1 
HETATM 837 O O   . HOH B 2 .   ? -10.201 13.187  7.776   1.00 19.90 ? 158 HOH A O   1 
HETATM 838 O O   . HOH B 2 .   ? -9.299  -2.625  3.312   1.00 15.70 ? 159 HOH A O   1 
HETATM 839 O O   . HOH B 2 .   ? 13.813  -6.906  0.276   1.00 20.45 ? 160 HOH A O   1 
HETATM 840 O O   . HOH B 2 .   ? 3.623   -9.049  8.849   1.00 21.09 ? 161 HOH A O   1 
HETATM 841 O O   . HOH B 2 .   ? -0.653  7.230   16.230  1.00 22.45 ? 162 HOH A O   1 
HETATM 842 O O   . HOH B 2 .   ? 5.132   -9.689  -10.977 1.00 30.52 ? 163 HOH A O   1 
HETATM 843 O O   . HOH B 2 .   ? 5.670   3.016   9.311   1.00 32.77 ? 164 HOH A O   1 
HETATM 844 O O   . HOH B 2 .   ? -5.671  -6.219  14.567  1.00 26.17 ? 165 HOH A O   1 
HETATM 845 O O   . HOH B 2 .   ? 14.125  -3.527  -7.019  1.00 27.37 ? 166 HOH A O   1 
HETATM 846 O O   . HOH B 2 .   ? 15.007  0.106   3.253   1.00 29.24 ? 167 HOH A O   1 
HETATM 847 O O   . HOH B 2 .   ? -3.282  0.823   14.891  1.00 22.05 ? 168 HOH A O   1 
HETATM 848 O O   . HOH B 2 .   ? 6.712   -7.181  -8.811  1.00 18.56 ? 169 HOH A O   1 
HETATM 849 O O   . HOH B 2 .   ? -4.942  5.823   2.789   1.00 19.16 ? 170 HOH A O   1 
HETATM 850 O O   . HOH B 2 .   ? 15.737  4.106   -14.860 1.00 43.14 ? 171 HOH A O   1 
HETATM 851 O O   . HOH B 2 .   ? 6.802   10.198  3.863   1.00 29.02 ? 172 HOH A O   1 
HETATM 852 O O   . HOH B 2 .   ? 2.774   -8.770  -4.033  1.00 23.98 ? 173 HOH A O   1 
HETATM 853 O O   . HOH B 2 .   ? -1.038  -15.245 4.310   1.00 25.04 ? 174 HOH A O   1 
HETATM 854 O O   . HOH B 2 .   ? 12.771  2.183   -1.654  1.00 32.50 ? 175 HOH A O   1 
HETATM 855 O O   . HOH B 2 .   ? 8.461   1.094   6.125   1.00 29.98 ? 176 HOH A O   1 
HETATM 856 O O   . HOH B 2 .   ? -0.466  -13.696 6.682   1.00 22.67 ? 177 HOH A O   1 
HETATM 857 O O   . HOH B 2 .   ? 7.320   -3.835  14.647  1.00 27.36 ? 178 HOH A O   1 
HETATM 858 O O   . HOH B 2 .   ? -14.007 10.465  5.570   1.00 32.95 ? 179 HOH A O   1 
HETATM 859 O O   . HOH B 2 .   ? -11.118 3.363   -9.372  1.00 24.36 ? 180 HOH A O   1 
HETATM 860 O O   . HOH B 2 .   ? -0.578  -9.410  15.823  1.00 32.82 ? 181 HOH A O   1 
HETATM 861 O O   . HOH B 2 .   ? -9.538  1.841   -11.250 1.00 29.87 ? 182 HOH A O   1 
HETATM 862 O O   . HOH B 2 .   ? 1.339   -5.039  16.458  1.00 21.09 ? 183 HOH A O   1 
HETATM 863 O O   . HOH B 2 .   ? 0.910   -15.539 -3.428  1.00 36.13 ? 184 HOH A O   1 
HETATM 864 O O   . HOH B 2 .   ? 5.162   5.597   9.817   1.00 24.82 ? 185 HOH A O   1 
HETATM 865 O O   . HOH B 2 .   ? -1.769  -8.562  -11.057 1.00 30.60 ? 186 HOH A O   1 
HETATM 866 O O   . HOH B 2 .   ? 2.449   -16.994 1.927   1.00 29.51 ? 187 HOH A O   1 
HETATM 867 O O   . HOH B 2 .   ? -14.436 2.985   11.954  1.00 33.09 ? 188 HOH A O   1 
HETATM 868 O O   . HOH B 2 .   ? -9.768  -8.584  -2.265  1.00 27.91 ? 189 HOH A O   1 
HETATM 869 O O   . HOH B 2 .   ? 3.168   -0.744  -16.136 1.00 28.18 ? 190 HOH A O   1 
HETATM 870 O O   . HOH B 2 .   ? -15.081 -0.987  10.555  1.00 42.35 ? 191 HOH A O   1 
HETATM 871 O O   . HOH B 2 .   ? -15.082 -1.590  5.938   1.00 41.00 ? 192 HOH A O   1 
HETATM 872 O O   . HOH B 2 .   ? 11.958  -3.633  -16.302 1.00 47.18 ? 193 HOH A O   1 
HETATM 873 O O   . HOH B 2 .   ? -4.490  -4.377  -15.320 1.00 31.28 ? 194 HOH A O   1 
HETATM 874 O O   . HOH B 2 .   ? -3.151  13.704  -4.248  1.00 42.48 ? 195 HOH A O   1 
HETATM 875 O O   . HOH B 2 .   ? -11.452 2.722   -0.345  1.00 37.58 ? 196 HOH A O   1 
HETATM 876 O O   . HOH B 2 .   ? 10.748  0.836   6.134   1.00 39.78 ? 197 HOH A O   1 
HETATM 877 O O   . HOH B 2 .   ? -10.756 -9.114  6.677   1.00 27.96 ? 198 HOH A O   1 
HETATM 878 O O   . HOH B 2 .   ? -1.398  15.063  -2.638  1.00 36.16 ? 199 HOH A O   1 
HETATM 879 O O   . HOH B 2 .   ? -2.485  13.957  3.802   1.00 30.32 ? 200 HOH A O   1 
HETATM 880 O O   . HOH B 2 .   ? -10.514 -1.467  -3.588  1.00 26.94 ? 201 HOH A O   1 
HETATM 881 O O   . HOH B 2 .   ? 0.169   9.097   -0.868  1.00 48.10 ? 202 HOH A O   1 
HETATM 882 O O   . HOH B 2 .   ? 14.400  -1.808  4.803   1.00 38.02 ? 203 HOH A O   1 
HETATM 883 O O   . HOH B 2 .   ? 1.986   8.443   -15.459 1.00 40.84 ? 204 HOH A O   1 
HETATM 884 O O   . HOH B 2 .   ? 10.442  7.539   1.287   1.00 30.52 ? 205 HOH A O   1 
HETATM 885 O O   . HOH B 2 .   ? -9.141  3.251   0.573   1.00 21.93 ? 206 HOH A O   1 
HETATM 886 O O   . HOH B 2 .   ? 9.145   -7.568  -10.183 1.00 29.07 ? 207 HOH A O   1 
HETATM 887 O O   . HOH B 2 .   ? 6.106   9.926   -11.554 1.00 27.93 ? 208 HOH A O   1 
HETATM 888 O O   . HOH B 2 .   ? 14.710  -0.714  7.344   1.00 33.20 ? 209 HOH A O   1 
HETATM 889 O O   . HOH B 2 .   ? -6.316  16.039  2.149   1.00 36.20 ? 210 HOH A O   1 
HETATM 890 O O   . HOH B 2 .   ? 3.243   -2.981  17.688  1.00 30.87 ? 211 HOH A O   1 
HETATM 891 O O   . HOH B 2 .   ? 7.032   -10.735 -9.270  1.00 25.19 ? 212 HOH A O   1 
HETATM 892 O O   . HOH B 2 .   ? -12.614 6.967   -2.382  1.00 26.88 ? 213 HOH A O   1 
HETATM 893 O O   . HOH B 2 .   ? -5.603  -4.830  19.502  1.00 37.21 ? 214 HOH A O   1 
HETATM 894 O O   . HOH B 2 .   ? -11.826 -18.093 10.768  1.00 36.18 ? 215 HOH A O   1 
HETATM 895 O O   . HOH B 2 .   ? -10.423 -2.977  0.517   1.00 30.22 ? 216 HOH A O   1 
HETATM 896 O O   . HOH B 2 .   ? -5.501  -7.534  -12.372 1.00 33.91 ? 217 HOH A O   1 
HETATM 897 O O   . HOH B 2 .   ? -8.337  -5.946  -13.976 1.00 42.58 ? 218 HOH A O   1 
HETATM 898 O O   . HOH B 2 .   ? -9.236  15.639  7.244   1.00 43.28 ? 219 HOH A O   1 
HETATM 899 O O   . HOH B 2 .   ? 15.183  -8.045  -1.941  1.00 29.69 ? 220 HOH A O   1 
HETATM 900 O O   . HOH B 2 .   ? -3.964  16.071  3.194   1.00 42.28 ? 221 HOH A O   1 
HETATM 901 O O   . HOH B 2 .   ? 3.940   15.605  -1.600  1.00 38.55 ? 222 HOH A O   1 
HETATM 902 O O   . HOH B 2 .   ? 12.355  0.232   8.641   1.00 39.62 ? 223 HOH A O   1 
HETATM 903 O O   . HOH B 2 .   ? 9.508   -10.271 -10.166 1.00 34.49 ? 224 HOH A O   1 
HETATM 904 O O   . HOH B 2 .   ? -0.437  -11.501 9.576   1.00 39.01 ? 225 HOH A O   1 
HETATM 905 O O   . HOH B 2 .   ? -8.661  2.560   -13.867 1.00 33.58 ? 226 HOH A O   1 
HETATM 906 O O   . HOH B 2 .   ? -7.991  -1.315  -9.479  1.00 31.75 ? 227 HOH A O   1 
HETATM 907 O O   . HOH B 2 .   ? -3.323  -13.923 -1.218  1.00 39.99 ? 228 HOH A O   1 
HETATM 908 O O   . HOH B 2 .   ? -2.678  -8.588  -7.176  1.00 34.36 ? 229 HOH A O   1 
HETATM 909 O O   . HOH B 2 .   ? 19.140  -4.520  1.041   1.00 41.68 ? 230 HOH A O   1 
HETATM 910 O O   . HOH B 2 .   ? 7.713   0.476   13.794  1.00 41.16 ? 231 HOH A O   1 
HETATM 911 O O   . HOH B 2 .   ? 3.566   1.326   16.005  1.00 32.64 ? 232 HOH A O   1 
HETATM 912 O O   . HOH B 2 .   ? -3.650  -16.617 2.321   1.00 40.86 ? 233 HOH A O   1 
HETATM 913 O O   . HOH B 2 .   ? -3.475  -1.552  18.034  1.00 40.62 ? 234 HOH A O   1 
HETATM 914 O O   . HOH B 2 .   ? -8.383  6.435   -17.246 1.00 34.44 ? 235 HOH A O   1 
HETATM 915 O O   . HOH B 2 .   ? -3.603  11.582  -2.895  1.00 36.51 ? 236 HOH A O   1 
HETATM 916 O O   . HOH B 2 .   ? 2.520   16.835  -3.431  1.00 32.58 ? 237 HOH A O   1 
HETATM 917 O O   . HOH B 2 .   ? 0.510   7.819   2.035   1.00 31.62 ? 238 HOH A O   1 
HETATM 918 O O   . HOH B 2 .   ? -2.705  0.933   -18.562 1.00 38.82 ? 239 HOH A O   1 
HETATM 919 O O   . HOH B 2 .   ? 11.127  3.013   -2.865  1.00 31.96 ? 240 HOH A O   1 
HETATM 920 O O   . HOH B 2 .   ? -3.287  -11.980 -2.750  1.00 41.94 ? 241 HOH A O   1 
HETATM 921 O O   . HOH B 2 .   ? 1.687   16.812  -1.215  1.00 40.37 ? 242 HOH A O   1 
HETATM 922 O O   . HOH B 2 .   ? -6.658  -15.962 3.221   1.00 37.17 ? 243 HOH A O   1 
HETATM 923 O O   . HOH B 2 .   ? -6.474  -7.428  -14.639 1.00 38.39 ? 244 HOH A O   1 
HETATM 924 O O   . HOH B 2 .   ? 14.673  -0.423  -1.792  1.00 42.23 ? 245 HOH A O   1 
HETATM 925 O O   . HOH B 2 .   ? -2.341  12.693  6.430   1.00 34.82 ? 246 HOH A O   1 
HETATM 926 O O   . HOH B 2 .   ? -9.434  -13.036 3.738   1.00 44.42 ? 247 HOH A O   1 
HETATM 927 O O   . HOH B 2 .   ? -4.577  -6.960  12.845  1.00 44.53 ? 248 HOH A O   1 
HETATM 928 O O   . HOH B 2 .   ? 14.643  3.717   1.821   1.00 45.98 ? 249 HOH A O   1 
HETATM 929 O O   . HOH B 2 .   ? -5.998  3.151   -14.870 1.00 44.82 ? 250 HOH A O   1 
HETATM 930 O O   . HOH B 2 .   ? -10.217 -7.416  8.777   1.00 31.79 ? 251 HOH A O   1 
HETATM 931 O O   . HOH B 2 .   ? -12.237 -2.879  4.495   1.00 34.23 ? 252 HOH A O   1 
HETATM 932 O O   . HOH B 2 .   ? -8.237  -5.942  16.410  1.00 43.28 ? 253 HOH A O   1 
HETATM 933 O O   . HOH B 2 .   ? 15.170  -4.792  -0.964  1.00 33.66 ? 254 HOH A O   1 
# 
